data_6A0A
# 
_entry.id   6A0A 
# 
_audit_conform.dict_name       mmcif_pdbx.dic 
_audit_conform.dict_version    5.380 
_audit_conform.dict_location   http://mmcif.pdb.org/dictionaries/ascii/mmcif_pdbx.dic 
# 
loop_
_database_2.database_id 
_database_2.database_code 
_database_2.pdbx_database_accession 
_database_2.pdbx_DOI 
PDB   6A0A         pdb_00006a0a 10.2210/pdb6a0a/pdb 
WWPDB D_1300007976 ?            ?                   
# 
_pdbx_database_status.status_code                     REL 
_pdbx_database_status.status_code_sf                  REL 
_pdbx_database_status.status_code_mr                  ? 
_pdbx_database_status.entry_id                        6A0A 
_pdbx_database_status.recvd_initial_deposition_date   2018-06-05 
_pdbx_database_status.SG_entry                        N 
_pdbx_database_status.deposit_site                    PDBJ 
_pdbx_database_status.process_site                    PDBJ 
_pdbx_database_status.status_code_cs                  ? 
_pdbx_database_status.methods_development_category    ? 
_pdbx_database_status.pdb_format_compatible           Y 
_pdbx_database_status.status_code_nmr_data            ? 
# 
loop_
_audit_author.name 
_audit_author.pdbx_ordinal 
_audit_author.identifier_ORCID 
'Yang, X.'  1 ? 
'Zhu, Y.'   2 ? 
'Ye, S.'    3 ? 
'Zhang, R.' 4 ? 
# 
_citation.abstract                  ? 
_citation.abstract_id_CAS           ? 
_citation.book_id_ISBN              ? 
_citation.book_publisher            ? 
_citation.book_publisher_city       ? 
_citation.book_title                ? 
_citation.coordinate_linkage        ? 
_citation.country                   US 
_citation.database_id_Medline       ? 
_citation.details                   ? 
_citation.id                        primary 
_citation.journal_abbrev            'Biochem. Biophys. Res. Commun.' 
_citation.journal_id_ASTM           BBRCA9 
_citation.journal_id_CSD            0146 
_citation.journal_id_ISSN           1090-2104 
_citation.journal_full              ? 
_citation.journal_issue             ? 
_citation.journal_volume            508 
_citation.language                  ? 
_citation.page_first                1018 
_citation.page_last                 1023 
_citation.title                     
;Characterization by high-resolution crystal structure analysis of a triple-helix region of human collagen type III with potent cell adhesion activity.
;
_citation.year                      2019 
_citation.database_id_CSD           ? 
_citation.pdbx_database_id_DOI      10.1016/j.bbrc.2018.12.018 
_citation.pdbx_database_id_PubMed   30545625 
_citation.unpublished_flag          ? 
# 
loop_
_citation_author.citation_id 
_citation_author.name 
_citation_author.ordinal 
_citation_author.identifier_ORCID 
primary 'Hua, C.'   1 ? 
primary 'Zhu, Y.'   2 ? 
primary 'Xu, W.'    3 ? 
primary 'Ye, S.'    4 ? 
primary 'Zhang, R.' 5 ? 
primary 'Lu, L.'    6 ? 
primary 'Jiang, S.' 7 ? 
# 
_cell.angle_alpha                  90.00 
_cell.angle_alpha_esd              ? 
_cell.angle_beta                   90.21 
_cell.angle_beta_esd               ? 
_cell.angle_gamma                  90.00 
_cell.angle_gamma_esd              ? 
_cell.entry_id                     6A0A 
_cell.details                      ? 
_cell.formula_units_Z              ? 
_cell.length_a                     31.335 
_cell.length_a_esd                 ? 
_cell.length_b                     22.607 
_cell.length_b_esd                 ? 
_cell.length_c                     41.259 
_cell.length_c_esd                 ? 
_cell.volume                       ? 
_cell.volume_esd                   ? 
_cell.Z_PDB                        6 
_cell.reciprocal_angle_alpha       ? 
_cell.reciprocal_angle_beta        ? 
_cell.reciprocal_angle_gamma       ? 
_cell.reciprocal_angle_alpha_esd   ? 
_cell.reciprocal_angle_beta_esd    ? 
_cell.reciprocal_angle_gamma_esd   ? 
_cell.reciprocal_length_a          ? 
_cell.reciprocal_length_b          ? 
_cell.reciprocal_length_c          ? 
_cell.reciprocal_length_a_esd      ? 
_cell.reciprocal_length_b_esd      ? 
_cell.reciprocal_length_c_esd      ? 
_cell.pdbx_unique_axis             ? 
# 
_symmetry.entry_id                         6A0A 
_symmetry.cell_setting                     ? 
_symmetry.Int_Tables_number                4 
_symmetry.space_group_name_Hall            ? 
_symmetry.space_group_name_H-M             'P 1 21 1' 
_symmetry.pdbx_full_space_group_name_H-M   ? 
# 
loop_
_entity.id 
_entity.type 
_entity.src_method 
_entity.pdbx_description 
_entity.formula_weight 
_entity.pdbx_number_of_molecules 
_entity.pdbx_ec 
_entity.pdbx_mutation 
_entity.pdbx_fragment 
_entity.details 
1 polymer syn 'collagen type III peptide' 2772.976 3   ? ? ? ? 
2 water   nat water                       18.015   144 ? ? ? ? 
# 
_entity_poly.entity_id                      1 
_entity_poly.type                           'polypeptide(L)' 
_entity_poly.nstd_linkage                   no 
_entity_poly.nstd_monomer                   yes 
_entity_poly.pdbx_seq_one_letter_code       'P(HYP)GP(HYP)GP(HYP)GIPGEKGPAGERGP(HYP)GP(HYP)GP(HYP)G' 
_entity_poly.pdbx_seq_one_letter_code_can   PPGPPGPPGIPGEKGPAGERGPPGPPGPPG 
_entity_poly.pdbx_strand_id                 A,B,C 
_entity_poly.pdbx_target_identifier         ? 
# 
loop_
_entity_poly_seq.entity_id 
_entity_poly_seq.num 
_entity_poly_seq.mon_id 
_entity_poly_seq.hetero 
1 1  PRO n 
1 2  HYP n 
1 3  GLY n 
1 4  PRO n 
1 5  HYP n 
1 6  GLY n 
1 7  PRO n 
1 8  HYP n 
1 9  GLY n 
1 10 ILE n 
1 11 PRO n 
1 12 GLY n 
1 13 GLU n 
1 14 LYS n 
1 15 GLY n 
1 16 PRO n 
1 17 ALA n 
1 18 GLY n 
1 19 GLU n 
1 20 ARG n 
1 21 GLY n 
1 22 PRO n 
1 23 HYP n 
1 24 GLY n 
1 25 PRO n 
1 26 HYP n 
1 27 GLY n 
1 28 PRO n 
1 29 HYP n 
1 30 GLY n 
# 
_pdbx_entity_src_syn.entity_id              1 
_pdbx_entity_src_syn.pdbx_src_id            1 
_pdbx_entity_src_syn.pdbx_alt_source_flag   sample 
_pdbx_entity_src_syn.pdbx_beg_seq_num       1 
_pdbx_entity_src_syn.pdbx_end_seq_num       30 
_pdbx_entity_src_syn.organism_scientific    'Homo sapiens' 
_pdbx_entity_src_syn.organism_common_name   ? 
_pdbx_entity_src_syn.ncbi_taxonomy_id       9606 
_pdbx_entity_src_syn.details                ? 
# 
_struct_ref.id                         1 
_struct_ref.db_name                    PDB 
_struct_ref.db_code                    6A0A 
_struct_ref.pdbx_db_accession          6A0A 
_struct_ref.pdbx_db_isoform            ? 
_struct_ref.entity_id                  1 
_struct_ref.pdbx_seq_one_letter_code   ? 
_struct_ref.pdbx_align_begin           1 
# 
loop_
_struct_ref_seq.align_id 
_struct_ref_seq.ref_id 
_struct_ref_seq.pdbx_PDB_id_code 
_struct_ref_seq.pdbx_strand_id 
_struct_ref_seq.seq_align_beg 
_struct_ref_seq.pdbx_seq_align_beg_ins_code 
_struct_ref_seq.seq_align_end 
_struct_ref_seq.pdbx_seq_align_end_ins_code 
_struct_ref_seq.pdbx_db_accession 
_struct_ref_seq.db_align_beg 
_struct_ref_seq.pdbx_db_align_beg_ins_code 
_struct_ref_seq.db_align_end 
_struct_ref_seq.pdbx_db_align_end_ins_code 
_struct_ref_seq.pdbx_auth_seq_align_beg 
_struct_ref_seq.pdbx_auth_seq_align_end 
1 1 6A0A A 1 ? 30 ? 6A0A 1 ? 30 ? 1 30 
2 1 6A0A B 1 ? 30 ? 6A0A 1 ? 30 ? 1 30 
3 1 6A0A C 1 ? 30 ? 6A0A 1 ? 30 ? 1 30 
# 
loop_
_chem_comp.id 
_chem_comp.type 
_chem_comp.mon_nstd_flag 
_chem_comp.name 
_chem_comp.pdbx_synonyms 
_chem_comp.formula 
_chem_comp.formula_weight 
ALA 'L-peptide linking' y ALANINE          ?              'C3 H7 N O2'     89.093  
ARG 'L-peptide linking' y ARGININE         ?              'C6 H15 N4 O2 1' 175.209 
GLU 'L-peptide linking' y 'GLUTAMIC ACID'  ?              'C5 H9 N O4'     147.129 
GLY 'peptide linking'   y GLYCINE          ?              'C2 H5 N O2'     75.067  
HOH non-polymer         . WATER            ?              'H2 O'           18.015  
HYP 'L-peptide linking' n 4-HYDROXYPROLINE HYDROXYPROLINE 'C5 H9 N O3'     131.130 
ILE 'L-peptide linking' y ISOLEUCINE       ?              'C6 H13 N O2'    131.173 
LYS 'L-peptide linking' y LYSINE           ?              'C6 H15 N2 O2 1' 147.195 
PRO 'L-peptide linking' y PROLINE          ?              'C5 H9 N O2'     115.130 
# 
_exptl.absorpt_coefficient_mu     ? 
_exptl.absorpt_correction_T_max   ? 
_exptl.absorpt_correction_T_min   ? 
_exptl.absorpt_correction_type    ? 
_exptl.absorpt_process_details    ? 
_exptl.entry_id                   6A0A 
_exptl.crystals_number            1 
_exptl.details                    ? 
_exptl.method                     'X-RAY DIFFRACTION' 
_exptl.method_details             ? 
# 
_exptl_crystal.colour                      ? 
_exptl_crystal.density_diffrn              ? 
_exptl_crystal.density_Matthews            1.77 
_exptl_crystal.density_method              ? 
_exptl_crystal.density_percent_sol         30.46 
_exptl_crystal.description                 ? 
_exptl_crystal.F_000                       ? 
_exptl_crystal.id                          1 
_exptl_crystal.preparation                 ? 
_exptl_crystal.size_max                    ? 
_exptl_crystal.size_mid                    ? 
_exptl_crystal.size_min                    ? 
_exptl_crystal.size_rad                    ? 
_exptl_crystal.colour_lustre               ? 
_exptl_crystal.colour_modifier             ? 
_exptl_crystal.colour_primary              ? 
_exptl_crystal.density_meas                ? 
_exptl_crystal.density_meas_esd            ? 
_exptl_crystal.density_meas_gt             ? 
_exptl_crystal.density_meas_lt             ? 
_exptl_crystal.density_meas_temp           ? 
_exptl_crystal.density_meas_temp_esd       ? 
_exptl_crystal.density_meas_temp_gt        ? 
_exptl_crystal.density_meas_temp_lt        ? 
_exptl_crystal.pdbx_crystal_image_url      ? 
_exptl_crystal.pdbx_crystal_image_format   ? 
_exptl_crystal.pdbx_mosaicity              ? 
_exptl_crystal.pdbx_mosaicity_esd          ? 
# 
_exptl_crystal_grow.apparatus       ? 
_exptl_crystal_grow.atmosphere      ? 
_exptl_crystal_grow.crystal_id      1 
_exptl_crystal_grow.details         ? 
_exptl_crystal_grow.method          'VAPOR DIFFUSION, HANGING DROP' 
_exptl_crystal_grow.method_ref      ? 
_exptl_crystal_grow.pH              ? 
_exptl_crystal_grow.pressure        ? 
_exptl_crystal_grow.pressure_esd    ? 
_exptl_crystal_grow.seeding         ? 
_exptl_crystal_grow.seeding_ref     ? 
_exptl_crystal_grow.temp            289 
_exptl_crystal_grow.temp_details    ? 
_exptl_crystal_grow.temp_esd        ? 
_exptl_crystal_grow.time            ? 
_exptl_crystal_grow.pdbx_details    '0.2M Na Chloride, 0.1M Bis-Tris pH 6.5, 25% w/v PEG 3350' 
_exptl_crystal_grow.pdbx_pH_range   ? 
# 
_diffrn.ambient_environment    ? 
_diffrn.ambient_temp           100 
_diffrn.ambient_temp_details   ? 
_diffrn.ambient_temp_esd       ? 
_diffrn.crystal_id             1 
_diffrn.crystal_support        ? 
_diffrn.crystal_treatment      ? 
_diffrn.details                ? 
_diffrn.id                     1 
_diffrn.ambient_pressure       ? 
_diffrn.ambient_pressure_esd   ? 
_diffrn.ambient_pressure_gt    ? 
_diffrn.ambient_pressure_lt    ? 
_diffrn.ambient_temp_gt        ? 
_diffrn.ambient_temp_lt        ? 
# 
_diffrn_detector.details                      ? 
_diffrn_detector.detector                     PIXEL 
_diffrn_detector.diffrn_id                    1 
_diffrn_detector.type                         'DECTRIS PILATUS3 S 6M' 
_diffrn_detector.area_resol_mean              ? 
_diffrn_detector.dtime                        ? 
_diffrn_detector.pdbx_frames_total            ? 
_diffrn_detector.pdbx_collection_time_total   ? 
_diffrn_detector.pdbx_collection_date         2018-05-27 
# 
_diffrn_radiation.collimation                      ? 
_diffrn_radiation.diffrn_id                        1 
_diffrn_radiation.filter_edge                      ? 
_diffrn_radiation.inhomogeneity                    ? 
_diffrn_radiation.monochromator                    ? 
_diffrn_radiation.polarisn_norm                    ? 
_diffrn_radiation.polarisn_ratio                   ? 
_diffrn_radiation.probe                            ? 
_diffrn_radiation.type                             ? 
_diffrn_radiation.xray_symbol                      ? 
_diffrn_radiation.wavelength_id                    1 
_diffrn_radiation.pdbx_monochromatic_or_laue_m_l   M 
_diffrn_radiation.pdbx_wavelength_list             ? 
_diffrn_radiation.pdbx_wavelength                  ? 
_diffrn_radiation.pdbx_diffrn_protocol             'SINGLE WAVELENGTH' 
_diffrn_radiation.pdbx_analyzer                    ? 
_diffrn_radiation.pdbx_scattering_type             x-ray 
# 
_diffrn_radiation_wavelength.id           1 
_diffrn_radiation_wavelength.wavelength   0.979304897 
_diffrn_radiation_wavelength.wt           1.0 
# 
_diffrn_source.current                     ? 
_diffrn_source.details                     ? 
_diffrn_source.diffrn_id                   1 
_diffrn_source.power                       ? 
_diffrn_source.size                        ? 
_diffrn_source.source                      SYNCHROTRON 
_diffrn_source.target                      ? 
_diffrn_source.type                        'SSRF BEAMLINE BL18U1' 
_diffrn_source.voltage                     ? 
_diffrn_source.take-off_angle              ? 
_diffrn_source.pdbx_wavelength_list        0.979304897 
_diffrn_source.pdbx_wavelength             ? 
_diffrn_source.pdbx_synchrotron_beamline   BL18U1 
_diffrn_source.pdbx_synchrotron_site       SSRF 
# 
_reflns.B_iso_Wilson_estimate            ? 
_reflns.entry_id                         6A0A 
_reflns.data_reduction_details           ? 
_reflns.data_reduction_method            ? 
_reflns.d_resolution_high                1.50 
_reflns.d_resolution_low                 50.00 
_reflns.details                          ? 
_reflns.limit_h_max                      ? 
_reflns.limit_h_min                      ? 
_reflns.limit_k_max                      ? 
_reflns.limit_k_min                      ? 
_reflns.limit_l_max                      ? 
_reflns.limit_l_min                      ? 
_reflns.number_all                       ? 
_reflns.number_obs                       8324 
_reflns.observed_criterion               ? 
_reflns.observed_criterion_F_max         ? 
_reflns.observed_criterion_F_min         ? 
_reflns.observed_criterion_I_max         ? 
_reflns.observed_criterion_I_min         ? 
_reflns.observed_criterion_sigma_F       ? 
_reflns.observed_criterion_sigma_I       ? 
_reflns.percent_possible_obs             87.9 
_reflns.R_free_details                   ? 
_reflns.Rmerge_F_all                     ? 
_reflns.Rmerge_F_obs                     ? 
_reflns.Friedel_coverage                 ? 
_reflns.number_gt                        ? 
_reflns.threshold_expression             ? 
_reflns.pdbx_redundancy                  3.2 
_reflns.pdbx_Rmerge_I_obs                0.070 
_reflns.pdbx_Rmerge_I_all                ? 
_reflns.pdbx_Rsym_value                  ? 
_reflns.pdbx_netI_over_av_sigmaI         ? 
_reflns.pdbx_netI_over_sigmaI            17.26 
_reflns.pdbx_res_netI_over_av_sigmaI_2   ? 
_reflns.pdbx_res_netI_over_sigmaI_2      ? 
_reflns.pdbx_chi_squared                 ? 
_reflns.pdbx_scaling_rejects             ? 
_reflns.pdbx_d_res_high_opt              ? 
_reflns.pdbx_d_res_low_opt               ? 
_reflns.pdbx_d_res_opt_method            ? 
_reflns.phase_calculation_details        ? 
_reflns.pdbx_Rrim_I_all                  ? 
_reflns.pdbx_Rpim_I_all                  ? 
_reflns.pdbx_d_opt                       ? 
_reflns.pdbx_number_measured_all         ? 
_reflns.pdbx_diffrn_id                   1 
_reflns.pdbx_ordinal                     1 
_reflns.pdbx_CC_half                     ? 
_reflns.pdbx_R_split                     ? 
# 
_reflns_shell.d_res_high                  1.50 
_reflns_shell.d_res_low                   1.53 
_reflns_shell.meanI_over_sigI_all         ? 
_reflns_shell.meanI_over_sigI_obs         ? 
_reflns_shell.number_measured_all         ? 
_reflns_shell.number_measured_obs         ? 
_reflns_shell.number_possible             ? 
_reflns_shell.number_unique_all           ? 
_reflns_shell.number_unique_obs           447 
_reflns_shell.percent_possible_all        ? 
_reflns_shell.percent_possible_obs        ? 
_reflns_shell.Rmerge_F_all                ? 
_reflns_shell.Rmerge_F_obs                ? 
_reflns_shell.Rmerge_I_all                ? 
_reflns_shell.Rmerge_I_obs                0.118 
_reflns_shell.meanI_over_sigI_gt          ? 
_reflns_shell.meanI_over_uI_all           ? 
_reflns_shell.meanI_over_uI_gt            ? 
_reflns_shell.number_measured_gt          ? 
_reflns_shell.number_unique_gt            ? 
_reflns_shell.percent_possible_gt         ? 
_reflns_shell.Rmerge_F_gt                 ? 
_reflns_shell.Rmerge_I_gt                 ? 
_reflns_shell.pdbx_redundancy             ? 
_reflns_shell.pdbx_Rsym_value             ? 
_reflns_shell.pdbx_chi_squared            ? 
_reflns_shell.pdbx_netI_over_sigmaI_all   ? 
_reflns_shell.pdbx_netI_over_sigmaI_obs   ? 
_reflns_shell.pdbx_Rrim_I_all             ? 
_reflns_shell.pdbx_Rpim_I_all             ? 
_reflns_shell.pdbx_rejects                ? 
_reflns_shell.pdbx_ordinal                1 
_reflns_shell.pdbx_diffrn_id              1 
_reflns_shell.pdbx_CC_half                ? 
_reflns_shell.pdbx_R_split                ? 
# 
_refine.aniso_B[1][1]                            ? 
_refine.aniso_B[1][2]                            ? 
_refine.aniso_B[1][3]                            ? 
_refine.aniso_B[2][2]                            ? 
_refine.aniso_B[2][3]                            ? 
_refine.aniso_B[3][3]                            ? 
_refine.B_iso_max                                ? 
_refine.B_iso_mean                               ? 
_refine.B_iso_min                                ? 
_refine.correlation_coeff_Fo_to_Fc               ? 
_refine.correlation_coeff_Fo_to_Fc_free          ? 
_refine.details                                  ? 
_refine.diff_density_max                         ? 
_refine.diff_density_max_esd                     ? 
_refine.diff_density_min                         ? 
_refine.diff_density_min_esd                     ? 
_refine.diff_density_rms                         ? 
_refine.diff_density_rms_esd                     ? 
_refine.entry_id                                 6A0A 
_refine.pdbx_refine_id                           'X-RAY DIFFRACTION' 
_refine.ls_abs_structure_details                 ? 
_refine.ls_abs_structure_Flack                   ? 
_refine.ls_abs_structure_Flack_esd               ? 
_refine.ls_abs_structure_Rogers                  ? 
_refine.ls_abs_structure_Rogers_esd              ? 
_refine.ls_d_res_high                            1.502 
_refine.ls_d_res_low                             18.334 
_refine.ls_extinction_coef                       ? 
_refine.ls_extinction_coef_esd                   ? 
_refine.ls_extinction_expression                 ? 
_refine.ls_extinction_method                     ? 
_refine.ls_goodness_of_fit_all                   ? 
_refine.ls_goodness_of_fit_all_esd               ? 
_refine.ls_goodness_of_fit_obs                   ? 
_refine.ls_goodness_of_fit_obs_esd               ? 
_refine.ls_hydrogen_treatment                    ? 
_refine.ls_matrix_type                           ? 
_refine.ls_number_constraints                    ? 
_refine.ls_number_parameters                     ? 
_refine.ls_number_reflns_all                     ? 
_refine.ls_number_reflns_obs                     8311 
_refine.ls_number_reflns_R_free                  422 
_refine.ls_number_reflns_R_work                  ? 
_refine.ls_number_restraints                     ? 
_refine.ls_percent_reflns_obs                    87.78 
_refine.ls_percent_reflns_R_free                 5.08 
_refine.ls_R_factor_all                          ? 
_refine.ls_R_factor_obs                          0.1715 
_refine.ls_R_factor_R_free                       0.1997 
_refine.ls_R_factor_R_free_error                 ? 
_refine.ls_R_factor_R_free_error_details         ? 
_refine.ls_R_factor_R_work                       0.1700 
_refine.ls_R_Fsqd_factor_obs                     ? 
_refine.ls_R_I_factor_obs                        ? 
_refine.ls_redundancy_reflns_all                 ? 
_refine.ls_redundancy_reflns_obs                 ? 
_refine.ls_restrained_S_all                      ? 
_refine.ls_restrained_S_obs                      ? 
_refine.ls_shift_over_esd_max                    ? 
_refine.ls_shift_over_esd_mean                   ? 
_refine.ls_structure_factor_coef                 ? 
_refine.ls_weighting_details                     ? 
_refine.ls_weighting_scheme                      ? 
_refine.ls_wR_factor_all                         ? 
_refine.ls_wR_factor_obs                         ? 
_refine.ls_wR_factor_R_free                      ? 
_refine.ls_wR_factor_R_work                      ? 
_refine.occupancy_max                            ? 
_refine.occupancy_min                            ? 
_refine.solvent_model_details                    ? 
_refine.solvent_model_param_bsol                 ? 
_refine.solvent_model_param_ksol                 ? 
_refine.ls_R_factor_gt                           ? 
_refine.ls_goodness_of_fit_gt                    ? 
_refine.ls_goodness_of_fit_ref                   ? 
_refine.ls_shift_over_su_max                     ? 
_refine.ls_shift_over_su_max_lt                  ? 
_refine.ls_shift_over_su_mean                    ? 
_refine.ls_shift_over_su_mean_lt                 ? 
_refine.pdbx_ls_sigma_I                          ? 
_refine.pdbx_ls_sigma_F                          1.38 
_refine.pdbx_ls_sigma_Fsqd                       ? 
_refine.pdbx_data_cutoff_high_absF               ? 
_refine.pdbx_data_cutoff_high_rms_absF           ? 
_refine.pdbx_data_cutoff_low_absF                ? 
_refine.pdbx_isotropic_thermal_model             ? 
_refine.pdbx_ls_cross_valid_method               'FREE R-VALUE' 
_refine.pdbx_method_to_determine_struct          'MOLECULAR REPLACEMENT' 
_refine.pdbx_starting_model                      2WUH 
_refine.pdbx_stereochemistry_target_values       ? 
_refine.pdbx_R_Free_selection_details            ? 
_refine.pdbx_stereochem_target_val_spec_case     ? 
_refine.pdbx_overall_ESU_R                       ? 
_refine.pdbx_overall_ESU_R_Free                  ? 
_refine.pdbx_solvent_vdw_probe_radii             1.11 
_refine.pdbx_solvent_ion_probe_radii             ? 
_refine.pdbx_solvent_shrinkage_radii             0.90 
_refine.pdbx_real_space_R                        ? 
_refine.pdbx_density_correlation                 ? 
_refine.pdbx_pd_number_of_powder_patterns        ? 
_refine.pdbx_pd_number_of_points                 ? 
_refine.pdbx_pd_meas_number_of_points            ? 
_refine.pdbx_pd_proc_ls_prof_R_factor            ? 
_refine.pdbx_pd_proc_ls_prof_wR_factor           ? 
_refine.pdbx_pd_Marquardt_correlation_coeff      ? 
_refine.pdbx_pd_Fsqrd_R_factor                   ? 
_refine.pdbx_pd_ls_matrix_band_width             ? 
_refine.pdbx_overall_phase_error                 21.47 
_refine.pdbx_overall_SU_R_free_Cruickshank_DPI   ? 
_refine.pdbx_overall_SU_R_free_Blow_DPI          ? 
_refine.pdbx_overall_SU_R_Blow_DPI               ? 
_refine.pdbx_TLS_residual_ADP_flag               ? 
_refine.pdbx_diffrn_id                           1 
_refine.overall_SU_B                             ? 
_refine.overall_SU_ML                            0.14 
_refine.overall_SU_R_Cruickshank_DPI             ? 
_refine.overall_SU_R_free                        ? 
_refine.overall_FOM_free_R_set                   ? 
_refine.overall_FOM_work_R_set                   ? 
_refine.pdbx_average_fsc_overall                 ? 
_refine.pdbx_average_fsc_work                    ? 
_refine.pdbx_average_fsc_free                    ? 
# 
_refine_hist.pdbx_refine_id                   'X-RAY DIFFRACTION' 
_refine_hist.cycle_id                         LAST 
_refine_hist.pdbx_number_atoms_protein        581 
_refine_hist.pdbx_number_atoms_nucleic_acid   0 
_refine_hist.pdbx_number_atoms_ligand         0 
_refine_hist.number_atoms_solvent             144 
_refine_hist.number_atoms_total               725 
_refine_hist.d_res_high                       1.502 
_refine_hist.d_res_low                        18.334 
# 
loop_
_refine_ls_restr.pdbx_refine_id 
_refine_ls_restr.criterion 
_refine_ls_restr.dev_ideal 
_refine_ls_restr.dev_ideal_target 
_refine_ls_restr.number 
_refine_ls_restr.rejects 
_refine_ls_restr.type 
_refine_ls_restr.weight 
_refine_ls_restr.pdbx_restraint_function 
'X-RAY DIFFRACTION' ? 0.007 ? 620 ? f_bond_d           ? ? 
'X-RAY DIFFRACTION' ? 1.539 ? 856 ? f_angle_d          ? ? 
'X-RAY DIFFRACTION' ? 9.315 ? 383 ? f_dihedral_angle_d ? ? 
'X-RAY DIFFRACTION' ? 0.109 ? 81  ? f_chiral_restr     ? ? 
'X-RAY DIFFRACTION' ? 0.006 ? 116 ? f_plane_restr      ? ? 
# 
loop_
_refine_ls_shell.pdbx_refine_id 
_refine_ls_shell.d_res_high 
_refine_ls_shell.d_res_low 
_refine_ls_shell.number_reflns_all 
_refine_ls_shell.number_reflns_obs 
_refine_ls_shell.number_reflns_R_free 
_refine_ls_shell.number_reflns_R_work 
_refine_ls_shell.percent_reflns_obs 
_refine_ls_shell.percent_reflns_R_free 
_refine_ls_shell.R_factor_all 
_refine_ls_shell.R_factor_obs 
_refine_ls_shell.R_factor_R_free 
_refine_ls_shell.R_factor_R_free_error 
_refine_ls_shell.R_factor_R_work 
_refine_ls_shell.redundancy_reflns_all 
_refine_ls_shell.redundancy_reflns_obs 
_refine_ls_shell.wR_factor_all 
_refine_ls_shell.wR_factor_obs 
_refine_ls_shell.wR_factor_R_free 
_refine_ls_shell.wR_factor_R_work 
_refine_ls_shell.pdbx_total_number_of_bins_used 
_refine_ls_shell.pdbx_phase_error 
_refine_ls_shell.pdbx_fsc_work 
_refine_ls_shell.pdbx_fsc_free 
'X-RAY DIFFRACTION' 1.5024 1.7197  . . 144 2864 96.00 . . . 0.2374 . 0.1813 . . . . . . . . . . 
'X-RAY DIFFRACTION' 1.7197 2.1660  . . 148 2383 81.00 . . . 0.1777 . 0.1743 . . . . . . . . . . 
'X-RAY DIFFRACTION' 2.1660 18.3350 . . 130 2642 86.00 . . . 0.2004 . 0.1647 . . . . . . . . . . 
# 
_struct.entry_id                     6A0A 
_struct.title                        'Structure of a triple-helix region of human collagen type III' 
_struct.pdbx_model_details           ? 
_struct.pdbx_formula_weight          ? 
_struct.pdbx_formula_weight_method   ? 
_struct.pdbx_model_type_details      ? 
_struct.pdbx_CASP_flag               N 
# 
_struct_keywords.entry_id        6A0A 
_struct_keywords.text            'collagen, STRUCTURAL PROTEIN' 
_struct_keywords.pdbx_keywords   'STRUCTURAL PROTEIN' 
# 
loop_
_struct_asym.id 
_struct_asym.pdbx_blank_PDB_chainid_flag 
_struct_asym.pdbx_modified 
_struct_asym.entity_id 
_struct_asym.details 
A N N 1 ? 
B N N 1 ? 
C N N 1 ? 
D N N 2 ? 
E N N 2 ? 
F N N 2 ? 
# 
loop_
_struct_conn.id 
_struct_conn.conn_type_id 
_struct_conn.pdbx_leaving_atom_flag 
_struct_conn.pdbx_PDB_id 
_struct_conn.ptnr1_label_asym_id 
_struct_conn.ptnr1_label_comp_id 
_struct_conn.ptnr1_label_seq_id 
_struct_conn.ptnr1_label_atom_id 
_struct_conn.pdbx_ptnr1_label_alt_id 
_struct_conn.pdbx_ptnr1_PDB_ins_code 
_struct_conn.pdbx_ptnr1_standard_comp_id 
_struct_conn.ptnr1_symmetry 
_struct_conn.ptnr2_label_asym_id 
_struct_conn.ptnr2_label_comp_id 
_struct_conn.ptnr2_label_seq_id 
_struct_conn.ptnr2_label_atom_id 
_struct_conn.pdbx_ptnr2_label_alt_id 
_struct_conn.pdbx_ptnr2_PDB_ins_code 
_struct_conn.ptnr1_auth_asym_id 
_struct_conn.ptnr1_auth_comp_id 
_struct_conn.ptnr1_auth_seq_id 
_struct_conn.ptnr2_auth_asym_id 
_struct_conn.ptnr2_auth_comp_id 
_struct_conn.ptnr2_auth_seq_id 
_struct_conn.ptnr2_symmetry 
_struct_conn.pdbx_ptnr3_label_atom_id 
_struct_conn.pdbx_ptnr3_label_seq_id 
_struct_conn.pdbx_ptnr3_label_comp_id 
_struct_conn.pdbx_ptnr3_label_asym_id 
_struct_conn.pdbx_ptnr3_label_alt_id 
_struct_conn.pdbx_ptnr3_PDB_ins_code 
_struct_conn.details 
_struct_conn.pdbx_dist_value 
_struct_conn.pdbx_value_order 
_struct_conn.pdbx_role 
covale1  covale both ? A PRO 1  C ? ? ? 1_555 A HYP 2  N ? ? A PRO 1  A HYP 2  1_555 ? ? ? ? ? ? ? 1.323 ? ? 
covale2  covale both ? A HYP 2  C ? ? ? 1_555 A GLY 3  N ? ? A HYP 2  A GLY 3  1_555 ? ? ? ? ? ? ? 1.326 ? ? 
covale3  covale both ? A PRO 4  C ? ? ? 1_555 A HYP 5  N ? ? A PRO 4  A HYP 5  1_555 ? ? ? ? ? ? ? 1.328 ? ? 
covale4  covale both ? A HYP 5  C ? ? ? 1_555 A GLY 6  N ? ? A HYP 5  A GLY 6  1_555 ? ? ? ? ? ? ? 1.328 ? ? 
covale5  covale both ? A PRO 7  C ? ? ? 1_555 A HYP 8  N ? ? A PRO 7  A HYP 8  1_555 ? ? ? ? ? ? ? 1.330 ? ? 
covale6  covale both ? A HYP 8  C ? ? ? 1_555 A GLY 9  N ? ? A HYP 8  A GLY 9  1_555 ? ? ? ? ? ? ? 1.330 ? ? 
covale7  covale both ? A PRO 22 C ? ? ? 1_555 A HYP 23 N ? ? A PRO 22 A HYP 23 1_555 ? ? ? ? ? ? ? 1.330 ? ? 
covale8  covale both ? A HYP 23 C ? ? ? 1_555 A GLY 24 N ? ? A HYP 23 A GLY 24 1_555 ? ? ? ? ? ? ? 1.323 ? ? 
covale9  covale both ? A PRO 25 C ? ? ? 1_555 A HYP 26 N ? ? A PRO 25 A HYP 26 1_555 ? ? ? ? ? ? ? 1.322 ? ? 
covale10 covale both ? A HYP 26 C ? ? ? 1_555 A GLY 27 N ? ? A HYP 26 A GLY 27 1_555 ? ? ? ? ? ? ? 1.328 ? ? 
covale11 covale both ? A PRO 28 C ? ? ? 1_555 A HYP 29 N ? ? A PRO 28 A HYP 29 1_555 ? ? ? ? ? ? ? 1.325 ? ? 
covale12 covale both ? B PRO 1  C ? ? ? 1_555 B HYP 2  N ? ? B PRO 1  B HYP 2  1_555 ? ? ? ? ? ? ? 1.329 ? ? 
covale13 covale both ? B HYP 2  C ? ? ? 1_555 B GLY 3  N ? ? B HYP 2  B GLY 3  1_555 ? ? ? ? ? ? ? 1.328 ? ? 
covale14 covale both ? B PRO 4  C ? ? ? 1_555 B HYP 5  N ? ? B PRO 4  B HYP 5  1_555 ? ? ? ? ? ? ? 1.327 ? ? 
covale15 covale both ? B HYP 5  C ? ? ? 1_555 B GLY 6  N ? ? B HYP 5  B GLY 6  1_555 ? ? ? ? ? ? ? 1.326 ? ? 
covale16 covale both ? B PRO 7  C ? ? ? 1_555 B HYP 8  N ? ? B PRO 7  B HYP 8  1_555 ? ? ? ? ? ? ? 1.328 ? ? 
covale17 covale both ? B HYP 8  C ? ? ? 1_555 B GLY 9  N ? ? B HYP 8  B GLY 9  1_555 ? ? ? ? ? ? ? 1.331 ? ? 
covale18 covale both ? B PRO 22 C ? ? ? 1_555 B HYP 23 N ? ? B PRO 22 B HYP 23 1_555 ? ? ? ? ? ? ? 1.327 ? ? 
covale19 covale both ? B HYP 23 C ? ? ? 1_555 B GLY 24 N ? ? B HYP 23 B GLY 24 1_555 ? ? ? ? ? ? ? 1.330 ? ? 
covale20 covale both ? B PRO 25 C ? ? ? 1_555 B HYP 26 N ? ? B PRO 25 B HYP 26 1_555 ? ? ? ? ? ? ? 1.329 ? ? 
covale21 covale both ? B HYP 26 C ? ? ? 1_555 B GLY 27 N ? ? B HYP 26 B GLY 27 1_555 ? ? ? ? ? ? ? 1.328 ? ? 
covale22 covale both ? B PRO 28 C ? ? ? 1_555 B HYP 29 N ? ? B PRO 28 B HYP 29 1_555 ? ? ? ? ? ? ? 1.327 ? ? 
covale23 covale both ? B HYP 29 C ? ? ? 1_555 B GLY 30 N ? ? B HYP 29 B GLY 30 1_555 ? ? ? ? ? ? ? 1.328 ? ? 
covale24 covale both ? C PRO 1  C ? ? ? 1_555 C HYP 2  N ? ? C PRO 1  C HYP 2  1_555 ? ? ? ? ? ? ? 1.335 ? ? 
covale25 covale both ? C HYP 2  C ? ? ? 1_555 C GLY 3  N ? ? C HYP 2  C GLY 3  1_555 ? ? ? ? ? ? ? 1.330 ? ? 
covale26 covale both ? C PRO 4  C ? ? ? 1_555 C HYP 5  N ? ? C PRO 4  C HYP 5  1_555 ? ? ? ? ? ? ? 1.326 ? ? 
covale27 covale both ? C HYP 5  C ? ? ? 1_555 C GLY 6  N ? ? C HYP 5  C GLY 6  1_555 ? ? ? ? ? ? ? 1.332 ? ? 
covale28 covale both ? C PRO 7  C ? ? ? 1_555 C HYP 8  N ? ? C PRO 7  C HYP 8  1_555 ? ? ? ? ? ? ? 1.322 ? ? 
covale29 covale both ? C HYP 8  C ? ? ? 1_555 C GLY 9  N ? ? C HYP 8  C GLY 9  1_555 ? ? ? ? ? ? ? 1.331 ? ? 
covale30 covale both ? C PRO 22 C ? ? ? 1_555 C HYP 23 N ? ? C PRO 22 C HYP 23 1_555 ? ? ? ? ? ? ? 1.330 ? ? 
covale31 covale both ? C HYP 23 C ? ? ? 1_555 C GLY 24 N ? ? C HYP 23 C GLY 24 1_555 ? ? ? ? ? ? ? 1.333 ? ? 
covale32 covale both ? C PRO 25 C ? ? ? 1_555 C HYP 26 N ? ? C PRO 25 C HYP 26 1_555 ? ? ? ? ? ? ? 1.326 ? ? 
covale33 covale both ? C HYP 26 C ? ? ? 1_555 C GLY 27 N ? ? C HYP 26 C GLY 27 1_555 ? ? ? ? ? ? ? 1.330 ? ? 
covale34 covale both ? C PRO 28 C ? ? ? 1_555 C HYP 29 N ? ? C PRO 28 C HYP 29 1_555 ? ? ? ? ? ? ? 1.328 ? ? 
covale35 covale both ? C HYP 29 C ? ? ? 1_555 C GLY 30 N ? ? C HYP 29 C GLY 30 1_555 ? ? ? ? ? ? ? 1.331 ? ? 
# 
_struct_conn_type.id          covale 
_struct_conn_type.criteria    ? 
_struct_conn_type.reference   ? 
# 
_atom_sites.entry_id                    6A0A 
_atom_sites.fract_transf_matrix[1][1]   0.01689804 
_atom_sites.fract_transf_matrix[1][2]   -0.02684397 
_atom_sites.fract_transf_matrix[1][3]   -0.00350879 
_atom_sites.fract_transf_matrix[2][1]   -0.01117729 
_atom_sites.fract_transf_matrix[2][2]   -0.00144498 
_atom_sites.fract_transf_matrix[2][3]   -0.04277414 
_atom_sites.fract_transf_matrix[3][1]   0.01967490 
_atom_sites.fract_transf_matrix[3][2]   0.01300718 
_atom_sites.fract_transf_matrix[3][3]   -0.00558064 
_atom_sites.fract_transf_vector[1]      -0.073159 
_atom_sites.fract_transf_vector[2]      0.021070 
_atom_sites.fract_transf_vector[3]      1.356042 
# 
loop_
_atom_type.symbol 
C 
N 
O 
# 
loop_
_atom_site.group_PDB 
_atom_site.id 
_atom_site.type_symbol 
_atom_site.label_atom_id 
_atom_site.label_alt_id 
_atom_site.label_comp_id 
_atom_site.label_asym_id 
_atom_site.label_entity_id 
_atom_site.label_seq_id 
_atom_site.pdbx_PDB_ins_code 
_atom_site.Cartn_x 
_atom_site.Cartn_y 
_atom_site.Cartn_z 
_atom_site.occupancy 
_atom_site.B_iso_or_equiv 
_atom_site.pdbx_formal_charge 
_atom_site.auth_seq_id 
_atom_site.auth_comp_id 
_atom_site.auth_asym_id 
_atom_site.auth_atom_id 
_atom_site.pdbx_PDB_model_num 
ATOM   1   N N   . PRO A 1 1  ? -26.265 -28.698 6.405   0.00 31.05 ? 1   PRO A N   1 
ATOM   2   C CA  . PRO A 1 1  ? -25.056 -28.492 7.203   1.00 30.63 ? 1   PRO A CA  1 
ATOM   3   C C   . PRO A 1 1  ? -23.813 -28.100 6.396   1.00 29.79 ? 1   PRO A C   1 
ATOM   4   O O   . PRO A 1 1  ? -22.939 -28.930 6.147   1.00 26.78 ? 1   PRO A O   1 
ATOM   5   C CB  . PRO A 1 1  ? -24.859 -29.855 7.862   0.00 30.84 ? 1   PRO A CB  1 
ATOM   6   C CG  . PRO A 1 1  ? -26.252 -30.352 8.068   0.00 33.42 ? 1   PRO A CG  1 
ATOM   7   C CD  . PRO A 1 1  ? -27.116 -29.758 6.972   0.00 33.58 ? 1   PRO A CD  1 
HETATM 8   N N   . HYP A 1 2  ? -23.720 -26.842 5.995   1.00 27.86 ? 2   HYP A N   1 
HETATM 9   C CA  . HYP A 1 2  ? -22.480 -26.381 5.407   1.00 18.57 ? 2   HYP A CA  1 
HETATM 10  C C   . HYP A 1 2  ? -21.322 -26.435 6.418   1.00 21.02 ? 2   HYP A C   1 
HETATM 11  O O   . HYP A 1 2  ? -21.539 -26.446 7.621   1.00 21.37 ? 2   HYP A O   1 
HETATM 12  C CB  . HYP A 1 2  ? -22.755 -24.979 4.891   0.86 23.26 ? 2   HYP A CB  1 
HETATM 13  C CG  . HYP A 1 2  ? -24.264 -24.826 4.830   1.00 29.45 ? 2   HYP A CG  1 
HETATM 14  C CD  . HYP A 1 2  ? -24.865 -26.048 5.508   1.00 26.82 ? 2   HYP A CD  1 
HETATM 15  O OD1 . HYP A 1 2  ? -24.686 -24.790 3.485   1.00 35.82 ? 2   HYP A OD1 1 
ATOM   16  N N   . GLY A 1 3  ? -20.095 -26.485 5.920   1.00 18.06 ? 3   GLY A N   1 
ATOM   17  C CA  . GLY A 1 3  ? -18.938 -26.390 6.789   1.00 15.84 ? 3   GLY A CA  1 
ATOM   18  C C   . GLY A 1 3  ? -18.719 -24.974 7.296   1.00 14.69 ? 3   GLY A C   1 
ATOM   19  O O   . GLY A 1 3  ? -19.512 -24.077 7.018   1.00 18.15 ? 3   GLY A O   1 
ATOM   20  N N   . PRO A 1 4  ? -17.629 -24.767 8.043   1.00 13.83 ? 4   PRO A N   1 
ATOM   21  C CA  . PRO A 1 4  ? -17.272 -23.471 8.629   1.00 14.35 ? 4   PRO A CA  1 
ATOM   22  C C   . PRO A 1 4  ? -16.742 -22.493 7.568   1.00 12.57 ? 4   PRO A C   1 
ATOM   23  O O   . PRO A 1 4  ? -16.307 -22.913 6.494   0.91 10.91 ? 4   PRO A O   1 
ATOM   24  C CB  . PRO A 1 4  ? -16.174 -23.845 9.627   1.00 15.71 ? 4   PRO A CB  1 
ATOM   25  C CG  . PRO A 1 4  ? -15.471 -24.974 8.944   1.00 21.74 ? 4   PRO A CG  1 
ATOM   26  C CD  . PRO A 1 4  ? -16.558 -25.761 8.226   1.00 16.64 ? 4   PRO A CD  1 
HETATM 27  N N   . HYP A 1 5  ? -16.770 -21.197 7.861   1.00 11.18 ? 5   HYP A N   1 
HETATM 28  C CA  . HYP A 1 5  ? -16.241 -20.225 6.925   1.00 10.14 ? 5   HYP A CA  1 
HETATM 29  C C   . HYP A 1 5  ? -14.753 -20.469 6.658   1.00 9.08  ? 5   HYP A C   1 
HETATM 30  O O   . HYP A 1 5  ? -14.013 -21.026 7.487   1.00 11.61 ? 5   HYP A O   1 
HETATM 31  C CB  . HYP A 1 5  ? -16.510 -18.850 7.530   1.00 10.86 ? 5   HYP A CB  1 
HETATM 32  C CG  . HYP A 1 5  ? -17.430 -19.094 8.709   1.00 11.80 ? 5   HYP A CG  1 
HETATM 33  C CD  . HYP A 1 5  ? -17.184 -20.534 9.128   1.00 15.65 ? 5   HYP A CD  1 
HETATM 34  O OD1 . HYP A 1 5  ? -18.774 -18.980 8.284   1.00 16.02 ? 5   HYP A OD1 1 
ATOM   35  N N   . GLY A 1 6  ? -14.299 -20.034 5.488   1.00 7.53  ? 6   GLY A N   1 
ATOM   36  C CA  . GLY A 1 6  ? -12.896 -20.190 5.157   1.00 7.57  ? 6   GLY A CA  1 
ATOM   37  C C   . GLY A 1 6  ? -11.985 -19.249 5.927   1.00 6.62  ? 6   GLY A C   1 
ATOM   38  O O   . GLY A 1 6  ? -12.432 -18.390 6.689   1.00 7.53  ? 6   GLY A O   1 
ATOM   39  N N   . PRO A 1 7  ? -10.679 -19.408 5.737   1.00 6.09  ? 7   PRO A N   1 
ATOM   40  C CA  . PRO A 1 7  ? -9.716  -18.556 6.436   1.00 7.68  ? 7   PRO A CA  1 
ATOM   41  C C   . PRO A 1 7  ? -9.708  -17.141 5.870   1.00 4.67  ? 7   PRO A C   1 
ATOM   42  O O   . PRO A 1 7  ? -10.148 -16.936 4.753   1.00 4.59  ? 7   PRO A O   1 
ATOM   43  C CB  . PRO A 1 7  ? -8.378  -19.258 6.180   1.00 11.23 ? 7   PRO A CB  1 
ATOM   44  C CG  . PRO A 1 7  ? -8.590  -19.981 4.912   1.00 9.73  ? 7   PRO A CG  1 
ATOM   45  C CD  . PRO A 1 7  ? -10.030 -20.406 4.875   1.00 7.45  ? 7   PRO A CD  1 
HETATM 46  N N   . HYP A 1 8  ? -9.182  -16.180 6.625   1.00 4.32  ? 8   HYP A N   1 
HETATM 47  C CA  . HYP A 1 8  ? -9.071  -14.815 6.147   1.00 5.19  ? 8   HYP A CA  1 
HETATM 48  C C   . HYP A 1 8  ? -8.202  -14.698 4.878   1.00 5.72  ? 8   HYP A C   1 
HETATM 49  O O   . HYP A 1 8  ? -7.274  -15.493 4.688   1.00 6.14  ? 8   HYP A O   1 
HETATM 50  C CB  . HYP A 1 8  ? -8.491  -14.016 7.310   1.00 5.12  ? 8   HYP A CB  1 
HETATM 51  C CG  . HYP A 1 8  ? -8.792  -14.888 8.516   1.00 4.65  ? 8   HYP A CG  1 
HETATM 52  C CD  . HYP A 1 8  ? -8.740  -16.321 8.015   1.00 4.70  ? 8   HYP A CD  1 
HETATM 53  O OD1 . HYP A 1 8  ? -10.113 -14.632 8.966   1.00 4.62  ? 8   HYP A OD1 1 
ATOM   54  N N   . GLY A 1 9  ? -8.531  -13.740 4.015   1.00 5.29  ? 9   GLY A N   1 
ATOM   55  C CA  . GLY A 1 9  ? -7.715  -13.461 2.843   1.00 5.49  ? 9   GLY A CA  1 
ATOM   56  C C   . GLY A 1 9  ? -6.312  -12.958 3.166   1.00 5.33  ? 9   GLY A C   1 
ATOM   57  O O   . GLY A 1 9  ? -6.004  -12.554 4.298   1.00 7.49  ? 9   GLY A O   1 
ATOM   58  N N   . ILE A 1 10 ? -5.458  -13.009 2.151   1.00 5.95  ? 10  ILE A N   1 
ATOM   59  C CA  . ILE A 1 10 ? -4.083  -12.508 2.242   1.00 7.15  ? 10  ILE A CA  1 
ATOM   60  C C   . ILE A 1 10 ? -4.114  -10.985 2.319   1.00 7.59  ? 10  ILE A C   1 
ATOM   61  O O   . ILE A 1 10 ? -5.058  -10.354 1.824   1.00 6.46  ? 10  ILE A O   1 
ATOM   62  C CB  . ILE A 1 10 ? -3.212  -12.988 1.058   1.00 9.25  ? 10  ILE A CB  1 
ATOM   63  C CG1 . ILE A 1 10 ? -3.762  -12.525 -0.287  1.00 12.24 ? 10  ILE A CG1 1 
ATOM   64  C CG2 . ILE A 1 10 ? -3.008  -14.514 1.116   1.00 10.24 ? 10  ILE A CG2 1 
ATOM   65  C CD1 . ILE A 1 10 ? -2.754  -12.689 -1.448  1.00 14.17 ? 10  ILE A CD1 1 
ATOM   66  N N   . PRO A 1 11 ? -3.139  -10.357 2.966   1.00 5.95  ? 11  PRO A N   1 
ATOM   67  C CA  . PRO A 1 11 ? -3.095  -8.886  2.978   1.00 6.37  ? 11  PRO A CA  1 
ATOM   68  C C   . PRO A 1 11 ? -2.922  -8.316  1.586   1.00 10.65 ? 11  PRO A C   1 
ATOM   69  O O   . PRO A 1 11 ? -2.363  -8.950  0.690   1.00 10.00 ? 11  PRO A O   1 
ATOM   70  C CB  . PRO A 1 11 ? -1.878  -8.567  3.853   1.00 8.97  ? 11  PRO A CB  1 
ATOM   71  C CG  . PRO A 1 11 ? -1.700  -9.763  4.683   1.00 11.24 ? 11  PRO A CG  1 
ATOM   72  C CD  . PRO A 1 11 ? -2.150  -10.951 3.872   1.00 10.05 ? 11  PRO A CD  1 
ATOM   73  N N   . GLY A 1 12 ? -3.413  -7.098  1.417   1.00 6.54  ? 12  GLY A N   1 
ATOM   74  C CA  . GLY A 1 12 ? -3.133  -6.363  0.205   1.00 6.05  ? 12  GLY A CA  1 
ATOM   75  C C   . GLY A 1 12 ? -1.679  -5.941  0.135   1.00 11.05 ? 12  GLY A C   1 
ATOM   76  O O   . GLY A 1 12 ? -0.901  -6.051  1.088   1.00 9.18  ? 12  GLY A O   1 
ATOM   77  N N   . GLU A 1 13 ? -1.307  -5.442  -1.038  1.00 9.62  ? 13  GLU A N   1 
ATOM   78  C CA  . GLU A 1 13 ? 0.058   -4.975  -1.249  1.00 9.55  ? 13  GLU A CA  1 
ATOM   79  C C   . GLU A 1 13 ? 0.300   -3.650  -0.545  1.00 12.03 ? 13  GLU A C   1 
ATOM   80  O O   . GLU A 1 13 ? -0.616  -2.849  -0.343  0.81 7.35  ? 13  GLU A O   1 
ATOM   81  C CB  . GLU A 1 13 ? 0.339   -4.827  -2.740  1.00 11.01 ? 13  GLU A CB  1 
ATOM   82  C CG  . GLU A 1 13 ? 0.266   -6.126  -3.491  1.00 16.45 ? 13  GLU A CG  1 
ATOM   83  C CD  . GLU A 1 13 ? 1.282   -7.139  -2.992  1.00 21.25 ? 13  GLU A CD  1 
ATOM   84  O OE1 . GLU A 1 13 ? 2.475   -6.779  -2.847  1.00 27.10 ? 13  GLU A OE1 1 
ATOM   85  O OE2 . GLU A 1 13 ? 0.878   -8.294  -2.738  1.00 24.84 ? 13  GLU A OE2 1 
ATOM   86  N N   . LYS A 1 14 ? 1.553   -3.435  -0.154  1.00 10.09 ? 14  LYS A N   1 
ATOM   87  C CA  . LYS A 1 14 ? 1.983   -2.131  0.327   1.00 11.82 ? 14  LYS A CA  1 
ATOM   88  C C   . LYS A 1 14 ? 1.680   -1.060  -0.715  1.00 11.37 ? 14  LYS A C   1 
ATOM   89  O O   . LYS A 1 14 ? 1.782   -1.296  -1.922  1.00 11.80 ? 14  LYS A O   1 
ATOM   90  C CB  . LYS A 1 14 ? 3.484   -2.156  0.633   1.00 12.10 ? 14  LYS A CB  1 
ATOM   91  C CG  . LYS A 1 14 ? 3.999   -0.847  1.216   1.00 12.92 ? 14  LYS A CG  1 
ATOM   92  C CD  . LYS A 1 14 ? 5.154   -1.043  2.182   1.00 20.18 ? 14  LYS A CD  1 
ATOM   93  C CE  . LYS A 1 14 ? 6.468   -1.012  1.470   1.00 22.95 ? 14  LYS A CE  1 
ATOM   94  N NZ  . LYS A 1 14 ? 7.585   -1.253  2.423   1.00 23.91 ? 14  LYS A NZ  1 
ATOM   95  N N   . GLY A 1 15 ? 1.291   0.121   -0.244  1.00 7.88  ? 15  GLY A N   1 
ATOM   96  C CA  . GLY A 1 15 ? 0.985   1.218   -1.127  1.00 8.42  ? 15  GLY A CA  1 
ATOM   97  C C   . GLY A 1 15 ? 2.188   1.649   -1.947  1.00 10.43 ? 15  GLY A C   1 
ATOM   98  O O   . GLY A 1 15 ? 3.341   1.304   -1.645  1.00 13.11 ? 15  GLY A O   1 
ATOM   99  N N   . PRO A 1 16 ? 1.949   2.425   -3.002  1.00 9.45  ? 16  PRO A N   1 
ATOM   100 C CA  . PRO A 1 16 ? 3.060   2.947   -3.801  1.00 11.39 ? 16  PRO A CA  1 
ATOM   101 C C   . PRO A 1 16 ? 3.878   3.935   -2.999  1.00 11.37 ? 16  PRO A C   1 
ATOM   102 O O   . PRO A 1 16 ? 3.394   4.552   -2.047  1.00 10.96 ? 16  PRO A O   1 
ATOM   103 C CB  . PRO A 1 16 ? 2.362   3.636   -4.978  1.00 12.12 ? 16  PRO A CB  1 
ATOM   104 C CG  . PRO A 1 16 ? 1.049   4.060   -4.413  1.00 10.83 ? 16  PRO A CG  1 
ATOM   105 C CD  . PRO A 1 16 ? 0.647   2.977   -3.423  1.00 9.76  ? 16  PRO A CD  1 
ATOM   106 N N   . ALA A 1 17 ? 5.144   4.072   -3.383  1.00 11.84 ? 17  ALA A N   1 
ATOM   107 C CA  . ALA A 1 17 ? 5.974   5.106   -2.777  1.00 12.38 ? 17  ALA A CA  1 
ATOM   108 C C   . ALA A 1 17 ? 5.414   6.484   -3.101  1.00 12.80 ? 17  ALA A C   1 
ATOM   109 O O   . ALA A 1 17 ? 4.764   6.694   -4.127  1.00 12.73 ? 17  ALA A O   1 
ATOM   110 C CB  . ALA A 1 17 ? 7.417   4.989   -3.259  1.00 16.87 ? 17  ALA A CB  1 
ATOM   111 N N   . GLY A 1 18 ? 5.672   7.436   -2.213  1.00 10.99 ? 18  GLY A N   1 
ATOM   112 C CA  . GLY A 1 18 ? 5.218   8.788   -2.457  1.00 11.25 ? 18  GLY A CA  1 
ATOM   113 C C   . GLY A 1 18 ? 5.909   9.413   -3.656  1.00 11.71 ? 18  GLY A C   1 
ATOM   114 O O   . GLY A 1 18 ? 6.936   8.937   -4.157  1.00 12.71 ? 18  GLY A O   1 
ATOM   115 N N   . GLU A 1 19 ? 5.327   10.510  -4.129  1.00 12.70 ? 19  GLU A N   1 
ATOM   116 C CA  . GLU A 1 19 ? 5.930   11.234  -5.238  1.00 15.19 ? 19  GLU A CA  1 
ATOM   117 C C   . GLU A 1 19 ? 7.222   11.925  -4.798  1.00 13.93 ? 19  GLU A C   1 
ATOM   118 O O   . GLU A 1 19 ? 7.484   12.136  -3.610  1.00 11.50 ? 19  GLU A O   1 
ATOM   119 C CB  . GLU A 1 19 ? 4.963   12.273  -5.806  1.00 20.04 ? 19  GLU A CB  1 
ATOM   120 C CG  . GLU A 1 19 ? 3.624   11.718  -6.265  1.00 23.17 ? 19  GLU A CG  1 
ATOM   121 C CD  . GLU A 1 19 ? 3.716   10.936  -7.554  0.00 25.06 ? 19  GLU A CD  1 
ATOM   122 O OE1 . GLU A 1 19 ? 3.584   9.694   -7.507  1.00 35.19 ? 19  GLU A OE1 1 
ATOM   123 O OE2 . GLU A 1 19 ? 3.918   11.571  -8.612  0.52 29.42 ? 19  GLU A OE2 1 
ATOM   124 N N   . ARG A 1 20 ? 8.035   12.267  -5.793  1.00 11.82 ? 20  ARG A N   1 
ATOM   125 C CA  . ARG A 1 20 ? 9.271   12.992  -5.551  1.00 10.86 ? 20  ARG A CA  1 
ATOM   126 C C   . ARG A 1 20 ? 8.968   14.351  -4.926  1.00 12.69 ? 20  ARG A C   1 
ATOM   127 O O   . ARG A 1 20 ? 7.925   14.957  -5.183  1.00 12.88 ? 20  ARG A O   1 
ATOM   128 C CB  . ARG A 1 20 ? 10.035  13.163  -6.870  1.00 11.55 ? 20  ARG A CB  1 
ATOM   129 C CG  . ARG A 1 20 ? 11.413  13.734  -6.693  1.00 13.24 ? 20  ARG A CG  1 
ATOM   130 C CD  . ARG A 1 20 ? 12.189  13.910  -7.984  1.00 18.32 ? 20  ARG A CD  1 
ATOM   131 N NE  . ARG A 1 20 ? 13.617  14.108  -7.702  0.89 10.58 ? 20  ARG A NE  1 
ATOM   132 C CZ  . ARG A 1 20 ? 14.505  14.561  -8.584  0.38 10.56 ? 20  ARG A CZ  1 
ATOM   133 N NH1 . ARG A 1 20 ? 14.135  14.882  -9.824  1.00 13.76 ? 20  ARG A NH1 1 
ATOM   134 N NH2 . ARG A 1 20 ? 15.774  14.685  -8.223  1.00 15.60 ? 20  ARG A NH2 1 
ATOM   135 N N   . GLY A 1 21 ? 9.884   14.820  -4.080  1.00 8.31  ? 21  GLY A N   1 
ATOM   136 C CA  . GLY A 1 21 ? 9.748   16.125  -3.476  1.00 11.08 ? 21  GLY A CA  1 
ATOM   137 C C   . GLY A 1 21 ? 9.872   17.257  -4.482  1.00 9.46  ? 21  GLY A C   1 
ATOM   138 O O   . GLY A 1 21 ? 10.198  17.048  -5.658  1.00 11.35 ? 21  GLY A O   1 
ATOM   139 N N   . PRO A 1 22 ? 9.580   18.494  -4.041  1.00 11.85 ? 22  PRO A N   1 
ATOM   140 C CA  . PRO A 1 22 ? 9.707   19.699  -4.878  1.00 14.60 ? 22  PRO A CA  1 
ATOM   141 C C   . PRO A 1 22 ? 11.141  20.137  -5.097  1.00 11.42 ? 22  PRO A C   1 
ATOM   142 O O   . PRO A 1 22 ? 12.018  19.663  -4.382  1.00 9.00  ? 22  PRO A O   1 
ATOM   143 C CB  . PRO A 1 22 ? 8.967   20.762  -4.069  1.00 14.36 ? 22  PRO A CB  1 
ATOM   144 C CG  . PRO A 1 22 ? 9.147   20.318  -2.656  1.00 15.36 ? 22  PRO A CG  1 
ATOM   145 C CD  . PRO A 1 22 ? 9.155   18.817  -2.669  1.00 13.21 ? 22  PRO A CD  1 
HETATM 146 N N   . HYP A 1 23 ? 11.365  21.031  -6.055  1.00 11.44 ? 23  HYP A N   1 
HETATM 147 C CA  . HYP A 1 23 ? 12.679  21.636  -6.190  1.00 11.23 ? 23  HYP A CA  1 
HETATM 148 C C   . HYP A 1 23 ? 13.149  22.245  -4.883  1.00 11.39 ? 23  HYP A C   1 
HETATM 149 O O   . HYP A 1 23 ? 12.352  22.722  -4.078  1.00 11.01 ? 23  HYP A O   1 
HETATM 150 C CB  . HYP A 1 23 ? 12.583  22.697  -7.274  1.00 13.84 ? 23  HYP A CB  1 
HETATM 151 C CG  . HYP A 1 23 ? 11.396  22.263  -8.096  1.00 13.58 ? 23  HYP A CG  1 
HETATM 152 C CD  . HYP A 1 23 ? 10.479  21.495  -7.151  1.00 15.88 ? 23  HYP A CD  1 
HETATM 153 O OD1 . HYP A 1 23 ? 11.888  21.364  -9.060  0.65 19.44 ? 23  HYP A OD1 1 
ATOM   154 N N   . GLY A 1 24 ? 14.456  22.225  -4.676  1.00 9.21  ? 24  GLY A N   1 
ATOM   155 C CA  . GLY A 1 24 ? 15.018  22.905  -3.535  1.00 8.50  ? 24  GLY A CA  1 
ATOM   156 C C   . GLY A 1 24 ? 14.913  24.413  -3.661  1.00 8.65  ? 24  GLY A C   1 
ATOM   157 O O   . GLY A 1 24 ? 14.414  24.932  -4.655  1.00 9.66  ? 24  GLY A O   1 
ATOM   158 N N   . PRO A 1 25 ? 15.393  25.127  -2.640  1.00 11.62 ? 25  PRO A N   1 
ATOM   159 C CA  . PRO A 1 25 ? 15.428  26.592  -2.649  1.00 10.83 ? 25  PRO A CA  1 
ATOM   160 C C   . PRO A 1 25 ? 16.237  27.150  -3.815  1.00 13.66 ? 25  PRO A C   1 
ATOM   161 O O   . PRO A 1 25 ? 17.158  26.502  -4.298  1.00 10.99 ? 25  PRO A O   1 
ATOM   162 C CB  . PRO A 1 25 ? 16.109  26.931  -1.315  1.00 10.30 ? 25  PRO A CB  1 
ATOM   163 C CG  . PRO A 1 25 ? 15.933  25.732  -0.475  1.00 13.46 ? 25  PRO A CG  1 
ATOM   164 C CD  . PRO A 1 25 ? 15.965  24.572  -1.403  1.00 9.12  ? 25  PRO A CD  1 
HETATM 165 N N   . HYP A 1 26 ? 15.893  28.347  -4.258  1.00 11.02 ? 26  HYP A N   1 
HETATM 166 C CA  . HYP A 1 26 ? 16.755  29.067  -5.180  1.00 12.31 ? 26  HYP A CA  1 
HETATM 167 C C   . HYP A 1 26 ? 18.154  29.231  -4.607  1.00 14.06 ? 26  HYP A C   1 
HETATM 168 O O   . HYP A 1 26 ? 18.314  29.371  -3.391  1.00 13.62 ? 26  HYP A O   1 
HETATM 169 C CB  . HYP A 1 26 ? 16.088  30.409  -5.442  1.00 13.22 ? 26  HYP A CB  1 
HETATM 170 C CG  . HYP A 1 26 ? 14.682  30.228  -4.908  1.00 13.45 ? 26  HYP A CG  1 
HETATM 171 C CD  . HYP A 1 26 ? 14.800  29.217  -3.775  1.00 11.31 ? 26  HYP A CD  1 
HETATM 172 O OD1 . HYP A 1 26 ? 13.908  29.635  -5.935  1.00 20.69 ? 26  HYP A OD1 1 
ATOM   173 N N   . GLY A 1 27 ? 19.151  29.190  -5.482  1.00 11.60 ? 27  GLY A N   1 
ATOM   174 C CA  . GLY A 1 27 ? 20.517  29.443  -5.075  1.00 16.17 ? 27  GLY A CA  1 
ATOM   175 C C   . GLY A 1 27 ? 20.593  30.736  -4.299  1.00 18.64 ? 27  GLY A C   1 
ATOM   176 O O   . GLY A 1 27 ? 19.966  31.722  -4.684  1.00 16.98 ? 27  GLY A O   1 
ATOM   177 N N   . PRO A 1 28 ? 21.323  30.722  -3.171  0.81 17.79 ? 28  PRO A N   1 
ATOM   178 C CA  . PRO A 1 28 ? 21.556  31.902  -2.334  1.00 26.51 ? 28  PRO A CA  1 
ATOM   179 C C   . PRO A 1 28 ? 22.652  32.778  -2.911  1.00 22.15 ? 28  PRO A C   1 
ATOM   180 O O   . PRO A 1 28 ? 23.404  32.301  -3.756  1.00 21.13 ? 28  PRO A O   1 
ATOM   181 C CB  . PRO A 1 28 ? 21.993  31.300  -0.998  1.00 27.64 ? 28  PRO A CB  1 
ATOM   182 C CG  . PRO A 1 28 ? 22.673  30.024  -1.384  1.00 23.06 ? 28  PRO A CG  1 
ATOM   183 C CD  . PRO A 1 28 ? 21.923  29.507  -2.593  0.37 17.20 ? 28  PRO A CD  1 
HETATM 184 N N   . HYP A 1 29 ? 22.744  34.023  -2.467  1.00 23.55 ? 29  HYP A N   1 
HETATM 185 C CA  . HYP A 1 29 ? 23.791  34.910  -2.945  1.00 26.60 ? 29  HYP A CA  1 
HETATM 186 C C   . HYP A 1 29 ? 25.179  34.514  -2.429  1.00 27.48 ? 29  HYP A C   1 
HETATM 187 O O   . HYP A 1 29 ? 25.915  33.798  -3.114  1.00 28.43 ? 29  HYP A O   1 
HETATM 188 C CB  . HYP A 1 29 ? 23.399  36.318  -2.512  0.56 28.63 ? 29  HYP A CB  1 
HETATM 189 C CG  . HYP A 1 29 ? 21.948  36.228  -2.070  0.26 26.31 ? 29  HYP A CG  1 
HETATM 190 C CD  . HYP A 1 29 ? 21.612  34.759  -1.863  0.76 26.26 ? 29  HYP A CD  1 
HETATM 191 O OD1 . HYP A 1 29 ? 21.120  36.709  -3.103  1.00 27.93 ? 29  HYP A OD1 1 
ATOM   192 N N   . PRO B 1 1  ? -22.871 -34.902 8.023   0.40 38.17 ? 1   PRO B N   1 
ATOM   193 C CA  . PRO B 1 1  ? -21.787 -34.130 8.629   0.72 34.21 ? 1   PRO B CA  1 
ATOM   194 C C   . PRO B 1 1  ? -21.517 -32.833 7.883   1.00 34.82 ? 1   PRO B C   1 
ATOM   195 O O   . PRO B 1 1  ? -21.538 -32.825 6.649   1.00 34.04 ? 1   PRO B O   1 
ATOM   196 C CB  . PRO B 1 1  ? -20.587 -35.073 8.516   0.39 36.39 ? 1   PRO B CB  1 
ATOM   197 C CG  . PRO B 1 1  ? -20.912 -35.984 7.335   1.00 36.00 ? 1   PRO B CG  1 
ATOM   198 C CD  . PRO B 1 1  ? -22.372 -35.816 6.984   1.00 38.76 ? 1   PRO B CD  1 
HETATM 199 N N   . HYP B 1 2  ? -21.273 -31.753 8.618   0.58 27.91 ? 2   HYP B N   1 
HETATM 200 C CA  . HYP B 1 2  ? -20.909 -30.492 8.003   1.00 27.67 ? 2   HYP B CA  1 
HETATM 201 C C   . HYP B 1 2  ? -19.766 -30.666 6.994   1.00 30.77 ? 2   HYP B C   1 
HETATM 202 O O   . HYP B 1 2  ? -18.901 -31.534 7.145   1.00 27.84 ? 2   HYP B O   1 
HETATM 203 C CB  . HYP B 1 2  ? -20.562 -29.535 9.139   1.00 31.58 ? 2   HYP B CB  1 
HETATM 204 C CG  . HYP B 1 2  ? -21.077 -30.194 10.410  1.00 34.10 ? 2   HYP B CG  1 
HETATM 205 C CD  . HYP B 1 2  ? -21.376 -31.654 10.088  1.00 36.48 ? 2   HYP B CD  1 
HETATM 206 O OD1 . HYP B 1 2  ? -22.281 -29.581 10.820  1.00 38.50 ? 2   HYP B OD1 1 
ATOM   207 N N   . GLY B 1 3  ? -19.804 -29.854 5.944   1.00 29.73 ? 3   GLY B N   1 
ATOM   208 C CA  . GLY B 1 3  ? -18.880 -29.993 4.838   1.00 19.66 ? 3   GLY B CA  1 
ATOM   209 C C   . GLY B 1 3  ? -17.554 -29.354 5.151   1.00 21.88 ? 3   GLY B C   1 
ATOM   210 O O   . GLY B 1 3  ? -17.293 -29.000 6.302   1.00 22.39 ? 3   GLY B O   1 
ATOM   211 N N   . PRO B 1 4  ? -16.708 -29.209 4.130   1.00 17.28 ? 4   PRO B N   1 
ATOM   212 C CA  . PRO B 1 4  ? -15.375 -28.639 4.344   1.00 16.43 ? 4   PRO B CA  1 
ATOM   213 C C   . PRO B 1 4  ? -15.395 -27.134 4.582   1.00 19.62 ? 4   PRO B C   1 
ATOM   214 O O   . PRO B 1 4  ? -16.403 -26.467 4.339   1.00 14.41 ? 4   PRO B O   1 
ATOM   215 C CB  . PRO B 1 4  ? -14.647 -28.976 3.042   1.00 20.52 ? 4   PRO B CB  1 
ATOM   216 C CG  . PRO B 1 4  ? -15.711 -29.027 2.035   1.00 21.19 ? 4   PRO B CG  1 
ATOM   217 C CD  . PRO B 1 4  ? -16.925 -29.581 2.722   1.00 19.80 ? 4   PRO B CD  1 
HETATM 218 N N   . HYP B 1 5  ? -14.280 -26.602 5.067   1.00 16.56 ? 5   HYP B N   1 
HETATM 219 C CA  . HYP B 1 5  ? -14.181 -25.164 5.223   1.00 13.03 ? 5   HYP B CA  1 
HETATM 220 C C   . HYP B 1 5  ? -14.362 -24.443 3.879   1.00 14.15 ? 5   HYP B C   1 
HETATM 221 O O   . HYP B 1 5  ? -14.049 -24.979 2.806   1.00 12.91 ? 5   HYP B O   1 
HETATM 222 C CB  . HYP B 1 5  ? -12.833 -24.878 5.864   1.00 17.00 ? 5   HYP B CB  1 
HETATM 223 C CG  . HYP B 1 5  ? -12.382 -26.220 6.400   1.00 19.76 ? 5   HYP B CG  1 
HETATM 224 C CD  . HYP B 1 5  ? -13.060 -27.284 5.556   1.00 17.67 ? 5   HYP B CD  1 
HETATM 225 O OD1 . HYP B 1 5  ? -12.907 -26.361 7.696   1.00 29.35 ? 5   HYP B OD1 1 
ATOM   226 N N   . GLY B 1 6  ? -14.907 -23.236 3.947   1.00 11.19 ? 6   GLY B N   1 
ATOM   227 C CA  . GLY B 1 6  ? -15.100 -22.428 2.762   1.00 10.65 ? 6   GLY B CA  1 
ATOM   228 C C   . GLY B 1 6  ? -13.814 -21.943 2.134   1.00 10.89 ? 6   GLY B C   1 
ATOM   229 O O   . GLY B 1 6  ? -12.719 -22.161 2.668   1.00 10.05 ? 6   GLY B O   1 
ATOM   230 N N   . PRO B 1 7  ? -13.940 -21.300 0.972   1.00 9.61  ? 7   PRO B N   1 
ATOM   231 C CA  . PRO B 1 7  ? -12.784 -20.709 0.296   1.00 10.78 ? 7   PRO B CA  1 
ATOM   232 C C   . PRO B 1 7  ? -12.092 -19.660 1.166   1.00 10.17 ? 7   PRO B C   1 
ATOM   233 O O   . PRO B 1 7  ? -12.726 -19.077 2.046   1.00 7.78  ? 7   PRO B O   1 
ATOM   234 C CB  . PRO B 1 7  ? -13.401 -20.058 -0.957  1.00 10.99 ? 7   PRO B CB  1 
ATOM   235 C CG  . PRO B 1 7  ? -14.709 -20.780 -1.165  1.00 10.88 ? 7   PRO B CG  1 
ATOM   236 C CD  . PRO B 1 7  ? -15.193 -21.109 0.226   1.00 11.40 ? 7   PRO B CD  1 
HETATM 237 N N   . HYP B 1 8  ? -10.803 -19.430 0.944   1.00 7.96  ? 8   HYP B N   1 
HETATM 238 C CA  . HYP B 1 8  ? -10.130 -18.302 1.567   1.00 8.28  ? 8   HYP B CA  1 
HETATM 239 C C   . HYP B 1 8  ? -10.814 -16.983 1.202   1.00 6.90  ? 8   HYP B C   1 
HETATM 240 O O   . HYP B 1 8  ? -11.426 -16.880 0.143   1.00 6.72  ? 8   HYP B O   1 
HETATM 241 C CB  . HYP B 1 8  ? -8.692  -18.372 1.085   1.00 8.75  ? 8   HYP B CB  1 
HETATM 242 C CG  . HYP B 1 8  ? -8.555  -19.757 0.485   1.00 10.57 ? 8   HYP B CG  1 
HETATM 243 C CD  . HYP B 1 8  ? -9.930  -20.117 -0.029  1.00 12.67 ? 8   HYP B CD  1 
HETATM 244 O OD1 . HYP B 1 8  ? -8.288  -20.661 1.538   1.00 16.65 ? 8   HYP B OD1 1 
ATOM   245 N N   . GLY B 1 9  ? -10.747 -15.997 2.094   1.00 6.10  ? 9   GLY B N   1 
ATOM   246 C CA  . GLY B 1 9  ? -11.269 -14.678 1.769   1.00 5.79  ? 9   GLY B CA  1 
ATOM   247 C C   . GLY B 1 9  ? -10.501 -14.064 0.602   1.00 7.42  ? 9   GLY B C   1 
ATOM   248 O O   . GLY B 1 9  ? -9.386  -14.506 0.257   1.00 7.75  ? 9   GLY B O   1 
ATOM   249 N N   . ILE B 1 10 ? -11.084 -13.055 -0.033  1.00 5.59  ? 10  ILE B N   1 
ATOM   250 C CA  . ILE B 1 10 ? -10.367 -12.387 -1.127  1.00 5.60  ? 10  ILE B CA  1 
ATOM   251 C C   . ILE B 1 10 ? -9.193  -11.603 -0.540  1.00 6.43  ? 10  ILE B C   1 
ATOM   252 O O   . ILE B 1 10 ? -9.189  -11.280 0.661   1.00 6.15  ? 10  ILE B O   1 
ATOM   253 C CB  . ILE B 1 10 ? -11.295 -11.479 -1.947  1.00 6.91  ? 10  ILE B CB  1 
ATOM   254 C CG1 . ILE B 1 10 ? -11.889 -10.395 -1.067  1.00 6.99  ? 10  ILE B CG1 1 
ATOM   255 C CG2 . ILE B 1 10 ? -12.382 -12.310 -2.630  1.00 10.43 ? 10  ILE B CG2 1 
ATOM   256 C CD1 . ILE B 1 10 ? -12.635 -9.317  -1.834  1.00 11.00 ? 10  ILE B CD1 1 
ATOM   257 N N   . PRO B 1 11 ? -8.184  -11.269 -1.346  1.00 5.52  ? 11  PRO B N   1 
ATOM   258 C CA  . PRO B 1 11 ? -7.067  -10.455 -0.840  1.00 7.16  ? 11  PRO B CA  1 
ATOM   259 C C   . PRO B 1 11 ? -7.558  -9.082  -0.404  1.00 5.51  ? 11  PRO B C   1 
ATOM   260 O O   . PRO B 1 11 ? -8.580  -8.575  -0.879  1.00 5.76  ? 11  PRO B O   1 
ATOM   261 C CB  . PRO B 1 11 ? -6.123  -10.347 -2.046  1.00 10.45 ? 11  PRO B CB  1 
ATOM   262 C CG  . PRO B 1 11 ? -6.466  -11.510 -2.896  1.00 8.72  ? 11  PRO B CG  1 
ATOM   263 C CD  . PRO B 1 11 ? -7.938  -11.776 -2.708  1.00 8.98  ? 11  PRO B CD  1 
ATOM   264 N N   . GLY B 1 12 ? -6.833  -8.484  0.523   1.00 5.06  ? 12  GLY B N   1 
ATOM   265 C CA  . GLY B 1 12 ? -7.125  -7.116  0.898   1.00 6.19  ? 12  GLY B CA  1 
ATOM   266 C C   . GLY B 1 12 ? -6.687  -6.137  -0.174  1.00 5.43  ? 12  GLY B C   1 
ATOM   267 O O   . GLY B 1 12 ? -5.990  -6.478  -1.132  1.00 8.39  ? 12  GLY B O   1 
ATOM   268 N N   . GLU B 1 13 ? -7.096  -4.887  0.018   1.00 5.81  ? 13  GLU B N   1 
ATOM   269 C CA  . GLU B 1 13 ? -6.786  -3.848  -0.957  1.00 5.89  ? 13  GLU B CA  1 
ATOM   270 C C   . GLU B 1 13 ? -5.372  -3.297  -0.760  1.00 6.27  ? 13  GLU B C   1 
ATOM   271 O O   . GLU B 1 13 ? -4.731  -3.471  0.281   1.00 6.31  ? 13  GLU B O   1 
ATOM   272 C CB  . GLU B 1 13 ? -7.772  -2.694  -0.858  1.00 11.24 ? 13  GLU B CB  1 
ATOM   273 C CG  . GLU B 1 13 ? -9.207  -3.111  -1.041  1.00 13.73 ? 13  GLU B CG  1 
ATOM   274 C CD  . GLU B 1 13 ? -10.164 -1.940  -1.014  1.00 23.68 ? 13  GLU B CD  1 
ATOM   275 O OE1 . GLU B 1 13 ? -10.360 -1.309  -2.079  1.00 22.52 ? 13  GLU B OE1 1 
ATOM   276 O OE2 . GLU B 1 13 ? -10.706 -1.638  0.070   0.38 19.99 ? 13  GLU B OE2 1 
ATOM   277 N N   . LYS B 1 14 ? -4.898  -2.612  -1.788  1.00 7.47  ? 14  LYS B N   1 
ATOM   278 C CA  . LYS B 1 14 ? -3.586  -1.987  -1.726  1.00 8.44  ? 14  LYS B CA  1 
ATOM   279 C C   . LYS B 1 14 ? -3.581  -0.842  -0.723  1.00 8.10  ? 14  LYS B C   1 
ATOM   280 O O   . LYS B 1 14 ? -4.571  -0.115  -0.579  1.00 9.60  ? 14  LYS B O   1 
ATOM   281 C CB  . LYS B 1 14 ? -3.191  -1.466  -3.104  1.00 9.43  ? 14  LYS B CB  1 
ATOM   282 C CG  . LYS B 1 14 ? -1.784  -0.911  -3.219  1.00 9.87  ? 14  LYS B CG  1 
ATOM   283 C CD  . LYS B 1 14 ? -1.438  -0.588  -4.670  1.00 13.85 ? 14  LYS B CD  1 
ATOM   284 C CE  . LYS B 1 14 ? 0.050   -0.393  -4.857  0.36 7.93  ? 14  LYS B CE  1 
ATOM   285 N NZ  . LYS B 1 14 ? 0.810   -1.670  -5.014  1.00 18.28 ? 14  LYS B NZ  1 
ATOM   286 N N   . GLY B 1 15 ? -2.444  -0.674  -0.043  1.00 7.57  ? 15  GLY B N   1 
ATOM   287 C CA  . GLY B 1 15 ? -2.295  0.350   0.964   1.00 8.54  ? 15  GLY B CA  1 
ATOM   288 C C   . GLY B 1 15 ? -2.233  1.764   0.406   1.00 8.86  ? 15  GLY B C   1 
ATOM   289 O O   . GLY B 1 15 ? -2.122  1.976   -0.807  1.00 9.11  ? 15  GLY B O   1 
ATOM   290 N N   . PRO B 1 16 ? -2.318  2.760   1.293   1.00 10.06 ? 16  PRO B N   1 
ATOM   291 C CA  . PRO B 1 16 ? -2.212  4.162   0.858   1.00 10.64 ? 16  PRO B CA  1 
ATOM   292 C C   . PRO B 1 16 ? -0.829  4.503   0.312   1.00 12.93 ? 16  PRO B C   1 
ATOM   293 O O   . PRO B 1 16 ? 0.182   3.876   0.635   1.00 10.93 ? 16  PRO B O   1 
ATOM   294 C CB  . PRO B 1 16 ? -2.485  4.960   2.139   1.00 16.35 ? 16  PRO B CB  1 
ATOM   295 C CG  . PRO B 1 16 ? -3.077  3.997   3.097   1.00 23.27 ? 16  PRO B CG  1 
ATOM   296 C CD  . PRO B 1 16 ? -2.510  2.651   2.747   1.00 12.38 ? 16  PRO B CD  1 
ATOM   297 N N   . ALA B 1 17 ? -0.799  5.545   -0.514  1.00 11.90 ? 17  ALA B N   1 
ATOM   298 C CA  . ALA B 1 17 ? 0.458   6.075   -1.008  1.00 11.47 ? 17  ALA B CA  1 
ATOM   299 C C   . ALA B 1 17 ? 1.302   6.609   0.142   0.86 12.41 ? 17  ALA B C   1 
ATOM   300 O O   . ALA B 1 17 ? 0.789   7.111   1.152   1.00 12.24 ? 17  ALA B O   1 
ATOM   301 C CB  . ALA B 1 17 ? 0.198   7.186   -2.030  1.00 11.30 ? 17  ALA B CB  1 
ATOM   302 N N   . GLY B 1 18 ? 2.617   6.508   -0.025  1.00 9.81  ? 18  GLY B N   1 
ATOM   303 C CA  . GLY B 1 18 ? 3.526   7.112   0.916   1.00 10.87 ? 18  GLY B CA  1 
ATOM   304 C C   . GLY B 1 18 ? 3.559   8.627   0.812   1.00 11.18 ? 18  GLY B C   1 
ATOM   305 O O   . GLY B 1 18 ? 2.976   9.257   -0.074  1.00 12.16 ? 18  GLY B O   1 
ATOM   306 N N   . GLU B 1 19 ? 4.284   9.218   1.749   1.00 13.18 ? 19  GLU B N   1 
ATOM   307 C CA  . GLU B 1 19 ? 4.406   10.664  1.827   1.00 12.80 ? 19  GLU B CA  1 
ATOM   308 C C   . GLU B 1 19 ? 5.324   11.215  0.726   1.00 10.47 ? 19  GLU B C   1 
ATOM   309 O O   . GLU B 1 19 ? 6.218   10.532  0.214   1.00 9.61  ? 19  GLU B O   1 
ATOM   310 C CB  . GLU B 1 19 ? 4.873   11.027  3.242   1.00 16.74 ? 19  GLU B CB  1 
ATOM   311 C CG  . GLU B 1 19 ? 5.845   12.147  3.449   1.00 26.64 ? 19  GLU B CG  1 
ATOM   312 C CD  . GLU B 1 19 ? 6.321   12.186  4.895   1.00 26.35 ? 19  GLU B CD  1 
ATOM   313 O OE1 . GLU B 1 19 ? 7.105   11.299  5.283   0.00 16.47 ? 19  GLU B OE1 1 
ATOM   314 O OE2 . GLU B 1 19 ? 5.889   13.095  5.646   1.00 33.90 ? 19  GLU B OE2 1 
ATOM   315 N N   . ARG B 1 20 ? 5.026   12.443  0.306   1.00 13.07 ? 20  ARG B N   1 
ATOM   316 C CA  . ARG B 1 20 ? 5.843   13.127  -0.695  1.00 12.72 ? 20  ARG B CA  1 
ATOM   317 C C   . ARG B 1 20 ? 7.259   13.284  -0.171  1.00 12.50 ? 20  ARG B C   1 
ATOM   318 O O   . ARG B 1 20 ? 7.473   13.446  1.031   1.00 12.26 ? 20  ARG B O   1 
ATOM   319 C CB  . ARG B 1 20 ? 5.238   14.496  -1.012  1.00 14.43 ? 20  ARG B CB  1 
ATOM   320 C CG  . ARG B 1 20 ? 6.050   15.320  -1.994  1.00 22.31 ? 20  ARG B CG  1 
ATOM   321 C CD  . ARG B 1 20 ? 5.128   16.075  -2.943  1.00 25.12 ? 20  ARG B CD  1 
ATOM   322 N NE  . ARG B 1 20 ? 5.856   16.824  -3.974  1.00 20.12 ? 20  ARG B NE  1 
ATOM   323 C CZ  . ARG B 1 20 ? 6.042   18.141  -3.971  1.00 27.66 ? 20  ARG B CZ  1 
ATOM   324 N NH1 . ARG B 1 20 ? 5.568   18.895  -2.983  1.00 30.61 ? 20  ARG B NH1 1 
ATOM   325 N NH2 . ARG B 1 20 ? 6.697   18.709  -4.968  0.00 16.45 ? 20  ARG B NH2 1 
ATOM   326 N N   . GLY B 1 21 ? 8.235   13.189  -1.065  1.00 9.98  ? 21  GLY B N   1 
ATOM   327 C CA  . GLY B 1 21 ? 9.615   13.297  -0.656  1.00 9.50  ? 21  GLY B CA  1 
ATOM   328 C C   . GLY B 1 21 ? 9.978   14.694  -0.194  1.00 11.96 ? 21  GLY B C   1 
ATOM   329 O O   . GLY B 1 21 ? 9.228   15.655  -0.382  1.00 13.93 ? 21  GLY B O   1 
ATOM   330 N N   . PRO B 1 22 ? 11.148  14.825  0.444   1.00 9.26  ? 22  PRO B N   1 
ATOM   331 C CA  . PRO B 1 22 ? 11.610  16.134  0.918   1.00 11.39 ? 22  PRO B CA  1 
ATOM   332 C C   . PRO B 1 22 ? 12.086  17.014  -0.220  1.00 12.64 ? 22  PRO B C   1 
ATOM   333 O O   . PRO B 1 22 ? 12.322  16.522  -1.323  1.00 10.84 ? 22  PRO B O   1 
ATOM   334 C CB  . PRO B 1 22 ? 12.761  15.779  1.864   1.00 18.09 ? 22  PRO B CB  1 
ATOM   335 C CG  . PRO B 1 22 ? 13.260  14.511  1.389   1.00 18.03 ? 22  PRO B CG  1 
ATOM   336 C CD  . PRO B 1 22 ? 12.070  13.745  0.844   1.00 10.79 ? 22  PRO B CD  1 
HETATM 337 N N   . HYP B 1 23 ? 12.212  18.307  0.050   1.00 12.53 ? 23  HYP B N   1 
HETATM 338 C CA  . HYP B 1 23 ? 12.760  19.238  -0.925  1.00 13.21 ? 23  HYP B CA  1 
HETATM 339 C C   . HYP B 1 23 ? 14.176  18.876  -1.334  1.00 11.38 ? 23  HYP B C   1 
HETATM 340 O O   . HYP B 1 23 ? 14.934  18.273  -0.558  1.00 11.21 ? 23  HYP B O   1 
HETATM 341 C CB  . HYP B 1 23 ? 12.698  20.618  -0.283  1.00 11.93 ? 23  HYP B CB  1 
HETATM 342 C CG  . HYP B 1 23 ? 11.686  20.464  0.838   1.00 13.57 ? 23  HYP B CG  1 
HETATM 343 C CD  . HYP B 1 23 ? 11.761  19.014  1.274   1.00 13.86 ? 23  HYP B CD  1 
HETATM 344 O OD1 . HYP B 1 23 ? 10.400  20.683  0.287   1.00 18.57 ? 23  HYP B OD1 1 
ATOM   345 N N   . GLY B 1 24 ? 14.526  19.240  -2.564  1.00 9.46  ? 24  GLY B N   1 
ATOM   346 C CA  . GLY B 1 24 ? 15.869  19.003  -3.050  1.00 9.91  ? 24  GLY B CA  1 
ATOM   347 C C   . GLY B 1 24 ? 16.862  19.995  -2.472  1.00 9.67  ? 24  GLY B C   1 
ATOM   348 O O   . GLY B 1 24 ? 16.504  20.864  -1.677  1.00 10.33 ? 24  GLY B O   1 
ATOM   349 N N   . PRO B 1 25 ? 18.124  19.862  -2.884  1.00 9.93  ? 25  PRO B N   1 
ATOM   350 C CA  . PRO B 1 25 ? 19.181  20.792  -2.483  1.00 9.80  ? 25  PRO B CA  1 
ATOM   351 C C   . PRO B 1 25 ? 18.974  22.200  -3.035  1.00 12.17 ? 25  PRO B C   1 
ATOM   352 O O   . PRO B 1 25 ? 18.254  22.397  -4.021  1.00 9.57  ? 25  PRO B O   1 
ATOM   353 C CB  . PRO B 1 25 ? 20.450  20.166  -3.089  1.00 11.43 ? 25  PRO B CB  1 
ATOM   354 C CG  . PRO B 1 25 ? 20.103  18.781  -3.421  1.00 10.30 ? 25  PRO B CG  1 
ATOM   355 C CD  . PRO B 1 25 ? 18.635  18.793  -3.758  1.00 9.68  ? 25  PRO B CD  1 
HETATM 356 N N   . HYP B 1 26 ? 19.624  23.178  -2.410  1.00 10.45 ? 26  HYP B N   1 
HETATM 357 C CA  . HYP B 1 26 ? 19.647  24.522  -2.970  1.00 11.02 ? 26  HYP B CA  1 
HETATM 358 C C   . HYP B 1 26 ? 20.187  24.545  -4.394  1.00 11.62 ? 26  HYP B C   1 
HETATM 359 O O   . HYP B 1 26 ? 21.023  23.716  -4.767  1.00 11.14 ? 26  HYP B O   1 
HETATM 360 C CB  . HYP B 1 26 ? 20.516  25.388  -2.062  1.00 13.74 ? 26  HYP B CB  1 
HETATM 361 C CG  . HYP B 1 26 ? 20.647  24.563  -0.802  1.00 15.79 ? 26  HYP B CG  1 
HETATM 362 C CD  . HYP B 1 26 ? 20.486  23.104  -1.201  1.00 11.42 ? 26  HYP B CD  1 
HETATM 363 O OD1 . HYP B 1 26 ? 19.532  24.923  -0.020  1.00 20.18 ? 26  HYP B OD1 1 
ATOM   364 N N   . GLY B 1 27 ? 19.695  25.490  -5.186  1.00 11.03 ? 27  GLY B N   1 
ATOM   365 C CA  . GLY B 1 27 ? 20.239  25.717  -6.509  1.00 11.92 ? 27  GLY B CA  1 
ATOM   366 C C   . GLY B 1 27 ? 21.611  26.370  -6.485  1.00 14.55 ? 27  GLY B C   1 
ATOM   367 O O   . GLY B 1 27 ? 22.128  26.743  -5.425  1.00 11.60 ? 27  GLY B O   1 
ATOM   368 N N   . PRO B 1 28 ? 22.212  26.509  -7.671  1.00 12.01 ? 28  PRO B N   1 
ATOM   369 C CA  . PRO B 1 28 ? 23.518  27.152  -7.838  1.00 17.49 ? 28  PRO B CA  1 
ATOM   370 C C   . PRO B 1 28 ? 23.507  28.588  -7.347  1.00 13.97 ? 28  PRO B C   1 
ATOM   371 O O   . PRO B 1 28 ? 22.513  29.280  -7.537  1.00 17.05 ? 28  PRO B O   1 
ATOM   372 C CB  . PRO B 1 28 ? 23.736  27.101  -9.358  1.00 14.91 ? 28  PRO B CB  1 
ATOM   373 C CG  . PRO B 1 28 ? 22.915  25.956  -9.813  1.00 15.28 ? 28  PRO B CG  1 
ATOM   374 C CD  . PRO B 1 28 ? 21.706  25.941  -8.934  1.00 12.82 ? 28  PRO B CD  1 
HETATM 375 N N   . HYP B 1 29 ? 24.594  29.034  -6.732  1.00 13.44 ? 29  HYP B N   1 
HETATM 376 C CA  . HYP B 1 29 ? 24.653  30.401  -6.244  1.00 15.18 ? 29  HYP B CA  1 
HETATM 377 C C   . HYP B 1 29 ? 24.513  31.388  -7.391  1.00 21.65 ? 29  HYP B C   1 
HETATM 378 O O   . HYP B 1 29 ? 24.992  31.132  -8.495  1.00 22.83 ? 29  HYP B O   1 
HETATM 379 C CB  . HYP B 1 29 ? 25.966  30.542  -5.494  1.00 20.06 ? 29  HYP B CB  1 
HETATM 380 C CG  . HYP B 1 29 ? 26.319  29.120  -5.122  1.00 19.82 ? 29  HYP B CG  1 
HETATM 381 C CD  . HYP B 1 29 ? 25.766  28.265  -6.260  1.00 16.37 ? 29  HYP B CD  1 
HETATM 382 O OD1 . HYP B 1 29 ? 25.633  28.786  -3.930  1.00 18.35 ? 29  HYP B OD1 1 
ATOM   383 N N   . GLY B 1 30 ? 23.829  32.494  -7.126  1.00 20.27 ? 30  GLY B N   1 
ATOM   384 C CA  . GLY B 1 30 ? 23.628  33.518  -8.131  1.00 23.99 ? 30  GLY B CA  1 
ATOM   385 C C   . GLY B 1 30 ? 24.509  34.723  -7.898  0.00 22.07 ? 30  GLY B C   1 
ATOM   386 O O   . GLY B 1 30 ? 24.769  35.480  -8.825  1.00 33.99 ? 30  GLY B O   1 
ATOM   387 N N   . PRO C 1 1  ? -25.992 -36.840 3.464   1.00 34.98 ? 1   PRO C N   1 
ATOM   388 C CA  . PRO C 1 1  ? -25.290 -36.533 2.214   1.00 35.06 ? 1   PRO C CA  1 
ATOM   389 C C   . PRO C 1 1  ? -24.067 -35.648 2.478   1.00 32.62 ? 1   PRO C C   1 
ATOM   390 O O   . PRO C 1 1  ? -23.943 -35.126 3.591   1.00 32.18 ? 1   PRO C O   1 
ATOM   391 C CB  . PRO C 1 1  ? -26.364 -35.820 1.378   0.87 35.12 ? 1   PRO C CB  1 
ATOM   392 C CG  . PRO C 1 1  ? -27.325 -35.273 2.356   0.00 32.04 ? 1   PRO C CG  1 
ATOM   393 C CD  . PRO C 1 1  ? -27.182 -35.996 3.661   1.00 35.10 ? 1   PRO C CD  1 
HETATM 394 N N   . HYP C 1 2  ? -23.169 -35.516 1.498   1.00 31.44 ? 2   HYP C N   1 
HETATM 395 C CA  . HYP C 1 2  ? -21.989 -34.675 1.656   1.00 33.48 ? 2   HYP C CA  1 
HETATM 396 C C   . HYP C 1 2  ? -22.343 -33.232 1.983   1.00 27.82 ? 2   HYP C C   1 
HETATM 397 O O   . HYP C 1 2  ? -23.125 -32.625 1.250   1.00 26.24 ? 2   HYP C O   1 
HETATM 398 C CB  . HYP C 1 2  ? -21.203 -34.744 0.356   0.91 26.23 ? 2   HYP C CB  1 
HETATM 399 C CG  . HYP C 1 2  ? -21.821 -35.871 -0.445  0.70 30.16 ? 2   HYP C CG  1 
HETATM 400 C CD  . HYP C 1 2  ? -23.181 -36.168 0.171   1.00 35.25 ? 2   HYP C CD  1 
HETATM 401 O OD1 . HYP C 1 2  ? -21.016 -37.011 -0.274  1.00 40.03 ? 2   HYP C OD1 1 
ATOM   402 N N   . GLY C 1 3  ? -21.779 -32.697 3.063   1.00 26.51 ? 3   GLY C N   1 
ATOM   403 C CA  . GLY C 1 3  ? -22.021 -31.309 3.420   0.72 18.17 ? 3   GLY C CA  1 
ATOM   404 C C   . GLY C 1 3  ? -21.432 -30.362 2.398   1.00 16.84 ? 3   GLY C C   1 
ATOM   405 O O   . GLY C 1 3  ? -20.339 -30.611 1.881   1.00 22.34 ? 3   GLY C O   1 
ATOM   406 N N   . PRO C 1 4  ? -22.147 -29.265 2.096   1.00 17.16 ? 4   PRO C N   1 
ATOM   407 C CA  . PRO C 1 4  ? -21.537 -28.272 1.208   1.00 14.87 ? 4   PRO C CA  1 
ATOM   408 C C   . PRO C 1 4  ? -20.382 -27.556 1.890   1.00 15.87 ? 4   PRO C C   1 
ATOM   409 O O   . PRO C 1 4  ? -20.311 -27.530 3.122   1.00 13.34 ? 4   PRO C O   1 
ATOM   410 C CB  . PRO C 1 4  ? -22.685 -27.295 0.920   1.00 19.52 ? 4   PRO C CB  1 
ATOM   411 C CG  . PRO C 1 4  ? -23.943 -28.004 1.356   1.00 17.23 ? 4   PRO C CG  1 
ATOM   412 C CD  . PRO C 1 4  ? -23.524 -28.904 2.471   1.00 18.42 ? 4   PRO C CD  1 
HETATM 413 N N   . HYP C 1 5  ? -19.487 -26.971 1.107   1.00 13.86 ? 5   HYP C N   1 
HETATM 414 C CA  . HYP C 1 5  ? -18.449 -26.144 1.685   1.00 11.73 ? 5   HYP C CA  1 
HETATM 415 C C   . HYP C 1 5  ? -19.029 -24.946 2.437   1.00 10.93 ? 5   HYP C C   1 
HETATM 416 O O   . HYP C 1 5  ? -20.110 -24.469 2.090   1.00 12.72 ? 5   HYP C O   1 
HETATM 417 C CB  . HYP C 1 5  ? -17.555 -25.693 0.541   1.00 11.32 ? 5   HYP C CB  1 
HETATM 418 C CG  . HYP C 1 5  ? -17.972 -26.560 -0.626  1.00 12.63 ? 5   HYP C CG  1 
HETATM 419 C CD  . HYP C 1 5  ? -19.424 -26.920 -0.372  1.00 14.14 ? 5   HYP C CD  1 
HETATM 420 O OD1 . HYP C 1 5  ? -17.218 -27.745 -0.532  1.00 17.56 ? 5   HYP C OD1 1 
ATOM   421 N N   . GLY C 1 6  ? -18.323 -24.489 3.470   1.00 11.27 ? 6   GLY C N   1 
ATOM   422 C CA  . GLY C 1 6  ? -18.709 -23.283 4.182   1.00 12.70 ? 6   GLY C CA  1 
ATOM   423 C C   . GLY C 1 6  ? -18.581 -22.023 3.341   1.00 8.36  ? 6   GLY C C   1 
ATOM   424 O O   . GLY C 1 6  ? -18.121 -22.064 2.200   1.00 10.62 ? 6   GLY C O   1 
ATOM   425 N N   . PRO C 1 7  ? -19.020 -20.892 3.881   1.00 7.94  ? 7   PRO C N   1 
ATOM   426 C CA  . PRO C 1 7  ? -18.919 -19.656 3.108   1.00 10.06 ? 7   PRO C CA  1 
ATOM   427 C C   . PRO C 1 7  ? -17.501 -19.141 2.999   1.00 8.01  ? 7   PRO C C   1 
ATOM   428 O O   . PRO C 1 7  ? -16.611 -19.590 3.714   1.00 6.60  ? 7   PRO C O   1 
ATOM   429 C CB  . PRO C 1 7  ? -19.793 -18.678 3.902   1.00 13.38 ? 7   PRO C CB  1 
ATOM   430 C CG  . PRO C 1 7  ? -19.789 -19.204 5.285   1.00 14.56 ? 7   PRO C CG  1 
ATOM   431 C CD  . PRO C 1 7  ? -19.725 -20.696 5.154   1.00 9.30  ? 7   PRO C CD  1 
HETATM 432 N N   . HYP C 1 8  ? -17.276 -18.188 2.110   1.00 6.32  ? 8   HYP C N   1 
HETATM 433 C CA  . HYP C 1 8  ? -15.954 -17.592 2.034   1.00 6.17  ? 8   HYP C CA  1 
HETATM 434 C C   . HYP C 1 8  ? -15.468 -16.968 3.350   1.00 5.91  ? 8   HYP C C   1 
HETATM 435 O O   . HYP C 1 8  ? -16.251 -16.469 4.153   1.00 7.20  ? 8   HYP C O   1 
HETATM 436 C CB  . HYP C 1 8  ? -16.049 -16.562 0.920   1.00 6.29  ? 8   HYP C CB  1 
HETATM 437 C CG  . HYP C 1 8  ? -17.211 -17.035 0.072   1.00 7.06  ? 8   HYP C CG  1 
HETATM 438 C CD  . HYP C 1 8  ? -18.170 -17.691 1.046   1.00 7.99  ? 8   HYP C CD  1 
HETATM 439 O OD1 . HYP C 1 8  ? -16.693 -18.045 -0.762  1.00 8.56  ? 8   HYP C OD1 1 
ATOM   440 N N   . GLY C 1 9  ? -14.150 -16.969 3.536   1.00 5.32  ? 9   GLY C N   1 
ATOM   441 C CA  . GLY C 1 9  ? -13.557 -16.273 4.664   1.00 5.57  ? 9   GLY C CA  1 
ATOM   442 C C   . GLY C 1 9  ? -13.662 -14.767 4.478   1.00 4.51  ? 9   GLY C C   1 
ATOM   443 O O   . GLY C 1 9  ? -14.076 -14.299 3.415   1.00 7.23  ? 9   GLY C O   1 
ATOM   444 N N   . ILE C 1 10 ? -13.282 -14.003 5.495   1.00 6.57  ? 10  ILE C N   1 
ATOM   445 C CA  . ILE C 1 10 ? -13.396 -12.552 5.362   1.00 7.44  ? 10  ILE C CA  1 
ATOM   446 C C   . ILE C 1 10 ? -12.221 -12.015 4.546   1.00 7.93  ? 10  ILE C C   1 
ATOM   447 O O   . ILE C 1 10 ? -11.129 -12.623 4.520   1.00 6.98  ? 10  ILE C O   1 
ATOM   448 C CB  . ILE C 1 10 ? -13.503 -11.867 6.728   1.00 13.71 ? 10  ILE C CB  1 
ATOM   449 C CG1 . ILE C 1 10 ? -12.208 -11.999 7.474   1.00 12.42 ? 10  ILE C CG1 1 
ATOM   450 C CG2 . ILE C 1 10 ? -14.644 -12.460 7.556   1.00 15.83 ? 10  ILE C CG2 1 
ATOM   451 C CD1 . ILE C 1 10 ? -12.179 -11.102 8.652   1.00 12.34 ? 10  ILE C CD1 1 
ATOM   452 N N   . PRO C 1 11 ? -12.419 -10.923 3.803   1.00 6.93  ? 11  PRO C N   1 
ATOM   453 C CA  . PRO C 1 11 ? -11.322 -10.348 3.017   1.00 5.26  ? 11  PRO C CA  1 
ATOM   454 C C   . PRO C 1 11 ? -10.121 -9.998  3.878   1.00 5.43  ? 11  PRO C C   1 
ATOM   455 O O   . PRO C 1 11 ? -10.247 -9.702  5.069   1.00 7.34  ? 11  PRO C O   1 
ATOM   456 C CB  . PRO C 1 11 ? -11.945 -9.082  2.417   1.00 8.75  ? 11  PRO C CB  1 
ATOM   457 C CG  . PRO C 1 11 ? -13.441 -9.381  2.368   1.00 7.91  ? 11  PRO C CG  1 
ATOM   458 C CD  . PRO C 1 11 ? -13.698 -10.205 3.601   1.00 5.64  ? 11  PRO C CD  1 
ATOM   459 N N   . GLY C 1 12 ? -8.953  -10.002 3.243   1.00 4.14  ? 12  GLY C N   1 
ATOM   460 C CA  . GLY C 1 12 ? -7.729  -9.650  3.935   1.00 5.33  ? 12  GLY C CA  1 
ATOM   461 C C   . GLY C 1 12 ? -7.665  -8.183  4.317   1.00 6.19  ? 12  GLY C C   1 
ATOM   462 O O   . GLY C 1 12 ? -8.437  -7.335  3.860   1.00 7.06  ? 12  GLY C O   1 
ATOM   463 N N   . GLU C 1 13 ? -6.711  -7.893  5.194   1.00 5.27  ? 13  GLU C N   1 
ATOM   464 C CA  . GLU C 1 13 ? -6.456  -6.509  5.570   1.00 5.52  ? 13  GLU C CA  1 
ATOM   465 C C   . GLU C 1 13 ? -5.761  -5.770  4.428   1.00 6.70  ? 13  GLU C C   1 
ATOM   466 O O   . GLU C 1 13 ? -5.146  -6.368  3.541   1.00 6.25  ? 13  GLU C O   1 
ATOM   467 C CB  . GLU C 1 13 ? -5.596  -6.433  6.835   1.00 7.52  ? 13  GLU C CB  1 
ATOM   468 C CG  . GLU C 1 13 ? -4.153  -6.855  6.631   1.00 7.08  ? 13  GLU C CG  1 
ATOM   469 C CD  . GLU C 1 13 ? -3.395  -6.876  7.945   0.59 7.41  ? 13  GLU C CD  1 
ATOM   470 O OE1 . GLU C 1 13 ? -3.882  -7.514  8.900   1.00 11.75 ? 13  GLU C OE1 1 
ATOM   471 O OE2 . GLU C 1 13 ? -2.322  -6.241  8.047   1.00 13.42 ? 13  GLU C OE2 1 
ATOM   472 N N   . LYS C 1 14 ? -5.853  -4.445  4.463   1.00 7.51  ? 14  LYS C N   1 
ATOM   473 C CA  . LYS C 1 14 ? -5.138  -3.653  3.471   1.00 7.08  ? 14  LYS C CA  1 
ATOM   474 C C   . LYS C 1 14 ? -3.640  -3.728  3.721   1.00 6.85  ? 14  LYS C C   1 
ATOM   475 O O   . LYS C 1 14 ? -3.174  -4.019  4.832   1.00 8.13  ? 14  LYS C O   1 
ATOM   476 C CB  . LYS C 1 14 ? -5.597  -2.196  3.506   1.00 10.10 ? 14  LYS C CB  1 
ATOM   477 C CG  . LYS C 1 14 ? -6.980  -1.972  2.904   1.00 19.16 ? 14  LYS C CG  1 
ATOM   478 C CD  . LYS C 1 14 ? -7.435  -0.536  3.156   1.00 21.14 ? 14  LYS C CD  1 
ATOM   479 C CE  . LYS C 1 14 ? -6.316  0.446   2.843   1.00 24.08 ? 14  LYS C CE  1 
ATOM   480 N NZ  . LYS C 1 14 ? -6.146  1.473   3.917   0.61 23.12 ? 14  LYS C NZ  1 
ATOM   481 N N   . GLY C 1 15 ? -2.879  -3.466  2.663   1.00 6.66  ? 15  GLY C N   1 
ATOM   482 C CA  . GLY C 1 15 ? -1.452  -3.272  2.815   1.00 7.42  ? 15  GLY C CA  1 
ATOM   483 C C   . GLY C 1 15 ? -1.127  -2.018  3.603   1.00 11.06 ? 15  GLY C C   1 
ATOM   484 O O   . GLY C 1 15 ? -1.952  -1.111  3.747   1.00 10.26 ? 15  GLY C O   1 
ATOM   485 N N   . PRO C 1 16 ? 0.096   -1.935  4.113   1.00 11.04 ? 16  PRO C N   1 
ATOM   486 C CA  . PRO C 1 16 ? 0.525   -0.717  4.804   1.00 9.62  ? 16  PRO C CA  1 
ATOM   487 C C   . PRO C 1 16 ? 0.747   0.399   3.800   1.00 10.91 ? 16  PRO C C   1 
ATOM   488 O O   . PRO C 1 16 ? 0.768   0.180   2.582   1.00 9.02  ? 16  PRO C O   1 
ATOM   489 C CB  . PRO C 1 16 ? 1.835   -1.136  5.472   1.00 11.81 ? 16  PRO C CB  1 
ATOM   490 C CG  . PRO C 1 16 ? 2.390   -2.177  4.546   1.00 13.12 ? 16  PRO C CG  1 
ATOM   491 C CD  . PRO C 1 16 ? 1.177   -2.938  4.047   1.00 11.44 ? 16  PRO C CD  1 
ATOM   492 N N   . ALA C 1 17 ? 0.941   1.611   4.335   1.00 8.82  ? 17  ALA C N   1 
ATOM   493 C CA  . ALA C 1 17 ? 1.268   2.748   3.481   1.00 10.34 ? 17  ALA C CA  1 
ATOM   494 C C   . ALA C 1 17 ? 2.628   2.546   2.811   1.00 11.53 ? 17  ALA C C   1 
ATOM   495 O O   . ALA C 1 17 ? 3.507   1.831   3.306   1.00 13.33 ? 17  ALA C O   1 
ATOM   496 C CB  . ALA C 1 17 ? 1.270   4.059   4.279   1.00 11.20 ? 17  ALA C CB  1 
ATOM   497 N N   . GLY C 1 18 ? 2.792   3.195   1.658   1.00 10.99 ? 18  GLY C N   1 
ATOM   498 C CA  . GLY C 1 18 ? 4.049   3.144   0.941   1.00 11.15 ? 18  GLY C CA  1 
ATOM   499 C C   . GLY C 1 18 ? 5.147   3.945   1.622   1.00 12.88 ? 18  GLY C C   1 
ATOM   500 O O   . GLY C 1 18 ? 4.923   4.667   2.594   1.00 12.49 ? 18  GLY C O   1 
ATOM   501 N N   . GLU C 1 19 ? 6.357   3.798   1.090   1.00 11.11 ? 19  GLU C N   1 
ATOM   502 C CA  . GLU C 1 19 ? 7.525   4.530   1.562   1.00 11.87 ? 19  GLU C CA  1 
ATOM   503 C C   . GLU C 1 19 ? 7.489   5.981   1.088   1.00 9.80  ? 19  GLU C C   1 
ATOM   504 O O   . GLU C 1 19 ? 6.787   6.335   0.144   1.00 9.70  ? 19  GLU C O   1 
ATOM   505 C CB  . GLU C 1 19 ? 8.810   3.855   1.069   1.00 11.04 ? 19  GLU C CB  1 
ATOM   506 C CG  . GLU C 1 19 ? 8.946   2.385   1.468   1.00 12.27 ? 19  GLU C CG  1 
ATOM   507 C CD  . GLU C 1 19 ? 8.836   2.161   2.974   1.00 13.51 ? 19  GLU C CD  1 
ATOM   508 O OE1 . GLU C 1 19 ? 8.212   1.152   3.375   1.00 22.46 ? 19  GLU C OE1 1 
ATOM   509 O OE2 . GLU C 1 19 ? 9.364   2.972   3.764   0.43 15.11 ? 19  GLU C OE2 1 
ATOM   510 N N   . ARG C 1 20 ? 8.253   6.831   1.764   1.00 8.67  ? 20  ARG C N   1 
ATOM   511 C CA  . ARG C 1 20 ? 8.343   8.226   1.353   1.00 8.80  ? 20  ARG C CA  1 
ATOM   512 C C   . ARG C 1 20 ? 9.048   8.330   0.003   1.00 10.93 ? 20  ARG C C   1 
ATOM   513 O O   . ARG C 1 20 ? 9.948   7.548   -0.313  1.00 9.87  ? 20  ARG C O   1 
ATOM   514 C CB  . ARG C 1 20 ? 9.089   9.049   2.412   1.00 11.00 ? 20  ARG C CB  1 
ATOM   515 C CG  . ARG C 1 20 ? 9.082   10.541  2.151   1.00 12.74 ? 20  ARG C CG  1 
ATOM   516 C CD  . ARG C 1 20 ? 9.637   11.366  3.297   1.00 11.77 ? 20  ARG C CD  1 
ATOM   517 N NE  . ARG C 1 20 ? 9.313   12.771  3.074   1.00 11.64 ? 20  ARG C NE  1 
ATOM   518 C CZ  . ARG C 1 20 ? 9.785   13.767  3.811   1.00 14.66 ? 20  ARG C CZ  1 
ATOM   519 N NH1 . ARG C 1 20 ? 10.601  13.503  4.826   1.00 19.16 ? 20  ARG C NH1 1 
ATOM   520 N NH2 . ARG C 1 20 ? 9.436   15.015  3.536   1.00 16.20 ? 20  ARG C NH2 1 
ATOM   521 N N   . GLY C 1 21 ? 8.626   9.304   -0.796  1.00 7.47  ? 21  GLY C N   1 
ATOM   522 C CA  . GLY C 1 21 ? 9.226   9.557   -2.082  1.00 9.98  ? 21  GLY C CA  1 
ATOM   523 C C   . GLY C 1 21 ? 10.634  10.091  -1.966  1.00 7.47  ? 21  GLY C C   1 
ATOM   524 O O   . GLY C 1 21 ? 11.112  10.461  -0.891  1.00 8.64  ? 21  GLY C O   1 
ATOM   525 N N   . PRO C 1 22 ? 11.346  10.112  -3.094  1.00 7.48  ? 22  PRO C N   1 
ATOM   526 C CA  . PRO C 1 22 ? 12.725  10.623  -3.091  1.00 8.82  ? 22  PRO C CA  1 
ATOM   527 C C   . PRO C 1 22 ? 12.778  12.147  -2.985  1.00 7.34  ? 22  PRO C C   1 
ATOM   528 O O   . PRO C 1 22 ? 11.786  12.845  -3.258  1.00 7.72  ? 22  PRO C O   1 
ATOM   529 C CB  . PRO C 1 22 ? 13.278  10.145  -4.438  1.00 9.88  ? 22  PRO C CB  1 
ATOM   530 C CG  . PRO C 1 22 ? 12.060  10.096  -5.319  1.00 9.67  ? 22  PRO C CG  1 
ATOM   531 C CD  . PRO C 1 22 ? 10.930  9.626   -4.422  1.00 10.62 ? 22  PRO C CD  1 
HETATM 532 N N   . HYP C 1 23 ? 13.929  12.663  -2.564  1.00 7.94  ? 23  HYP C N   1 
HETATM 533 C CA  . HYP C 1 23 ? 14.132  14.097  -2.566  1.00 7.39  ? 23  HYP C CA  1 
HETATM 534 C C   . HYP C 1 23 ? 13.879  14.733  -3.926  1.00 7.42  ? 23  HYP C C   1 
HETATM 535 O O   . HYP C 1 23 ? 14.141  14.111  -4.971  1.00 7.94  ? 23  HYP C O   1 
HETATM 536 C CB  . HYP C 1 23 ? 15.573  14.347  -2.136  1.00 8.98  ? 23  HYP C CB  1 
HETATM 537 C CG  . HYP C 1 23 ? 15.973  13.059  -1.455  1.00 15.48 ? 23  HYP C CG  1 
HETATM 538 C CD  . HYP C 1 23 ? 15.132  11.949  -2.065  1.00 10.33 ? 23  HYP C CD  1 
HETATM 539 O OD1 . HYP C 1 23 ? 15.549  13.169  -0.119  1.00 17.22 ? 23  HYP C OD1 1 
ATOM   540 N N   . GLY C 1 24 ? 13.395  15.974  -3.905  1.00 6.55  ? 24  GLY C N   1 
ATOM   541 C CA  . GLY C 1 24 ? 13.295  16.752  -5.124  1.00 8.56  ? 24  GLY C CA  1 
ATOM   542 C C   . GLY C 1 24 ? 14.635  17.074  -5.774  1.00 6.09  ? 24  GLY C C   1 
ATOM   543 O O   . GLY C 1 24 ? 15.692  16.764  -5.237  1.00 7.30  ? 24  GLY C O   1 
ATOM   544 N N   . PRO C 1 25 ? 14.594  17.646  -6.978  1.00 6.37  ? 25  PRO C N   1 
ATOM   545 C CA  . PRO C 1 25 ? 15.811  18.092  -7.656  1.00 7.02  ? 25  PRO C CA  1 
ATOM   546 C C   . PRO C 1 25 ? 16.403  19.363  -7.038  1.00 7.29  ? 25  PRO C C   1 
ATOM   547 O O   . PRO C 1 25 ? 15.744  20.029  -6.241  1.00 8.02  ? 25  PRO C O   1 
ATOM   548 C CB  . PRO C 1 25 ? 15.328  18.344  -9.091  1.00 9.27  ? 25  PRO C CB  1 
ATOM   549 C CG  . PRO C 1 25 ? 13.938  18.740  -8.948  1.00 9.44  ? 25  PRO C CG  1 
ATOM   550 C CD  . PRO C 1 25 ? 13.388  17.936  -7.774  1.00 6.56  ? 25  PRO C CD  1 
HETATM 551 N N   . HYP C 1 26 ? 17.641  19.692  -7.378  1.00 7.43  ? 26  HYP C N   1 
HETATM 552 C CA  . HYP C 1 26 ? 18.216  20.972  -6.982  1.00 7.51  ? 26  HYP C CA  1 
HETATM 553 C C   . HYP C 1 26 ? 17.340  22.134  -7.412  0.90 7.46  ? 26  HYP C C   1 
HETATM 554 O O   . HYP C 1 26 ? 16.701  22.080  -8.473  1.00 7.35  ? 26  HYP C O   1 
HETATM 555 C CB  . HYP C 1 26 ? 19.590  21.077  -7.617  1.00 8.51  ? 26  HYP C CB  1 
HETATM 556 C CG  . HYP C 1 26 ? 19.923  19.632  -7.901  1.00 9.19  ? 26  HYP C CG  1 
HETATM 557 C CD  . HYP C 1 26 ? 18.617  18.904  -8.146  1.00 8.79  ? 26  HYP C CD  1 
HETATM 558 O OD1 . HYP C 1 26 ? 20.462  19.092  -6.710  1.00 11.58 ? 26  HYP C OD1 1 
ATOM   559 N N   . GLY C 1 27 ? 17.294  23.161  -6.568  1.00 7.78  ? 27  GLY C N   1 
ATOM   560 C CA  . GLY C 1 27 ? 16.591  24.386  -6.897  1.00 7.42  ? 27  GLY C CA  1 
ATOM   561 C C   . GLY C 1 27 ? 17.180  25.087  -8.113  1.00 8.48  ? 27  GLY C C   1 
ATOM   562 O O   . GLY C 1 27 ? 18.231  24.700  -8.623  1.00 10.14 ? 27  GLY C O   1 
ATOM   563 N N   . PRO C 1 28 ? 16.497  26.121  -8.602  1.00 9.34  ? 28  PRO C N   1 
ATOM   564 C CA  . PRO C 1 28 ? 17.017  26.937  -9.706  1.00 9.02  ? 28  PRO C CA  1 
ATOM   565 C C   . PRO C 1 28 ? 18.153  27.872  -9.275  1.00 12.60 ? 28  PRO C C   1 
ATOM   566 O O   . PRO C 1 28 ? 18.325  28.177  -8.083  1.00 9.99  ? 28  PRO C O   1 
ATOM   567 C CB  . PRO C 1 28 ? 15.784  27.733  -10.146 1.00 11.16 ? 28  PRO C CB  1 
ATOM   568 C CG  . PRO C 1 28 ? 15.001  27.888  -8.902  1.00 14.10 ? 28  PRO C CG  1 
ATOM   569 C CD  . PRO C 1 28 ? 15.213  26.637  -8.092  1.00 8.61  ? 28  PRO C CD  1 
HETATM 570 N N   . HYP C 1 29 ? 18.938  28.316  -10.250 1.00 11.56 ? 29  HYP C N   1 
HETATM 571 C CA  . HYP C 1 29 ? 19.996  29.285  -9.986  1.00 11.76 ? 29  HYP C CA  1 
HETATM 572 C C   . HYP C 1 29 ? 19.515  30.548  -9.286  1.00 13.48 ? 29  HYP C C   1 
HETATM 573 O O   . HYP C 1 29 ? 18.379  30.982  -9.503  1.00 14.71 ? 29  HYP C O   1 
HETATM 574 C CB  . HYP C 1 29 ? 20.614  29.615  -11.335 1.00 15.59 ? 29  HYP C CB  1 
HETATM 575 C CG  . HYP C 1 29 ? 20.265  28.441  -12.218 1.00 14.28 ? 29  HYP C CG  1 
HETATM 576 C CD  . HYP C 1 29 ? 18.970  27.862  -11.664 1.00 14.41 ? 29  HYP C CD  1 
HETATM 577 O OD1 . HYP C 1 29 ? 21.275  27.469  -12.045 1.00 20.11 ? 29  HYP C OD1 1 
ATOM   578 N N   . GLY C 1 30 ? 20.376  31.126  -8.453  1.00 15.36 ? 30  GLY C N   1 
ATOM   579 C CA  . GLY C 1 30 ? 20.118  32.431  -7.869  1.00 20.52 ? 30  GLY C CA  1 
ATOM   580 C C   . GLY C 1 30 ? 20.342  33.553  -8.860  0.00 17.68 ? 30  GLY C C   1 
ATOM   581 O O   . GLY C 1 30 ? 19.633  34.556  -8.840  1.00 26.10 ? 30  GLY C O   1 
HETATM 582 O O   . HOH D 2 .  ? 5.602   10.968  -10.251 1.00 41.96 ? 101 HOH A O   1 
HETATM 583 O O   . HOH D 2 .  ? 2.574   8.573   -5.415  1.00 30.90 ? 102 HOH A O   1 
HETATM 584 O O   . HOH D 2 .  ? -5.692  -16.457 2.855   1.00 30.57 ? 103 HOH A O   1 
HETATM 585 O O   . HOH D 2 .  ? 12.957  27.163  -5.484  1.00 37.64 ? 104 HOH A O   1 
HETATM 586 O O   . HOH D 2 .  ? 13.394  31.176  -8.098  1.00 32.40 ? 105 HOH A O   1 
HETATM 587 O O   . HOH D 2 .  ? 17.659  30.973  -1.280  1.00 24.18 ? 106 HOH A O   1 
HETATM 588 O O   . HOH D 2 .  ? 8.248   7.358   -5.972  1.00 15.49 ? 107 HOH A O   1 
HETATM 589 O O   . HOH D 2 .  ? 1.509   -6.267  2.376   1.00 30.52 ? 108 HOH A O   1 
HETATM 590 O O   . HOH D 2 .  ? -11.549 -22.111 8.046   1.00 34.95 ? 109 HOH A O   1 
HETATM 591 O O   . HOH D 2 .  ? -4.569  -13.631 6.397   1.00 16.78 ? 110 HOH A O   1 
HETATM 592 O O   . HOH D 2 .  ? -12.309 -15.794 7.742   1.00 8.23  ? 111 HOH A O   1 
HETATM 593 O O   . HOH D 2 .  ? 5.865   5.833   -6.523  1.00 30.95 ? 112 HOH A O   1 
HETATM 594 O O   . HOH D 2 .  ? -1.924  -9.114  -2.089  1.00 19.42 ? 113 HOH A O   1 
HETATM 595 O O   . HOH D 2 .  ? 9.907   24.097  -4.588  1.00 40.26 ? 114 HOH A O   1 
HETATM 596 O O   . HOH D 2 .  ? 3.639   -5.433  -0.609  1.00 26.20 ? 115 HOH A O   1 
HETATM 597 O O   . HOH D 2 .  ? 0.024   -10.515 0.881   1.00 25.11 ? 116 HOH A O   1 
HETATM 598 O O   . HOH D 2 .  ? -5.082  -10.250 5.756   1.00 11.45 ? 117 HOH A O   1 
HETATM 599 O O   . HOH D 2 .  ? 7.419   11.187  -8.447  1.00 18.93 ? 118 HOH A O   1 
HETATM 600 O O   . HOH D 2 .  ? 12.413  24.367  -1.553  1.00 24.22 ? 119 HOH A O   1 
HETATM 601 O O   . HOH D 2 .  ? 10.079  17.898  -8.569  1.00 28.46 ? 120 HOH A O   1 
HETATM 602 O O   . HOH D 2 .  ? 17.690  33.751  -4.874  1.00 24.74 ? 121 HOH A O   1 
HETATM 603 O O   . HOH D 2 .  ? -23.229 -21.487 3.834   1.00 33.61 ? 122 HOH A O   1 
HETATM 604 O O   . HOH D 2 .  ? 0.813   7.154   -6.622  1.00 36.04 ? 123 HOH A O   1 
HETATM 605 O O   . HOH D 2 .  ? 12.010  26.858  -0.925  1.00 39.91 ? 124 HOH A O   1 
HETATM 606 O O   . HOH D 2 .  ? -26.711 -24.360 7.794   1.00 50.46 ? 125 HOH A O   1 
HETATM 607 O O   . HOH D 2 .  ? -3.228  -16.978 4.681   1.00 28.81 ? 126 HOH A O   1 
HETATM 608 O O   . HOH D 2 .  ? 8.361   8.521   -8.331  1.00 49.61 ? 127 HOH A O   1 
HETATM 609 O O   . HOH D 2 .  ? -5.379  -12.788 8.780   1.00 21.46 ? 128 HOH A O   1 
HETATM 610 O O   . HOH D 2 .  ? -1.886  -7.467  -6.264  1.00 20.43 ? 129 HOH A O   1 
HETATM 611 O O   . HOH D 2 .  ? 8.195   0.269   -1.891  1.00 49.56 ? 130 HOH A O   1 
HETATM 612 O O   . HOH D 2 .  ? 6.989   7.569   -9.852  1.00 35.84 ? 131 HOH A O   1 
HETATM 613 O O   . HOH D 2 .  ? 1.645   -8.995  3.960   1.00 24.82 ? 132 HOH A O   1 
HETATM 614 O O   . HOH D 2 .  ? 0.095   -13.552 5.171   1.00 16.14 ? 133 HOH A O   1 
HETATM 615 O O   . HOH D 2 .  ? 8.061   1.729   -6.798  1.00 22.25 ? 134 HOH A O   1 
HETATM 616 O O   . HOH D 2 .  ? 1.050   -12.833 1.200   1.00 64.19 ? 135 HOH A O   1 
HETATM 617 O O   . HOH D 2 .  ? 9.932   3.211   -5.196  1.00 23.03 ? 136 HOH A O   1 
HETATM 618 O O   . HOH D 2 .  ? 1.904   -11.567 3.497   1.00 35.71 ? 137 HOH A O   1 
HETATM 619 O O   . HOH D 2 .  ? -0.645  -15.562 3.869   1.00 26.11 ? 138 HOH A O   1 
HETATM 620 O O   . HOH D 2 .  ? -2.095  -18.994 6.055   1.00 48.21 ? 139 HOH A O   1 
HETATM 621 O O   . HOH E 2 .  ? 24.235  27.036  -3.246  1.00 25.95 ? 101 HOH B O   1 
HETATM 622 O O   . HOH E 2 .  ? 18.256  24.243  1.825   1.00 31.35 ? 102 HOH B O   1 
HETATM 623 O O   . HOH E 2 .  ? -3.440  3.103   -2.558  1.00 32.41 ? 103 HOH B O   1 
HETATM 624 O O   . HOH E 2 .  ? -11.613 0.874   -2.180  1.00 35.43 ? 104 HOH B O   1 
HETATM 625 O O   . HOH E 2 .  ? 9.082   18.072  0.329   1.00 34.93 ? 105 HOH B O   1 
HETATM 626 O O   . HOH E 2 .  ? -5.434  1.080   -2.661  1.00 24.93 ? 106 HOH B O   1 
HETATM 627 O O   . HOH E 2 .  ? 22.828  23.872  -6.574  1.00 36.69 ? 107 HOH B O   1 
HETATM 628 O O   . HOH E 2 .  ? -10.818 -17.769 -2.232  1.00 22.06 ? 108 HOH B O   1 
HETATM 629 O O   . HOH E 2 .  ? -10.176 -22.708 2.430   1.00 24.16 ? 109 HOH B O   1 
HETATM 630 O O   . HOH E 2 .  ? -1.208  8.781   1.614   1.00 32.96 ? 110 HOH B O   1 
HETATM 631 O O   . HOH E 2 .  ? -6.237  -22.213 2.205   1.00 47.83 ? 111 HOH B O   1 
HETATM 632 O O   . HOH E 2 .  ? -13.296 -15.381 -1.093  1.00 15.20 ? 112 HOH B O   1 
HETATM 633 O O   . HOH E 2 .  ? -6.636  -2.245  -3.847  1.00 23.02 ? 113 HOH B O   1 
HETATM 634 O O   . HOH E 2 .  ? 2.555   13.564  0.641   1.00 25.36 ? 114 HOH B O   1 
HETATM 635 O O   . HOH E 2 .  ? -6.683  -14.214 -0.186  1.00 16.07 ? 115 HOH B O   1 
HETATM 636 O O   . HOH E 2 .  ? -13.963 -24.590 0.055   1.00 16.94 ? 116 HOH B O   1 
HETATM 637 O O   . HOH E 2 .  ? -5.686  -6.237  -3.890  1.00 28.51 ? 117 HOH B O   1 
HETATM 638 O O   . HOH E 2 .  ? -10.444 -6.528  -0.469  1.00 7.81  ? 118 HOH B O   1 
HETATM 639 O O   . HOH E 2 .  ? 23.246  22.973  -3.207  1.00 18.13 ? 119 HOH B O   1 
HETATM 640 O O   . HOH E 2 .  ? -11.697 -26.515 2.292   1.00 23.91 ? 120 HOH B O   1 
HETATM 641 O O   . HOH E 2 .  ? -5.770  -19.443 2.317   1.00 36.50 ? 121 HOH B O   1 
HETATM 642 O O   . HOH E 2 .  ? -14.418 -28.400 9.154   1.00 38.76 ? 122 HOH B O   1 
HETATM 643 O O   . HOH E 2 .  ? 9.546   23.216  -0.944  1.00 31.85 ? 123 HOH B O   1 
HETATM 644 O O   . HOH E 2 .  ? 2.748   10.904  -2.520  1.00 31.77 ? 124 HOH B O   1 
HETATM 645 O O   . HOH E 2 .  ? -17.402 -28.740 9.309   1.00 31.78 ? 125 HOH B O   1 
HETATM 646 O O   . HOH E 2 .  ? -9.044  -15.830 -2.497  1.00 25.45 ? 126 HOH B O   1 
HETATM 647 O O   . HOH E 2 .  ? 6.832   8.192   5.567   1.00 24.59 ? 127 HOH B O   1 
HETATM 648 O O   . HOH E 2 .  ? -9.685  -4.607  1.764   1.00 22.78 ? 128 HOH B O   1 
HETATM 649 O O   . HOH E 2 .  ? -7.984  -0.532  -4.014  1.00 35.69 ? 129 HOH B O   1 
HETATM 650 O O   . HOH E 2 .  ? -10.415 -2.560  3.181   1.00 26.38 ? 130 HOH B O   1 
HETATM 651 O O   . HOH E 2 .  ? 18.429  17.135  -0.729  1.00 26.20 ? 131 HOH B O   1 
HETATM 652 O O   . HOH E 2 .  ? -14.754 -32.120 5.287   1.00 40.89 ? 132 HOH B O   1 
HETATM 653 O O   . HOH E 2 .  ? -11.901 -23.689 -1.418  1.00 20.80 ? 133 HOH B O   1 
HETATM 654 O O   . HOH E 2 .  ? 18.161  17.638  1.740   1.00 39.11 ? 134 HOH B O   1 
HETATM 655 O O   . HOH E 2 .  ? -5.605  -17.676 0.703   1.00 26.92 ? 135 HOH B O   1 
HETATM 656 O O   . HOH E 2 .  ? -11.927 -15.514 -3.725  1.00 25.18 ? 136 HOH B O   1 
HETATM 657 O O   . HOH E 2 .  ? 9.388   7.909   6.042   1.00 27.57 ? 137 HOH B O   1 
HETATM 658 O O   . HOH E 2 .  ? -13.527 -30.769 6.972   1.00 34.10 ? 138 HOH B O   1 
HETATM 659 O O   . HOH E 2 .  ? -0.560  10.791  3.117   1.00 50.56 ? 139 HOH B O   1 
HETATM 660 O O   . HOH E 2 .  ? -7.228  -4.178  -5.247  1.00 17.75 ? 140 HOH B O   1 
HETATM 661 O O   . HOH E 2 .  ? -0.647  1.943   -7.261  1.00 25.38 ? 141 HOH B O   1 
HETATM 662 O O   . HOH E 2 .  ? -3.568  -8.494  -4.436  1.00 25.27 ? 142 HOH B O   1 
HETATM 663 O O   . HOH E 2 .  ? -6.476  -18.167 -1.868  1.00 35.34 ? 143 HOH B O   1 
HETATM 664 O O   . HOH E 2 .  ? 8.061   23.758  -2.317  1.00 45.03 ? 144 HOH B O   1 
HETATM 665 O O   . HOH E 2 .  ? -7.667  2.663   -2.768  1.00 41.10 ? 145 HOH B O   1 
HETATM 666 O O   . HOH E 2 .  ? -9.997  -25.072 0.094   1.00 38.40 ? 146 HOH B O   1 
HETATM 667 O O   . HOH E 2 .  ? -12.290 2.736   -3.889  1.00 39.52 ? 147 HOH B O   1 
HETATM 668 O O   . HOH E 2 .  ? -2.344  3.121   -5.541  1.00 19.73 ? 148 HOH B O   1 
HETATM 669 O O   . HOH E 2 .  ? -3.537  8.610   2.904   1.00 29.12 ? 149 HOH B O   1 
HETATM 670 O O   . HOH E 2 .  ? -12.978 -6.251  0.618   1.00 14.07 ? 150 HOH B O   1 
HETATM 671 O O   . HOH E 2 .  ? -2.283  1.010   -8.925  1.00 34.81 ? 151 HOH B O   1 
HETATM 672 O O   . HOH E 2 .  ? -1.878  2.674   -9.994  1.00 32.48 ? 152 HOH B O   1 
HETATM 673 O O   . HOH F 2 .  ? 23.344  27.305  -13.115 1.00 32.05 ? 101 HOH C O   1 
HETATM 674 O O   . HOH F 2 .  ? -0.871  -8.173  7.959   1.00 39.05 ? 102 HOH C O   1 
HETATM 675 O O   . HOH F 2 .  ? 8.574   17.250  2.953   1.00 36.45 ? 103 HOH C O   1 
HETATM 676 O O   . HOH F 2 .  ? -1.022  -5.049  6.203   1.00 12.15 ? 104 HOH C O   1 
HETATM 677 O O   . HOH F 2 .  ? -14.698 -27.452 -0.871  1.00 28.69 ? 105 HOH C O   1 
HETATM 678 O O   . HOH F 2 .  ? -8.287  2.436   4.959   1.00 37.43 ? 106 HOH C O   1 
HETATM 679 O O   . HOH F 2 .  ? -11.891 -8.150  6.430   1.00 12.95 ? 107 HOH C O   1 
HETATM 680 O O   . HOH F 2 .  ? -16.551 -15.659 6.679   1.00 16.68 ? 108 HOH C O   1 
HETATM 681 O O   . HOH F 2 .  ? 17.972  15.374  -5.090  1.00 10.96 ? 109 HOH C O   1 
HETATM 682 O O   . HOH F 2 .  ? -3.568  0.200   5.429   1.00 9.60  ? 110 HOH C O   1 
HETATM 683 O O   . HOH F 2 .  ? 14.712  23.139  -9.944  1.00 24.39 ? 111 HOH C O   1 
HETATM 684 O O   . HOH F 2 .  ? -2.549  -7.446  11.243  1.00 36.66 ? 112 HOH C O   1 
HETATM 685 O O   . HOH F 2 .  ? 17.218  34.393  -7.645  1.00 35.15 ? 113 HOH C O   1 
HETATM 686 O O   . HOH F 2 .  ? -5.052  -9.914  8.437   1.00 33.39 ? 114 HOH C O   1 
HETATM 687 O O   . HOH F 2 .  ? 16.566  13.145  -5.766  1.00 18.87 ? 115 HOH C O   1 
HETATM 688 O O   . HOH F 2 .  ? 17.644  20.828  -10.715 1.00 21.44 ? 116 HOH C O   1 
HETATM 689 O O   . HOH F 2 .  ? 16.414  32.545  -8.383  1.00 36.68 ? 117 HOH C O   1 
HETATM 690 O O   . HOH F 2 .  ? 18.774  23.508  -11.074 1.00 19.29 ? 118 HOH C O   1 
HETATM 691 O O   . HOH F 2 .  ? 0.778   2.362   7.007   1.00 15.59 ? 119 HOH C O   1 
HETATM 692 O O   . HOH F 2 .  ? -16.924 -30.284 -1.638  1.00 47.58 ? 120 HOH C O   1 
HETATM 693 O O   . HOH F 2 .  ? -13.902 -12.874 1.004   1.00 9.76  ? 121 HOH C O   1 
HETATM 694 O O   . HOH F 2 .  ? -5.503  3.670   5.566   1.00 26.06 ? 122 HOH C O   1 
HETATM 695 O O   . HOH F 2 .  ? -18.365 -14.738 3.346   1.00 21.03 ? 123 HOH C O   1 
HETATM 696 O O   . HOH F 2 .  ? 11.313  6.322   -2.510  1.00 19.28 ? 124 HOH C O   1 
HETATM 697 O O   . HOH F 2 .  ? 11.707  6.144   1.466   1.00 17.39 ? 125 HOH C O   1 
HETATM 698 O O   . HOH F 2 .  ? 5.577   7.290   3.590   1.00 14.84 ? 126 HOH C O   1 
HETATM 699 O O   . HOH F 2 .  ? -6.971  -2.906  6.647   1.00 8.45  ? 127 HOH C O   1 
HETATM 700 O O   . HOH F 2 .  ? 6.192   1.862   -1.063  1.00 26.42 ? 128 HOH C O   1 
HETATM 701 O O   . HOH F 2 .  ? -10.840 -6.113  4.947   1.00 14.74 ? 129 HOH C O   1 
HETATM 702 O O   . HOH F 2 .  ? 6.769   0.239   5.755   1.00 30.88 ? 130 HOH C O   1 
HETATM 703 O O   . HOH F 2 .  ? 9.587   5.935   4.213   1.00 35.55 ? 131 HOH C O   1 
HETATM 704 O O   . HOH F 2 .  ? -18.756 -30.498 -0.706  1.00 42.26 ? 132 HOH C O   1 
HETATM 705 O O   . HOH F 2 .  ? 16.687  15.895  0.832   1.00 35.09 ? 133 HOH C O   1 
HETATM 706 O O   . HOH F 2 .  ? -16.728 -13.013 5.174   1.00 42.26 ? 134 HOH C O   1 
HETATM 707 O O   . HOH F 2 .  ? 12.755  12.380  7.842   1.00 49.67 ? 135 HOH C O   1 
HETATM 708 O O   . HOH F 2 .  ? -3.087  2.516   6.186   1.00 12.79 ? 136 HOH C O   1 
HETATM 709 O O   . HOH F 2 .  ? 19.420  26.104  -15.266 1.00 31.10 ? 137 HOH C O   1 
HETATM 710 O O   . HOH F 2 .  ? 10.628  12.069  8.555   1.00 58.33 ? 138 HOH C O   1 
HETATM 711 O O   . HOH F 2 .  ? 0.823   -6.981  5.642   1.00 21.17 ? 139 HOH C O   1 
HETATM 712 O O   . HOH F 2 .  ? 18.282  24.755  -12.874 1.00 35.17 ? 140 HOH C O   1 
HETATM 713 O O   . HOH F 2 .  ? 13.829  7.261   1.098   1.00 26.30 ? 141 HOH C O   1 
HETATM 714 O O   . HOH F 2 .  ? 10.728  3.721   -1.824  1.00 33.48 ? 142 HOH C O   1 
HETATM 715 O O   . HOH F 2 .  ? 18.871  14.824  -2.622  1.00 11.61 ? 143 HOH C O   1 
HETATM 716 O O   . HOH F 2 .  ? -9.422  -2.025  5.915   1.00 16.75 ? 144 HOH C O   1 
HETATM 717 O O   . HOH F 2 .  ? 13.974  6.447   -2.390  1.00 30.85 ? 145 HOH C O   1 
HETATM 718 O O   . HOH F 2 .  ? -17.447 -13.991 7.911   1.00 35.87 ? 146 HOH C O   1 
HETATM 719 O O   . HOH F 2 .  ? 10.496  5.930   -5.235  1.00 13.94 ? 147 HOH C O   1 
HETATM 720 O O   . HOH F 2 .  ? -13.118 -5.877  3.286   1.00 8.61  ? 148 HOH C O   1 
HETATM 721 O O   . HOH F 2 .  ? 16.886  18.700  -12.248 1.00 19.46 ? 149 HOH C O   1 
HETATM 722 O O   . HOH F 2 .  ? 12.470  6.783   -6.969  1.00 14.60 ? 150 HOH C O   1 
HETATM 723 O O   . HOH F 2 .  ? 10.287  1.790   -2.313  1.00 37.21 ? 151 HOH C O   1 
HETATM 724 O O   . HOH F 2 .  ? 14.202  11.145  8.982   1.00 34.70 ? 152 HOH C O   1 
HETATM 725 O O   . HOH F 2 .  ? 16.006  7.630   2.947   1.00 19.17 ? 153 HOH C O   1 
# 
loop_
_atom_site_anisotrop.id 
_atom_site_anisotrop.type_symbol 
_atom_site_anisotrop.pdbx_label_atom_id 
_atom_site_anisotrop.pdbx_label_alt_id 
_atom_site_anisotrop.pdbx_label_comp_id 
_atom_site_anisotrop.pdbx_label_asym_id 
_atom_site_anisotrop.pdbx_label_seq_id 
_atom_site_anisotrop.pdbx_PDB_ins_code 
_atom_site_anisotrop.U[1][1] 
_atom_site_anisotrop.U[2][2] 
_atom_site_anisotrop.U[3][3] 
_atom_site_anisotrop.U[1][2] 
_atom_site_anisotrop.U[1][3] 
_atom_site_anisotrop.U[2][3] 
_atom_site_anisotrop.pdbx_auth_seq_id 
_atom_site_anisotrop.pdbx_auth_comp_id 
_atom_site_anisotrop.pdbx_auth_asym_id 
_atom_site_anisotrop.pdbx_auth_atom_id 
1   N N   . PRO A 1  ? 0.3370 0.4403 0.4022 -0.1741 0.0630  -0.0380 1   PRO A N   
2   C CA  . PRO A 1  ? 0.3548 0.4341 0.3750 -0.1715 0.0672  -0.0357 1   PRO A CA  
3   C C   . PRO A 1  ? 0.3515 0.4239 0.3564 -0.1599 0.0509  -0.0304 1   PRO A C   
4   O O   . PRO A 1  ? 0.3317 0.3807 0.3052 -0.1606 0.0421  -0.0251 1   PRO A O   
5   C CB  . PRO A 1  ? 0.3804 0.4305 0.3610 -0.1838 0.0715  -0.0334 1   PRO A CB  
6   C CG  . PRO A 1  ? 0.3995 0.4629 0.4073 -0.1946 0.0833  -0.0386 1   PRO A CG  
7   C CD  . PRO A 1  ? 0.3713 0.4689 0.4358 -0.1883 0.0747  -0.0403 1   PRO A CD  
8   N N   . HYP A 2  ? 0.3129 0.4044 0.3411 -0.1486 0.0470  -0.0321 2   HYP A N   
9   C CA  . HYP A 2  ? 0.2041 0.2864 0.2149 -0.1382 0.0351  -0.0280 2   HYP A CA  
10  C C   . HYP A 2  ? 0.2575 0.3127 0.2284 -0.1383 0.0401  -0.0249 2   HYP A C   
11  O O   . HYP A 2  ? 0.2694 0.3153 0.2271 -0.1444 0.0526  -0.0269 2   HYP A O   
12  C CB  . HYP A 2  ? 0.2436 0.3519 0.2882 -0.1263 0.0306  -0.0313 2   HYP A CB  
13  C CG  . HYP A 2  ? 0.2993 0.4318 0.3879 -0.1297 0.0339  -0.0359 2   HYP A CG  
14  C CD  . HYP A 2  ? 0.2723 0.3951 0.3515 -0.1443 0.0456  -0.0367 2   HYP A CD  
15  O OD1 . HYP A 2  ? 0.3692 0.5105 0.4815 -0.1260 0.0150  -0.0346 2   HYP A OD1 
16  N N   . GLY A 3  ? 0.2323 0.2702 0.1839 -0.1315 0.0289  -0.0202 3   GLY A N   
17  C CA  . GLY A 3  ? 0.2230 0.2342 0.1444 -0.1294 0.0291  -0.0166 3   GLY A CA  
18  C C   . GLY A 3  ? 0.2018 0.2248 0.1317 -0.1215 0.0349  -0.0187 3   GLY A C   
19  O O   . GLY A 3  ? 0.2248 0.2788 0.1859 -0.1168 0.0396  -0.0236 3   GLY A O   
20  N N   . PRO A 4  ? 0.2082 0.2048 0.1123 -0.1181 0.0324  -0.0147 4   PRO A N   
21  C CA  . PRO A 4  ? 0.2124 0.2142 0.1188 -0.1085 0.0370  -0.0153 4   PRO A CA  
22  C C   . PRO A 4  ? 0.1757 0.1977 0.1043 -0.0926 0.0299  -0.0158 4   PRO A C   
23  O O   . PRO A 4  ? 0.1544 0.1723 0.0876 -0.0880 0.0188  -0.0151 4   PRO A O   
24  C CB  . PRO A 4  ? 0.2559 0.2146 0.1263 -0.1089 0.0297  -0.0096 4   PRO A CB  
25  C CG  . PRO A 4  ? 0.3424 0.2805 0.2030 -0.1108 0.0168  -0.0054 4   PRO A CG  
26  C CD  . PRO A 4  ? 0.2662 0.2248 0.1411 -0.1192 0.0211  -0.0087 4   PRO A CD  
27  N N   . HYP A 5  ? 0.1480 0.1874 0.0893 -0.0813 0.0346  -0.0184 5   HYP A N   
28  C CA  . HYP A 5  ? 0.1238 0.1774 0.0840 -0.0625 0.0253  -0.0197 5   HYP A CA  
29  C C   . HYP A 5  ? 0.1265 0.1491 0.0693 -0.0526 0.0138  -0.0153 5   HYP A C   
30  O O   . HYP A 5  ? 0.1770 0.1681 0.0960 -0.0562 0.0110  -0.0107 5   HYP A O   
31  C CB  . HYP A 5  ? 0.1217 0.1956 0.0955 -0.0536 0.0335  -0.0229 5   HYP A CB  
32  C CG  . HYP A 5  ? 0.1367 0.2059 0.1058 -0.0655 0.0462  -0.0247 5   HYP A CG  
33  C CD  . HYP A 5  ? 0.2063 0.2444 0.1439 -0.0813 0.0457  -0.0205 5   HYP A CD  
34  O OD1 . HYP A 5  ? 0.1699 0.2672 0.1718 -0.0688 0.0506  -0.0307 5   HYP A OD1 
35  N N   . GLY A 6  ? 0.1005 0.1291 0.0565 -0.0410 0.0066  -0.0173 6   GLY A N   
36  C CA  . GLY A 6  ? 0.1128 0.1139 0.0610 -0.0315 -0.0005 -0.0158 6   GLY A CA  
37  C C   . GLY A 6  ? 0.1040 0.0967 0.0508 -0.0180 -0.0019 -0.0140 6   GLY A C   
38  O O   . GLY A 6  ? 0.1102 0.1179 0.0581 -0.0153 0.0032  -0.0139 6   GLY A O   
39  N N   . PRO A 7  ? 0.1058 0.0729 0.0528 -0.0096 -0.0084 -0.0134 7   PRO A N   
40  C CA  . PRO A 7  ? 0.1289 0.0849 0.0779 0.0036  -0.0125 -0.0117 7   PRO A CA  
41  C C   . PRO A 7  ? 0.0767 0.0578 0.0430 0.0175  -0.0086 -0.0145 7   PRO A C   
42  O O   . PRO A 7  ? 0.0667 0.0640 0.0437 0.0166  -0.0055 -0.0166 7   PRO A O   
43  C CB  . PRO A 7  ? 0.1752 0.1138 0.1379 0.0063  -0.0176 -0.0089 7   PRO A CB  
44  C CG  . PRO A 7  ? 0.1533 0.0944 0.1222 0.0011  -0.0127 -0.0130 7   PRO A CG  
45  C CD  . PRO A 7  ? 0.1293 0.0753 0.0784 -0.0126 -0.0116 -0.0153 7   PRO A CD  
46  N N   . HYP A 8  ? 0.0670 0.0554 0.0415 0.0047  -0.0093 -0.0106 8   HYP A N   
47  C CA  . HYP A 8  ? 0.0512 0.0701 0.0757 0.0037  -0.0089 -0.0138 8   HYP A CA  
48  C C   . HYP A 8  ? 0.0645 0.0587 0.0941 0.0087  -0.0045 0.0038  8   HYP A C   
49  O O   . HYP A 8  ? 0.0933 0.0667 0.0732 -0.0100 -0.0232 -0.0038 8   HYP A O   
50  C CB  . HYP A 8  ? 0.0694 0.0697 0.0553 0.0089  -0.0092 -0.0113 8   HYP A CB  
51  C CG  . HYP A 8  ? 0.0693 0.0597 0.0478 0.0041  -0.0070 -0.0187 8   HYP A CG  
52  C CD  . HYP A 8  ? 0.0543 0.0723 0.0521 0.0107  -0.0095 -0.0273 8   HYP A CD  
53  O OD1 . HYP A 8  ? 0.0822 0.0566 0.0369 -0.0156 -0.0159 -0.0079 8   HYP A OD1 
54  N N   . GLY A 9  ? 0.0554 0.0447 0.1007 0.0088  -0.0204 0.0021  9   GLY A N   
55  C CA  . GLY A 9  ? 0.0629 0.0533 0.0924 0.0037  -0.0221 -0.0054 9   GLY A CA  
56  C C   . GLY A 9  ? 0.0598 0.0564 0.0862 0.0046  -0.0163 -0.0070 9   GLY A C   
57  O O   . GLY A 9  ? 0.0872 0.0832 0.1143 0.0060  -0.0180 -0.0011 9   GLY A O   
58  N N   . ILE A 10 ? 0.0701 0.0646 0.0914 0.0021  -0.0091 -0.0134 10  ILE A N   
59  C CA  . ILE A 10 ? 0.0784 0.0807 0.1128 0.0026  -0.0023 -0.0117 10  ILE A CA  
60  C C   . ILE A 10 ? 0.0884 0.0927 0.1073 -0.0010 -0.0075 -0.0080 10  ILE A C   
61  O O   . ILE A 10 ? 0.0832 0.0814 0.0808 -0.0040 -0.0110 -0.0092 10  ILE A O   
62  C CB  . ILE A 10 ? 0.1079 0.0994 0.1443 0.0022  0.0176  -0.0187 10  ILE A CB  
63  C CG1 . ILE A 10 ? 0.1697 0.1353 0.1599 -0.0050 0.0222  -0.0266 10  ILE A CG1 
64  C CG2 . ILE A 10 ? 0.1154 0.1025 0.1710 0.0065  0.0264  -0.0212 10  ILE A CG2 
65  C CD1 . ILE A 10 ? 0.2079 0.1462 0.1843 -0.0067 0.0509  -0.0334 10  ILE A CD1 
66  N N   . PRO A 11 ? 0.0611 0.0720 0.0931 -0.0019 -0.0115 -0.0010 11  PRO A N   
67  C CA  . PRO A 11 ? 0.0730 0.0826 0.0864 -0.0059 -0.0156 0.0022  11  PRO A CA  
68  C C   . PRO A 11 ? 0.1313 0.1399 0.1332 -0.0083 -0.0041 -0.0047 11  PRO A C   
69  O O   . PRO A 11 ? 0.1226 0.1258 0.1319 -0.0076 0.0111  -0.0103 11  PRO A O   
70  C CB  . PRO A 11 ? 0.0985 0.1101 0.1322 -0.0090 -0.0267 0.0130  11  PRO A CB  
71  C CG  . PRO A 11 ? 0.1214 0.1305 0.1752 -0.0076 -0.0345 0.0175  11  PRO A CG  
72  C CD  . PRO A 11 ? 0.1007 0.1160 0.1650 -0.0013 -0.0190 0.0074  11  PRO A CD  
73  N N   . GLY A 12 ? 0.0880 0.0939 0.0665 -0.0116 -0.0084 -0.0039 12  GLY A N   
74  C CA  . GLY A 12 ? 0.0898 0.0893 0.0509 -0.0158 -0.0001 -0.0090 12  GLY A CA  
75  C C   . GLY A 12 ? 0.1430 0.1501 0.1267 -0.0158 0.0093  -0.0058 12  GLY A C   
76  O O   . GLY A 12 ? 0.1047 0.1231 0.1208 -0.0145 0.0019  0.0035  12  GLY A O   
77  N N   . GLU A 13 ? 0.1346 0.1293 0.1016 -0.0189 0.0244  -0.0114 13  GLU A N   
78  C CA  . GLU A 13 ? 0.1217 0.1221 0.1190 -0.0183 0.0390  -0.0066 13  GLU A CA  
79  C C   . GLU A 13 ? 0.1469 0.1619 0.1484 -0.0214 0.0215  0.0024  13  GLU A C   
80  O O   . GLU A 13 ? 0.1001 0.1126 0.0666 -0.0243 0.0081  0.0011  13  GLU A O   
81  C CB  . GLU A 13 ? 0.1601 0.1309 0.1275 -0.0211 0.0667  -0.0161 13  GLU A CB  
82  C CG  . GLU A 13 ? 0.2441 0.1846 0.1963 -0.0200 0.0862  -0.0243 13  GLU A CG  
83  C CD  . GLU A 13 ? 0.2789 0.2328 0.2958 -0.0119 0.1043  -0.0175 13  GLU A CD  
84  O OE1 . GLU A 13 ? 0.3314 0.2979 0.4006 -0.0080 0.1124  -0.0070 13  GLU A OE1 
85  O OE2 . GLU A 13 ? 0.3245 0.2755 0.3438 -0.0093 0.1031  -0.0203 13  GLU A OE2 
86  N N   . LYS A 14 ? 0.1020 0.1296 0.1519 -0.0216 0.0212  0.0141  14  LYS A N   
87  C CA  . LYS A 14 ? 0.1215 0.1551 0.1725 -0.0271 0.0050  0.0236  14  LYS A CA  
88  C C   . LYS A 14 ? 0.1316 0.1569 0.1436 -0.0292 0.0179  0.0145  14  LYS A C   
89  O O   . LYS A 14 ? 0.1456 0.1568 0.1462 -0.0279 0.0440  0.0052  14  LYS A O   
90  C CB  . LYS A 14 ? 0.0969 0.1432 0.2197 -0.0285 0.0026  0.0408  14  LYS A CB  
91  C CG  . LYS A 14 ? 0.1066 0.1542 0.2302 -0.0367 -0.0212 0.0534  14  LYS A CG  
92  C CD  . LYS A 14 ? 0.1877 0.2286 0.3505 -0.0342 -0.0443 0.0713  14  LYS A CD  
93  C CE  . LYS A 14 ? 0.1990 0.2481 0.4251 -0.0272 -0.0268 0.0795  14  LYS A CE  
94  N NZ  . LYS A 14 ? 0.1994 0.2379 0.4711 -0.0262 -0.0538 0.1034  14  LYS A NZ  
95  N N   . GLY A 15 ? 0.0969 0.1220 0.0803 -0.0338 0.0005  0.0175  15  GLY A N   
96  C CA  . GLY A 15 ? 0.1178 0.1359 0.0663 -0.0367 0.0082  0.0109  15  GLY A CA  
97  C C   . GLY A 15 ? 0.1341 0.1531 0.1088 -0.0375 0.0277  0.0131  15  GLY A C   
98  O O   . GLY A 15 ? 0.1448 0.1750 0.1783 -0.0360 0.0318  0.0243  15  GLY A O   
99  N N   . PRO A 16 ? 0.1370 0.1409 0.0811 -0.0355 0.0356  0.0042  16  PRO A N   
100 C CA  . PRO A 16 ? 0.1571 0.1567 0.1188 -0.0360 0.0570  0.0064  16  PRO A CA  
101 C C   . PRO A 16 ? 0.1386 0.1594 0.1339 -0.0438 0.0472  0.0217  16  PRO A C   
102 O O   . PRO A 16 ? 0.1373 0.1651 0.1141 -0.0475 0.0178  0.0266  16  PRO A O   
103 C CB  . PRO A 16 ? 0.1864 0.1646 0.1094 -0.0325 0.0505  -0.0046 16  PRO A CB  
104 C CG  . PRO A 16 ? 0.1695 0.1544 0.0875 -0.0307 0.0239  -0.0049 16  PRO A CG  
105 C CD  . PRO A 16 ? 0.1497 0.1438 0.0775 -0.0272 0.0180  -0.0024 16  PRO A CD  
106 N N   . ALA A 17 ? 0.1258 0.1508 0.1731 -0.0412 0.0639  0.0299  17  ALA A N   
107 C CA  . ALA A 17 ? 0.1158 0.1556 0.1990 -0.0462 0.0456  0.0447  17  ALA A CA  
108 C C   . ALA A 17 ? 0.1421 0.1749 0.1692 -0.0517 0.0405  0.0390  17  ALA A C   
109 O O   . ALA A 17 ? 0.1632 0.1781 0.1425 -0.0438 0.0520  0.0232  17  ALA A O   
110 C CB  . ALA A 17 ? 0.1517 0.1919 0.2972 -0.0375 0.0631  0.0516  17  ALA A CB  
111 N N   . GLY A 18 ? 0.1155 0.1557 0.1464 -0.0567 0.0100  0.0496  18  GLY A N   
112 C CA  . GLY A 18 ? 0.1377 0.1700 0.1198 -0.0572 0.0032  0.0415  18  GLY A CA  
113 C C   . GLY A 18 ? 0.1410 0.1679 0.1359 -0.0544 0.0311  0.0389  18  GLY A C   
114 O O   . GLY A 18 ? 0.1366 0.1677 0.1788 -0.0570 0.0539  0.0435  18  GLY A O   
115 N N   . GLU A 19 ? 0.1303 0.1115 0.2407 -0.0172 0.0056  0.0278  19  GLU A N   
116 C CA  . GLU A 19 ? 0.1626 0.1571 0.2574 -0.0289 -0.0168 0.0303  19  GLU A CA  
117 C C   . GLU A 19 ? 0.1608 0.1440 0.2245 -0.0134 -0.0075 0.0167  19  GLU A C   
118 O O   . GLU A 19 ? 0.1373 0.1032 0.1963 0.0054  0.0100  0.0109  19  GLU A O   
119 C CB  . GLU A 19 ? 0.1981 0.2162 0.3472 -0.0371 -0.0361 0.0565  19  GLU A CB  
120 C CG  . GLU A 19 ? 0.2163 0.2499 0.4144 -0.0543 -0.0538 0.0753  19  GLU A CG  
121 C CD  . GLU A 19 ? 0.2609 0.2867 0.4044 -0.0808 -0.0798 0.0719  19  GLU A CD  
122 O OE1 . GLU A 19 ? 0.3985 0.4144 0.5241 -0.0901 -0.0737 0.0611  19  GLU A OE1 
123 O OE2 . GLU A 19 ? 0.3282 0.3493 0.4404 -0.0927 -0.1015 0.0800  19  GLU A OE2 
124 N N   . ARG A 20 ? 0.1413 0.1288 0.1793 -0.0256 -0.0199 0.0115  20  ARG A N   
125 C CA  . ARG A 20 ? 0.1367 0.1187 0.1570 -0.0146 -0.0138 -0.0002 20  ARG A CA  
126 C C   . ARG A 20 ? 0.1503 0.1362 0.1955 -0.0013 -0.0111 0.0121  20  ARG A C   
127 O O   . ARG A 20 ? 0.1365 0.1352 0.2177 -0.0051 -0.0180 0.0319  20  ARG A O   
128 C CB  . ARG A 20 ? 0.1549 0.1371 0.1468 -0.0348 -0.0211 -0.0071 20  ARG A CB  
129 C CG  . ARG A 20 ? 0.1802 0.1586 0.1640 -0.0255 -0.0116 -0.0218 20  ARG A CG  
130 C CD  . ARG A 20 ? 0.2564 0.2276 0.2120 -0.0475 -0.0082 -0.0313 20  ARG A CD  
131 N NE  . ARG A 20 ? 0.1559 0.1250 0.1211 -0.0370 0.0066  -0.0495 20  ARG A NE  
132 C CZ  . ARG A 20 ? 0.1620 0.1246 0.1148 -0.0506 0.0181  -0.0589 20  ARG A CZ  
133 N NH1 . ARG A 20 ? 0.2188 0.1696 0.1346 -0.0751 0.0160  -0.0503 20  ARG A NH1 
134 N NH2 . ARG A 20 ? 0.2138 0.1826 0.1963 -0.0372 0.0293  -0.0686 20  ARG A NH2 
135 N N   . GLY A 21 ? 0.1044 0.0764 0.1348 0.0135  -0.0020 0.0014  21  GLY A N   
136 C CA  . GLY A 21 ? 0.1376 0.1036 0.1797 0.0235  0.0048  0.0091  21  GLY A CA  
137 C C   . GLY A 21 ? 0.1078 0.0908 0.1608 0.0144  -0.0068 0.0186  21  GLY A C   
138 O O   . GLY A 21 ? 0.1328 0.1262 0.1723 -0.0023 -0.0201 0.0176  21  GLY A O   
139 N N   . PRO A 22 ? 0.1336 0.1113 0.2054 0.0229  0.0007  0.0284  22  PRO A N   
140 C CA  . PRO A 22 ? 0.1619 0.1496 0.2434 0.0158  -0.0100 0.0395  22  PRO A CA  
141 C C   . PRO A 22 ? 0.1348 0.1175 0.1816 0.0126  -0.0115 0.0233  22  PRO A C   
142 O O   . PRO A 22 ? 0.1145 0.0864 0.1412 0.0195  -0.0054 0.0057  22  PRO A O   
143 C CB  . PRO A 22 ? 0.1521 0.1317 0.2617 0.0267  0.0072  0.0482  22  PRO A CB  
144 C CG  . PRO A 22 ? 0.1830 0.1395 0.2613 0.0341  0.0267  0.0308  22  PRO A CG  
145 C CD  . PRO A 22 ? 0.1589 0.1150 0.2280 0.0339  0.0224  0.0252  22  PRO A CD  
146 N N   . HYP A 23 ? 0.1342 0.1224 0.1781 0.0011  -0.0210 0.0311  23  HYP A N   
147 C CA  . HYP A 23 ? 0.1411 0.1234 0.1623 -0.0018 -0.0167 0.0163  23  HYP A CA  
148 C C   . HYP A 23 ? 0.1478 0.1151 0.1698 0.0144  -0.0053 0.0080  23  HYP A C   
149 O O   . HYP A 23 ? 0.1431 0.0971 0.1779 0.0253  0.0043  0.0174  23  HYP A O   
150 C CB  . HYP A 23 ? 0.1758 0.1577 0.1924 -0.0163 -0.0260 0.0307  23  HYP A CB  
151 C CG  . HYP A 23 ? 0.1676 0.1557 0.1927 -0.0292 -0.0453 0.0519  23  HYP A CG  
152 C CD  . HYP A 23 ? 0.1825 0.1788 0.2419 -0.0135 -0.0401 0.0553  23  HYP A CD  
153 O OD1 . HYP A 23 ? 0.2577 0.2397 0.2412 -0.0509 -0.0491 0.0405  23  HYP A OD1 
154 N N   . GLY A 24 ? 0.1257 0.0895 0.1346 0.0133  -0.0051 -0.0098 24  GLY A N   
155 C CA  . GLY A 24 ? 0.1268 0.0697 0.1267 0.0217  -0.0024 -0.0164 24  GLY A CA  
156 C C   . GLY A 24 ? 0.1314 0.0654 0.1320 0.0200  0.0039  -0.0082 24  GLY A C   
157 O O   . GLY A 24 ? 0.1364 0.0821 0.1485 0.0135  0.0031  0.0050  24  GLY A O   
158 N N   . PRO A 25 ? 0.1836 0.0907 0.1671 0.0235  0.0075  -0.0147 25  PRO A N   
159 C CA  . PRO A 25 ? 0.1794 0.0716 0.1603 0.0214  0.0165  -0.0097 25  PRO A CA  
160 C C   . PRO A 25 ? 0.2051 0.1182 0.1957 0.0096  0.0107  -0.0118 25  PRO A C   
161 O O   . PRO A 25 ? 0.1633 0.0944 0.1599 0.0023  0.0034  -0.0239 25  PRO A O   
162 C CB  . PRO A 25 ? 0.1905 0.0569 0.1437 0.0191  0.0140  -0.0206 25  PRO A CB  
163 C CG  . PRO A 25 ? 0.2341 0.1003 0.1770 0.0211  0.0083  -0.0229 25  PRO A CG  
164 C CD  . PRO A 25 ? 0.1644 0.0547 0.1274 0.0243  0.0004  -0.0248 25  PRO A CD  
165 N N   . HYP A 26 ? 0.1728 0.0786 0.1673 0.0071  0.0179  0.0000  26  HYP A N   
166 C CA  . HYP A 26 ? 0.1879 0.1001 0.1799 -0.0066 0.0166  -0.0035 26  HYP A CA  
167 C C   . HYP A 26 ? 0.2129 0.1205 0.2011 -0.0115 0.0147  -0.0239 26  HYP A C   
168 O O   . HYP A 26 ? 0.2187 0.1042 0.1946 -0.0060 0.0122  -0.0299 26  HYP A O   
169 C CB  . HYP A 26 ? 0.2038 0.0993 0.1993 -0.0058 0.0237  0.0146  26  HYP A CB  
170 C CG  . HYP A 26 ? 0.2015 0.0911 0.2183 0.0090  0.0289  0.0309  26  HYP A CG  
171 C CD  . HYP A 26 ? 0.1806 0.0642 0.1849 0.0168  0.0321  0.0155  26  HYP A CD  
172 O OD1 . HYP A 26 ? 0.2805 0.1916 0.3141 0.0043  0.0141  0.0481  26  HYP A OD1 
173 N N   . GLY A 27 ? 0.1730 0.0963 0.1715 -0.0249 0.0161  -0.0341 27  GLY A N   
174 C CA  . GLY A 27 ? 0.2248 0.1492 0.2402 -0.0314 0.0131  -0.0512 27  GLY A CA  
175 C C   . GLY A 27 ? 0.2709 0.1677 0.2695 -0.0318 0.0132  -0.0491 27  GLY A C   
176 O O   . GLY A 27 ? 0.2600 0.1421 0.2432 -0.0326 0.0247  -0.0372 27  GLY A O   
177 N N   . PRO A 28 ? 0.2647 0.1480 0.2632 -0.0328 -0.0022 -0.0593 28  PRO A N   
178 C CA  . PRO A 28 ? 0.3941 0.2454 0.3678 -0.0375 -0.0045 -0.0594 28  PRO A CA  
179 C C   . PRO A 28 ? 0.3281 0.1897 0.3237 -0.0512 -0.0024 -0.0654 28  PRO A C   
180 O O   . PRO A 28 ? 0.2916 0.1857 0.3257 -0.0564 0.0003  -0.0713 28  PRO A O   
181 C CB  . PRO A 28 ? 0.4137 0.2580 0.3787 -0.0375 -0.0243 -0.0634 28  PRO A CB  
182 C CG  . PRO A 28 ? 0.3323 0.2095 0.3344 -0.0365 -0.0387 -0.0663 28  PRO A CG  
183 C CD  . PRO A 28 ? 0.2462 0.1439 0.2635 -0.0295 -0.0222 -0.0652 28  PRO A CD  
184 N N   . HYP A 29 ? 0.2777 0.1751 0.4419 -0.0492 0.0378  -0.0548 29  HYP A N   
185 C CA  . HYP A 29 ? 0.3089 0.1904 0.5115 -0.0475 0.0492  -0.0581 29  HYP A CA  
186 C C   . HYP A 29 ? 0.3037 0.1973 0.5431 -0.0565 0.0755  -0.0494 29  HYP A C   
187 O O   . HYP A 29 ? 0.3349 0.2150 0.5303 -0.0351 0.0726  -0.0503 29  HYP A O   
188 C CB  . HYP A 29 ? 0.3172 0.1934 0.5770 -0.0420 0.0759  -0.0538 29  HYP A CB  
189 C CG  . HYP A 29 ? 0.3084 0.1837 0.5076 -0.0503 0.0599  -0.0523 29  HYP A CG  
190 C CD  . HYP A 29 ? 0.3118 0.1824 0.5035 -0.0485 0.0332  -0.0559 29  HYP A CD  
191 O OD1 . HYP A 29 ? 0.3263 0.1924 0.5426 -0.0463 0.0825  -0.0554 29  HYP A OD1 
192 N N   . PRO B 1  ? 0.5582 0.4000 0.4922 -0.1850 -0.0244 0.0829  1   PRO B N   
193 C CA  . PRO B 1  ? 0.5169 0.3511 0.4318 -0.1728 -0.0266 0.0839  1   PRO B CA  
194 C C   . PRO B 1  ? 0.5128 0.3705 0.4397 -0.1624 -0.0262 0.0766  1   PRO B C   
195 O O   . PRO B 1  ? 0.4950 0.3621 0.4361 -0.1611 -0.0327 0.0691  1   PRO B O   
196 C CB  . PRO B 1  ? 0.5569 0.3608 0.4651 -0.1659 -0.0412 0.0845  1   PRO B CB  
197 C CG  . PRO B 1  ? 0.5485 0.3466 0.4727 -0.1708 -0.0421 0.0758  1   PRO B CG  
198 C CD  . PRO B 1  ? 0.5711 0.3951 0.5064 -0.1843 -0.0359 0.0752  1   PRO B CD  
199 N N   . HYP B 2  ? 0.4270 0.2905 0.3428 -0.1573 -0.0182 0.0784  2   HYP B N   
200 C CA  . HYP B 2  ? 0.4141 0.2970 0.3403 -0.1468 -0.0178 0.0725  2   HYP B CA  
201 C C   . HYP B 2  ? 0.4561 0.3299 0.3830 -0.1368 -0.0341 0.0657  2   HYP B C   
202 O O   . HYP B 2  ? 0.4297 0.2786 0.3493 -0.1333 -0.0431 0.0668  2   HYP B O   
203 C CB  . HYP B 2  ? 0.4735 0.3505 0.3761 -0.1440 -0.0074 0.0743  2   HYP B CB  
204 C CG  . HYP B 2  ? 0.5198 0.3775 0.3984 -0.1569 0.0025  0.0807  2   HYP B CG  
205 C CD  . HYP B 2  ? 0.5500 0.3986 0.4374 -0.1638 -0.0076 0.0847  2   HYP B CD  
206 O OD1 . HYP B 2  ? 0.5647 0.4383 0.4597 -0.1628 0.0307  0.0808  2   HYP B OD1 
207 N N   . GLY B 3  ? 0.4316 0.3254 0.3727 -0.1326 -0.0354 0.0592  3   GLY B N   
208 C CA  . GLY B 3  ? 0.3077 0.1912 0.2482 -0.1260 -0.0434 0.0493  3   GLY B CA  
209 C C   . GLY B 3  ? 0.3404 0.2147 0.2762 -0.1121 -0.0459 0.0484  3   GLY B C   
210 O O   . GLY B 3  ? 0.3514 0.2227 0.2765 -0.1097 -0.0463 0.0565  3   GLY B O   
211 N N   . PRO B 4  ? 0.2824 0.1503 0.2239 -0.1050 -0.0466 0.0379  4   PRO B N   
212 C CA  . PRO B 4  ? 0.2718 0.1327 0.2198 -0.0910 -0.0490 0.0377  4   PRO B CA  
213 C C   . PRO B 4  ? 0.3074 0.1893 0.2489 -0.0873 -0.0496 0.0401  4   PRO B C   
214 O O   . PRO B 4  ? 0.2345 0.1382 0.1747 -0.0939 -0.0453 0.0405  4   PRO B O   
215 C CB  . PRO B 4  ? 0.3247 0.1713 0.2839 -0.0874 -0.0409 0.0219  4   PRO B CB  
216 C CG  . PRO B 4  ? 0.3355 0.1911 0.2785 -0.1011 -0.0384 0.0140  4   PRO B CG  
217 C CD  . PRO B 4  ? 0.3162 0.1803 0.2558 -0.1117 -0.0435 0.0250  4   PRO B CD  
218 N N   . HYP B 5  ? 0.2693 0.1462 0.2138 -0.0767 -0.0549 0.0434  5   HYP B N   
219 C CA  . HYP B 5  ? 0.2223 0.1140 0.1587 -0.0733 -0.0534 0.0437  5   HYP B CA  
220 C C   . HYP B 5  ? 0.2277 0.1372 0.1728 -0.0705 -0.0474 0.0321  5   HYP B C   
221 O O   . HYP B 5  ? 0.2135 0.1132 0.1640 -0.0718 -0.0455 0.0219  5   HYP B O   
222 C CB  . HYP B 5  ? 0.2735 0.1575 0.2148 -0.0635 -0.0641 0.0488  5   HYP B CB  
223 C CG  . HYP B 5  ? 0.3094 0.1781 0.2633 -0.0638 -0.0736 0.0564  5   HYP B CG  
224 C CD  . HYP B 5  ? 0.2830 0.1435 0.2448 -0.0680 -0.0639 0.0493  5   HYP B CD  
225 O OD1 . HYP B 5  ? 0.4422 0.3060 0.3668 -0.0754 -0.0787 0.0651  5   HYP B OD1 
226 N N   . GLY B 6  ? 0.1827 0.1157 0.1266 -0.0680 -0.0420 0.0331  6   GLY B N   
227 C CA  . GLY B 6  ? 0.1667 0.1190 0.1188 -0.0657 -0.0409 0.0269  6   GLY B CA  
228 C C   . GLY B 6  ? 0.1722 0.1179 0.1236 -0.0554 -0.0409 0.0177  6   GLY B C   
229 O O   . GLY B 6  ? 0.1649 0.0960 0.1209 -0.0477 -0.0426 0.0177  6   GLY B O   
230 N N   . PRO B 7  ? 0.1534 0.1095 0.1022 -0.0580 -0.0407 0.0126  7   PRO B N   
231 C CA  . PRO B 7  ? 0.1711 0.1210 0.1175 -0.0506 -0.0358 0.0030  7   PRO B CA  
232 C C   . PRO B 7  ? 0.1570 0.1163 0.1131 -0.0363 -0.0355 0.0070  7   PRO B C   
233 O O   . PRO B 7  ? 0.1232 0.0934 0.0789 -0.0346 -0.0360 0.0152  7   PRO B O   
234 C CB  . PRO B 7  ? 0.1755 0.1347 0.1075 -0.0621 -0.0397 0.0027  7   PRO B CB  
235 C CG  . PRO B 7  ? 0.1726 0.1369 0.1039 -0.0752 -0.0469 0.0111  7   PRO B CG  
236 C CD  . PRO B 7  ? 0.1703 0.1430 0.1198 -0.0713 -0.0476 0.0188  7   PRO B CD  
237 N N   . HYP B 8  ? 0.1287 0.0800 0.0938 -0.0284 -0.0319 0.0009  8   HYP B N   
238 C CA  . HYP B 8  ? 0.1284 0.0876 0.0987 -0.0194 -0.0345 0.0047  8   HYP B CA  
239 C C   . HYP B 8  ? 0.1083 0.0845 0.0692 -0.0189 -0.0317 0.0057  8   HYP B C   
240 O O   . HYP B 8  ? 0.1059 0.0881 0.0612 -0.0253 -0.0310 0.0043  8   HYP B O   
241 C CB  . HYP B 8  ? 0.1295 0.0804 0.1225 -0.0132 -0.0296 -0.0017 8   HYP B CB  
242 C CG  . HYP B 8  ? 0.1551 0.0876 0.1590 -0.0171 -0.0205 -0.0091 8   HYP B CG  
243 C CD  . HYP B 8  ? 0.1921 0.1246 0.1647 -0.0298 -0.0205 -0.0115 8   HYP B CD  
244 O OD1 . HYP B 8  ? 0.2282 0.1517 0.2529 -0.0145 -0.0317 0.0019  8   HYP B OD1 
245 N N   . GLY B 9  ? 0.0980 0.0777 0.0561 -0.0142 -0.0315 0.0099  9   GLY B N   
246 C CA  . GLY B 9  ? 0.0894 0.0817 0.0492 -0.0110 -0.0260 0.0115  9   GLY B CA  
247 C C   . GLY B 9  ? 0.1085 0.1033 0.0700 -0.0090 -0.0262 0.0067  9   GLY B C   
248 O O   . GLY B 9  ? 0.1149 0.1007 0.0790 -0.0085 -0.0252 -0.0001 9   GLY B O   
249 N N   . ILE B 10 ? 0.0806 0.0862 0.0456 -0.0089 -0.0258 0.0117  10  ILE B N   
250 C CA  . ILE B 10 ? 0.0840 0.0872 0.0417 -0.0109 -0.0257 0.0085  10  ILE B CA  
251 C C   . ILE B 10 ? 0.0950 0.0931 0.0562 -0.0027 -0.0206 0.0036  10  ILE B C   
252 O O   . ILE B 10 ? 0.0920 0.0870 0.0546 0.0016  -0.0199 0.0050  10  ILE B O   
253 C CB  . ILE B 10 ? 0.0952 0.1084 0.0588 -0.0148 -0.0315 0.0201  10  ILE B CB  
254 C CG1 . ILE B 10 ? 0.0849 0.1077 0.0729 -0.0041 -0.0275 0.0289  10  ILE B CG1 
255 C CG2 . ILE B 10 ? 0.1386 0.1543 0.1034 -0.0266 -0.0393 0.0262  10  ILE B CG2 
256 C CD1 . ILE B 10 ? 0.1250 0.1581 0.1348 -0.0049 -0.0350 0.0451  10  ILE B CD1 
257 N N   . PRO B 11 ? 0.0859 0.0791 0.0448 -0.0044 -0.0161 -0.0022 11  PRO B N   
258 C CA  . PRO B 11 ? 0.1041 0.0953 0.0728 0.0010  -0.0141 -0.0043 11  PRO B CA  
259 C C   . PRO B 11 ? 0.0840 0.0767 0.0485 0.0045  -0.0146 0.0013  11  PRO B C   
260 O O   . PRO B 11 ? 0.0855 0.0835 0.0498 0.0045  -0.0146 0.0084  11  PRO B O   
261 C CB  . PRO B 11 ? 0.1472 0.1333 0.1166 -0.0039 -0.0035 -0.0115 11  PRO B CB  
262 C CG  . PRO B 11 ? 0.1326 0.1097 0.0891 -0.0128 0.0030  -0.0175 11  PRO B CG  
263 C CD  . PRO B 11 ? 0.1380 0.1216 0.0815 -0.0156 -0.0098 -0.0087 11  PRO B CD  
264 N N   . GLY B 12 ? 0.0809 0.0661 0.0451 0.0058  -0.0156 -0.0002 12  GLY B N   
265 C CA  . GLY B 12 ? 0.1000 0.0777 0.0574 0.0075  -0.0101 0.0013  12  GLY B CA  
266 C C   . GLY B 12 ? 0.0879 0.0683 0.0504 0.0079  -0.0075 0.0027  12  GLY B C   
267 O O   . GLY B 12 ? 0.1229 0.1077 0.0882 0.0044  -0.0074 0.0003  12  GLY B O   
268 N N   . GLU B 13 ? 0.0953 0.0676 0.0576 0.0108  -0.0014 0.0058  13  GLU B N   
269 C CA  . GLU B 13 ? 0.0955 0.0670 0.0613 0.0101  -0.0005 0.0104  13  GLU B CA  
270 C C   . GLU B 13 ? 0.1045 0.0678 0.0658 0.0052  0.0001  0.0037  13  GLU B C   
271 O O   . GLU B 13 ? 0.1088 0.0650 0.0658 0.0017  -0.0036 -0.0016 13  GLU B O   
272 C CB  . GLU B 13 ? 0.1609 0.1256 0.1406 0.0163  0.0063  0.0190  13  GLU B CB  
273 C CG  . GLU B 13 ? 0.1806 0.1579 0.1833 0.0210  0.0044  0.0305  13  GLU B CG  
274 C CD  . GLU B 13 ? 0.2960 0.2690 0.3348 0.0294  0.0129  0.0430  13  GLU B CD  
275 O OE1 . GLU B 13 ? 0.2748 0.2525 0.3286 0.0277  0.0005  0.0599  13  GLU B OE1 
276 O OE2 . GLU B 13 ? 0.2489 0.2093 0.3013 0.0359  0.0337  0.0366  13  GLU B OE2 
277 N N   . LYS B 14 ? 0.0913 0.1383 0.0545 -0.0263 -0.0193 0.0329  14  LYS B N   
278 C CA  . LYS B 14 ? 0.1090 0.1454 0.0663 -0.0208 -0.0194 0.0251  14  LYS B CA  
279 C C   . LYS B 14 ? 0.1090 0.1468 0.0521 -0.0314 -0.0079 0.0268  14  LYS B C   
280 O O   . LYS B 14 ? 0.1140 0.1570 0.0936 -0.0313 0.0102  0.0285  14  LYS B O   
281 C CB  . LYS B 14 ? 0.1123 0.1570 0.0891 -0.0147 -0.0221 0.0293  14  LYS B CB  
282 C CG  . LYS B 14 ? 0.1209 0.1604 0.0939 -0.0120 -0.0225 0.0238  14  LYS B CG  
283 C CD  . LYS B 14 ? 0.1634 0.2133 0.1495 -0.0129 -0.0234 0.0291  14  LYS B CD  
284 C CE  . LYS B 14 ? 0.0923 0.1364 0.0723 -0.0107 -0.0238 0.0225  14  LYS B CE  
285 N NZ  . LYS B 14 ? 0.2288 0.2655 0.2005 -0.0106 -0.0260 0.0163  14  LYS B NZ  
286 N N   . GLY B 15 ? 0.1144 0.1316 0.0415 -0.0302 -0.0087 0.0137  15  GLY B N   
287 C CA  . GLY B 15 ? 0.1366 0.1393 0.0487 -0.0410 0.0092  0.0050  15  GLY B CA  
288 C C   . GLY B 15 ? 0.1224 0.1374 0.0769 -0.0315 0.0196  0.0087  15  GLY B C   
289 O O   . GLY B 15 ? 0.1102 0.1460 0.0900 -0.0214 0.0081  0.0216  15  GLY B O   
290 N N   . PRO B 16 ? 0.1404 0.1405 0.1014 -0.0373 0.0419  -0.0026 16  PRO B N   
291 C CA  . PRO B 16 ? 0.1304 0.1396 0.1341 -0.0286 0.0519  0.0003  16  PRO B CA  
292 C C   . PRO B 16 ? 0.1630 0.1747 0.1536 -0.0223 0.0346  0.0038  16  PRO B C   
293 O O   . PRO B 16 ? 0.1554 0.1554 0.1046 -0.0264 0.0206  -0.0012 16  PRO B O   
294 C CB  . PRO B 16 ? 0.2109 0.1971 0.2132 -0.0402 0.0817  -0.0178 16  PRO B CB  
295 C CG  . PRO B 16 ? 0.3159 0.2854 0.2828 -0.0558 0.0902  -0.0279 16  PRO B CG  
296 C CD  . PRO B 16 ? 0.1906 0.1626 0.1173 -0.0551 0.0598  -0.0193 16  PRO B CD  
297 N N   . ALA B 17 ? 0.1313 0.1583 0.1626 -0.0131 0.0354  0.0130  17  ALA B N   
298 C CA  . ALA B 17 ? 0.1277 0.1570 0.1513 -0.0085 0.0238  0.0151  17  ALA B CA  
299 C C   . ALA B 17 ? 0.1566 0.1614 0.1535 -0.0151 0.0336  -0.0005 17  ALA B C   
300 O O   . ALA B 17 ? 0.1596 0.1474 0.1579 -0.0230 0.0554  -0.0119 17  ALA B O   
301 C CB  . ALA B 17 ? 0.1032 0.1507 0.1756 -0.0008 0.0235  0.0291  17  ALA B CB  
302 N N   . GLY B 18 ? 0.1325 0.1344 0.1056 -0.0140 0.0181  -0.0016 18  GLY B N   
303 C CA  . GLY B 18 ? 0.1609 0.1408 0.1115 -0.0208 0.0227  -0.0126 18  GLY B CA  
304 C C   . GLY B 18 ? 0.1538 0.1350 0.1358 -0.0167 0.0375  -0.0130 18  GLY B C   
305 O O   . GLY B 18 ? 0.1454 0.1459 0.1706 -0.0078 0.0409  -0.0026 18  GLY B O   
306 N N   . GLU B 19 ? 0.1943 0.1528 0.1535 -0.0251 0.0441  -0.0241 19  GLU B N   
307 C CA  . GLU B 19 ? 0.1822 0.1372 0.1670 -0.0230 0.0594  -0.0272 19  GLU B CA  
308 C C   . GLU B 19 ? 0.1402 0.1137 0.1439 -0.0116 0.0440  -0.0162 19  GLU B C   
309 O O   . GLU B 19 ? 0.1325 0.1140 0.1188 -0.0091 0.0237  -0.0119 19  GLU B O   
310 C CB  . GLU B 19 ? 0.2562 0.1774 0.2022 -0.0398 0.0715  -0.0435 19  GLU B CB  
311 C CG  . GLU B 19 ? 0.3857 0.2963 0.3300 -0.0411 0.0735  -0.0473 19  GLU B CG  
312 C CD  . GLU B 19 ? 0.4032 0.2908 0.3072 -0.0596 0.0744  -0.0524 19  GLU B CD  
313 O OE1 . GLU B 19 ? 0.2884 0.1734 0.1638 -0.0638 0.0517  -0.0451 19  GLU B OE1 
314 O OE2 . GLU B 19 ? 0.4997 0.3775 0.4107 -0.0687 0.0968  -0.0593 19  GLU B OE2 
315 N N   . ARG B 20 ? 0.1570 0.1381 0.2017 -0.0056 0.0546  -0.0116 20  ARG B N   
316 C CA  . ARG B 20 ? 0.1417 0.1381 0.2032 0.0018  0.0420  -0.0012 20  ARG B CA  
317 C C   . ARG B 20 ? 0.1553 0.1368 0.1829 -0.0027 0.0353  -0.0099 20  ARG B C   
318 O O   . ARG B 20 ? 0.1691 0.1253 0.1712 -0.0123 0.0450  -0.0226 20  ARG B O   
319 C CB  . ARG B 20 ? 0.1449 0.1463 0.2572 0.0064  0.0543  0.0049  20  ARG B CB  
320 C CG  . ARG B 20 ? 0.2353 0.2495 0.3627 0.0109  0.0416  0.0165  20  ARG B CG  
321 C CD  . ARG B 20 ? 0.2482 0.2776 0.4287 0.0149  0.0390  0.0342  20  ARG B CD  
322 N NE  . ARG B 20 ? 0.1815 0.2187 0.3645 0.0141  0.0239  0.0466  20  ARG B NE  
323 C CZ  . ARG B 20 ? 0.2725 0.3014 0.4770 0.0139  0.0278  0.0486  20  ARG B CZ  
324 N NH1 . ARG B 20 ? 0.3086 0.3203 0.5343 0.0141  0.0469  0.0377  20  ARG B NH1 
325 N NH2 . ARG B 20 ? 0.1284 0.1652 0.3314 0.0109  0.0138  0.0605  20  ARG B NH2 
326 N N   . GLY B 21 ? 0.1188 0.1150 0.1452 0.0017  0.0186  -0.0031 21  GLY B N   
327 C CA  . GLY B 21 ? 0.1243 0.1093 0.1275 -0.0017 0.0103  -0.0098 21  GLY B CA  
328 C C   . GLY B 21 ? 0.1569 0.1290 0.1684 -0.0036 0.0211  -0.0135 21  GLY B C   
329 O O   . GLY B 21 ? 0.1707 0.1458 0.2130 -0.0003 0.0346  -0.0101 21  GLY B O   
330 N N   . PRO B 22 ? 0.1360 0.0923 0.1234 -0.0095 0.0142  -0.0204 22  PRO B N   
331 C CA  . PRO B 22 ? 0.1667 0.1088 0.1572 -0.0127 0.0235  -0.0247 22  PRO B CA  
332 C C   . PRO B 22 ? 0.1654 0.1281 0.1866 -0.0040 0.0196  -0.0151 22  PRO B C   
333 O O   . PRO B 22 ? 0.1318 0.1173 0.1628 0.0013  0.0080  -0.0068 22  PRO B O   
334 C CB  . PRO B 22 ? 0.2714 0.1914 0.2246 -0.0238 0.0111  -0.0317 22  PRO B CB  
335 C CG  . PRO B 22 ? 0.2678 0.2007 0.2164 -0.0206 -0.0087 -0.0277 22  PRO B CG  
336 C CD  . PRO B 22 ? 0.1675 0.1161 0.1265 -0.0148 -0.0040 -0.0239 22  PRO B CD  
337 N N   . HYP B 23 ? 0.1632 0.1160 0.1969 -0.0050 0.0303  -0.0170 23  HYP B N   
338 C CA  . HYP B 23 ? 0.1583 0.1267 0.2170 0.0004  0.0251  -0.0075 23  HYP B CA  
339 C C   . HYP B 23 ? 0.1374 0.1139 0.1812 -0.0004 0.0087  -0.0072 23  HYP B C   
340 O O   . HYP B 23 ? 0.1487 0.1111 0.1662 -0.0058 0.0011  -0.0153 23  HYP B O   
341 C CB  . HYP B 23 ? 0.1439 0.0943 0.2152 -0.0020 0.0403  -0.0125 23  HYP B CB  
342 C CG  . HYP B 23 ? 0.1742 0.1032 0.2380 -0.0082 0.0596  -0.0246 23  HYP B CG  
343 C CD  . HYP B 23 ? 0.1919 0.1168 0.2179 -0.0135 0.0502  -0.0290 23  HYP B CD  
344 O OD1 . HYP B 23 ? 0.2186 0.1610 0.3258 -0.0012 0.0691  -0.0175 23  HYP B OD1 
345 N N   . GLY B 24 ? 0.0996 0.0976 0.1624 0.0028  0.0024  0.0025  24  GLY B N   
346 C CA  . GLY B 24 ? 0.1041 0.1116 0.1606 0.0011  -0.0086 0.0006  24  GLY B CA  
347 C C   . GLY B 24 ? 0.1068 0.1002 0.1606 -0.0016 -0.0084 -0.0036 24  GLY B C   
348 O O   . GLY B 24 ? 0.1216 0.0963 0.1747 -0.0031 0.0011  -0.0059 24  GLY B O   
349 N N   . PRO B 25 ? 0.1069 0.1091 0.1614 -0.0033 -0.0175 -0.0058 25  PRO B N   
350 C CA  . PRO B 25 ? 0.1086 0.1004 0.1633 -0.0064 -0.0195 -0.0083 25  PRO B CA  
351 C C   . PRO B 25 ? 0.1318 0.1279 0.2027 -0.0059 -0.0123 -0.0001 25  PRO B C   
352 O O   . PRO B 25 ? 0.0888 0.1007 0.1743 -0.0046 -0.0099 0.0097  25  PRO B O   
353 C CB  . PRO B 25 ? 0.1214 0.1285 0.1843 -0.0077 -0.0295 -0.0122 25  PRO B CB  
354 C CG  . PRO B 25 ? 0.1038 0.1216 0.1658 -0.0059 -0.0327 -0.0152 25  PRO B CG  
355 C CD  . PRO B 25 ? 0.0957 0.1177 0.1544 -0.0034 -0.0245 -0.0079 25  PRO B CD  
356 N N   . HYP B 26 ? 0.1160 0.0964 0.1845 -0.0086 -0.0111 -0.0028 26  HYP B N   
357 C CA  . HYP B 26 ? 0.1159 0.1003 0.2026 -0.0088 -0.0070 0.0052  26  HYP B CA  
358 C C   . HYP B 26 ? 0.1109 0.1214 0.2092 -0.0112 -0.0130 0.0130  26  HYP B C   
359 O O   . HYP B 26 ? 0.1025 0.1248 0.1959 -0.0135 -0.0184 0.0073  26  HYP B O   
360 C CB  . HYP B 26 ? 0.1602 0.1236 0.2381 -0.0129 -0.0066 -0.0008 26  HYP B CB  
361 C CG  . HYP B 26 ? 0.2023 0.1443 0.2533 -0.0172 -0.0094 -0.0112 26  HYP B CG  
362 C CD  . HYP B 26 ? 0.1427 0.1000 0.1912 -0.0143 -0.0168 -0.0116 26  HYP B CD  
363 O OD1 . HYP B 26 ? 0.2667 0.1888 0.3113 -0.0188 0.0052  -0.0153 26  HYP B OD1 
364 N N   . GLY B 27 ? 0.0953 0.1132 0.2105 -0.0130 -0.0118 0.0257  27  GLY B N   
365 C CA  . GLY B 27 ? 0.0987 0.1366 0.2178 -0.0212 -0.0172 0.0338  27  GLY B CA  
366 C C   . GLY B 27 ? 0.1328 0.1697 0.2504 -0.0256 -0.0187 0.0291  27  GLY B C   
367 O O   . GLY B 27 ? 0.1021 0.1217 0.2168 -0.0219 -0.0176 0.0213  27  GLY B O   
368 N N   . PRO B 28 ? 0.0947 0.1493 0.2124 -0.0362 -0.0209 0.0334  28  PRO B N   
369 C CA  . PRO B 28 ? 0.1626 0.2197 0.2820 -0.0423 -0.0210 0.0294  28  PRO B CA  
370 C C   . PRO B 28 ? 0.1204 0.1619 0.2485 -0.0404 -0.0225 0.0370  28  PRO B C   
371 O O   . PRO B 28 ? 0.1575 0.1943 0.2961 -0.0399 -0.0241 0.0502  28  PRO B O   
372 C CB  . PRO B 28 ? 0.1250 0.2024 0.2391 -0.0586 -0.0206 0.0352  28  PRO B CB  
373 C CG  . PRO B 28 ? 0.1295 0.2158 0.2353 -0.0599 -0.0195 0.0350  28  PRO B CG  
374 C CD  . PRO B 28 ? 0.1011 0.1733 0.2128 -0.0462 -0.0222 0.0409  28  PRO B CD  
375 N N   . HYP B 29 ? 0.1165 0.1496 0.2446 -0.0399 -0.0229 0.0292  29  HYP B N   
376 C CA  . HYP B 29 ? 0.1417 0.1585 0.2766 -0.0391 -0.0233 0.0348  29  HYP B CA  
377 C C   . HYP B 29 ? 0.2171 0.2439 0.3617 -0.0486 -0.0269 0.0505  29  HYP B C   
378 O O   . HYP B 29 ? 0.2277 0.2732 0.3664 -0.0603 -0.0285 0.0532  29  HYP B O   
379 C CB  . HYP B 29 ? 0.2080 0.2160 0.3384 -0.0397 -0.0253 0.0241  29  HYP B CB  
380 C CG  . HYP B 29 ? 0.2054 0.2176 0.3298 -0.0368 -0.0273 0.0123  29  HYP B CG  
381 C CD  . HYP B 29 ? 0.1538 0.1885 0.2797 -0.0392 -0.0243 0.0147  29  HYP B CD  
382 O OD1 . HYP B 29 ? 0.1981 0.1888 0.3106 -0.0309 -0.0269 0.0082  29  HYP B OD1 
383 N N   . GLY B 30 ? 0.1990 0.2119 0.3593 -0.0458 -0.0276 0.0606  30  GLY B N   
384 C CA  . GLY B 30 ? 0.2397 0.2583 0.4136 -0.0557 -0.0355 0.0791  30  GLY B CA  
385 C C   . GLY B 30 ? 0.2174 0.2265 0.3945 -0.0581 -0.0367 0.0791  30  GLY B C   
386 O O   . GLY B 30 ? 0.3671 0.3831 0.5412 -0.0664 -0.0437 0.0896  30  GLY B O   
387 N N   . PRO C 1  ? 0.4579 0.3222 0.5490 -0.1628 0.0039  -0.0227 1   PRO C N   
388 C CA  . PRO C 1  ? 0.4659 0.3222 0.5439 -0.1557 -0.0251 -0.0214 1   PRO C CA  
389 C C   . PRO C 1  ? 0.4381 0.2930 0.5082 -0.1415 -0.0190 -0.0233 1   PRO C C   
390 O O   . PRO C 1  ? 0.4317 0.2932 0.4978 -0.1395 -0.0072 -0.0154 1   PRO C O   
391 C CB  . PRO C 1  ? 0.4450 0.3363 0.5533 -0.1532 -0.0304 -0.0272 1   PRO C CB  
392 C CG  . PRO C 1  ? 0.3891 0.3073 0.5211 -0.1539 -0.0199 -0.0181 1   PRO C CG  
393 C CD  . PRO C 1  ? 0.4303 0.3342 0.5692 -0.1562 -0.0040 -0.0124 1   PRO C CD  
394 N N   . HYP C 2  ? 0.4254 0.2725 0.4965 -0.1320 -0.0209 -0.0371 2   HYP C N   
395 C CA  . HYP C 2  ? 0.4512 0.3010 0.5200 -0.1163 -0.0163 -0.0387 2   HYP C CA  
396 C C   . HYP C 2  ? 0.3707 0.2491 0.4374 -0.1131 -0.0162 -0.0319 2   HYP C C   
397 O O   . HYP C 2  ? 0.3414 0.2431 0.4124 -0.1146 -0.0176 -0.0375 2   HYP C O   
398 C CB  . HYP C 2  ? 0.3599 0.2068 0.4301 -0.1072 -0.0141 -0.0575 2   HYP C CB  
399 C CG  . HYP C 2  ? 0.4131 0.2477 0.4853 -0.1179 -0.0168 -0.0675 2   HYP C CG  
400 C CD  . HYP C 2  ? 0.4753 0.3149 0.5492 -0.1333 -0.0233 -0.0546 2   HYP C CD  
401 O OD1 . HYP C 2  ? 0.5445 0.3505 0.6260 -0.1142 -0.0138 -0.0709 2   HYP C OD1 
402 N N   . GLY C 3  ? 0.3564 0.2331 0.4178 -0.1083 -0.0122 -0.0214 3   GLY C N   
403 C CA  . GLY C 3  ? 0.2418 0.1442 0.3045 -0.1035 -0.0113 -0.0159 3   GLY C CA  
404 C C   . GLY C 3  ? 0.2216 0.1364 0.2816 -0.0926 -0.0094 -0.0291 3   GLY C C   
405 O O   . GLY C 3  ? 0.2964 0.1981 0.3542 -0.0843 -0.0085 -0.0376 3   GLY C O   
406 N N   . PRO C 4  ? 0.2171 0.1586 0.2765 -0.0926 -0.0071 -0.0310 4   PRO C N   
407 C CA  . PRO C 4  ? 0.1875 0.1395 0.2381 -0.0841 -0.0060 -0.0403 4   PRO C CA  
408 C C   . PRO C 4  ? 0.2032 0.1498 0.2498 -0.0740 -0.0030 -0.0368 4   PRO C C   
409 O O   . PRO C 4  ? 0.1729 0.1133 0.2207 -0.0752 -0.0017 -0.0255 4   PRO C O   
410 C CB  . PRO C 4  ? 0.2366 0.2168 0.2884 -0.0880 -0.0067 -0.0385 4   PRO C CB  
411 C CG  . PRO C 4  ? 0.2018 0.1868 0.2660 -0.0986 -0.0075 -0.0321 4   PRO C CG  
412 C CD  . PRO C 4  ? 0.2233 0.1868 0.2899 -0.1006 -0.0051 -0.0243 4   PRO C CD  
413 N N   . HYP C 5  ? 0.1790 0.1281 0.2194 -0.0655 -0.0019 -0.0455 5   HYP C N   
414 C CA  . HYP C 5  ? 0.1532 0.1006 0.1918 -0.0562 0.0000  -0.0422 5   HYP C CA  
415 C C   . HYP C 5  ? 0.1394 0.1040 0.1719 -0.0555 0.0012  -0.0331 5   HYP C C   
416 O O   . HYP C 5  ? 0.1559 0.1388 0.1884 -0.0603 0.0012  -0.0332 5   HYP C O   
417 C CB  . HYP C 5  ? 0.1484 0.1006 0.1812 -0.0488 0.0020  -0.0526 5   HYP C CB  
418 C CG  . HYP C 5  ? 0.1664 0.1170 0.1967 -0.0550 0.0023  -0.0622 5   HYP C CG  
419 C CD  . HYP C 5  ? 0.1829 0.1387 0.2156 -0.0656 -0.0019 -0.0574 5   HYP C CD  
420 O OD1 . HYP C 5  ? 0.2317 0.1628 0.2725 -0.0520 0.0043  -0.0659 5   HYP C OD1 
421 N N   . GLY C 6  ? 0.1472 0.1065 0.1746 -0.0485 0.0012  -0.0239 6   GLY C N   
422 C CA  . GLY C 6  ? 0.1635 0.1374 0.1819 -0.0455 0.0041  -0.0170 6   GLY C CA  
423 C C   . GLY C 6  ? 0.1042 0.0936 0.1201 -0.0385 0.0042  -0.0228 6   GLY C C   
424 O O   . GLY C 6  ? 0.1325 0.1221 0.1490 -0.0373 0.0022  -0.0313 6   GLY C O   
425 N N   . PRO C 7  ? 0.0958 0.0972 0.1087 -0.0350 0.0072  -0.0188 7   PRO C N   
426 C CA  . PRO C 7  ? 0.1185 0.1322 0.1317 -0.0286 0.0055  -0.0216 7   PRO C CA  
427 C C   . PRO C 7  ? 0.0983 0.1032 0.1029 -0.0214 0.0038  -0.0230 7   PRO C C   
428 O O   . PRO C 7  ? 0.0861 0.0776 0.0871 -0.0199 0.0033  -0.0206 7   PRO C O   
429 C CB  . PRO C 7  ? 0.1549 0.1804 0.1731 -0.0264 0.0110  -0.0178 7   PRO C CB  
430 C CG  . PRO C 7  ? 0.1759 0.1917 0.1856 -0.0308 0.0170  -0.0138 7   PRO C CG  
431 C CD  . PRO C 7  ? 0.1127 0.1175 0.1230 -0.0384 0.0136  -0.0124 7   PRO C CD  
432 N N   . HYP C 8  ? 0.0745 0.0878 0.0780 -0.0180 0.0015  -0.0250 8   HYP C N   
433 C CA  . HYP C 8  ? 0.0766 0.0839 0.0739 -0.0124 0.0009  -0.0258 8   HYP C CA  
434 C C   . HYP C 8  ? 0.0772 0.0778 0.0697 -0.0078 0.0022  -0.0207 8   HYP C C   
435 O O   . HYP C 8  ? 0.0928 0.0966 0.0842 -0.0078 0.0054  -0.0180 8   HYP C O   
436 C CB  . HYP C 8  ? 0.0753 0.0933 0.0704 -0.0121 -0.0020 -0.0261 8   HYP C CB  
437 C CG  . HYP C 8  ? 0.0805 0.1084 0.0792 -0.0196 -0.0054 -0.0274 8   HYP C CG  
438 C CD  . HYP C 8  ? 0.0892 0.1174 0.0972 -0.0210 -0.0025 -0.0253 8   HYP C CD  
439 O OD1 . HYP C 8  ? 0.1034 0.1259 0.0959 -0.0257 -0.0043 -0.0360 8   HYP C OD1 
440 N N   . GLY C 9  ? 0.0731 0.0656 0.0636 -0.0048 0.0001  -0.0206 9   GLY C N   
441 C CA  . GLY C 9  ? 0.0807 0.0671 0.0636 -0.0027 -0.0014 -0.0161 9   GLY C CA  
442 C C   . GLY C 9  ? 0.0665 0.0587 0.0462 0.0007  -0.0002 -0.0169 9   GLY C C   
443 O O   . GLY C 9  ? 0.0964 0.0973 0.0812 0.0016  -0.0002 -0.0185 9   GLY C O   
444 N N   . ILE C 10 ? 0.0975 0.0836 0.0686 0.0011  -0.0003 -0.0153 10  ILE C N   
445 C CA  . ILE C 10 ? 0.1079 0.0958 0.0789 0.0044  0.0011  -0.0170 10  ILE C CA  
446 C C   . ILE C 10 ? 0.1131 0.1013 0.0869 0.0061  -0.0036 -0.0162 10  ILE C C   
447 O O   . ILE C 10 ? 0.1012 0.0873 0.0767 0.0052  -0.0070 -0.0154 10  ILE C O   
448 C CB  . ILE C 10 ? 0.1941 0.1739 0.1529 0.0025  0.0049  -0.0189 10  ILE C CB  
449 C CG1 . ILE C 10 ? 0.1850 0.1552 0.1316 -0.0014 -0.0019 -0.0161 10  ILE C CG1 
450 C CG2 . ILE C 10 ? 0.2219 0.2032 0.1762 -0.0018 0.0127  -0.0205 10  ILE C CG2 
451 C CD1 . ILE C 10 ? 0.1926 0.1538 0.1223 -0.0057 0.0008  -0.0199 10  ILE C CD1 
452 N N   . PRO C 11 ? 0.0979 0.0897 0.0758 0.0082  -0.0039 -0.0155 11  PRO C N   
453 C CA  . PRO C 11 ? 0.0762 0.0687 0.0549 0.0072  -0.0072 -0.0137 11  PRO C CA  
454 C C   . PRO C 11 ? 0.0821 0.0669 0.0572 0.0063  -0.0098 -0.0139 11  PRO C C   
455 O O   . PRO C 11 ? 0.1116 0.0881 0.0791 0.0058  -0.0098 -0.0151 11  PRO C O   
456 C CB  . PRO C 11 ? 0.1188 0.1122 0.1015 0.0086  -0.0089 -0.0101 11  PRO C CB  
457 C CG  . PRO C 11 ? 0.1037 0.1031 0.0939 0.0108  -0.0075 -0.0100 11  PRO C CG  
458 C CD  . PRO C 11 ? 0.0775 0.0734 0.0635 0.0109  -0.0020 -0.0149 11  PRO C CD  
459 N N   . GLY C 12 ? 0.0627 0.0515 0.0431 0.0044  -0.0113 -0.0131 12  GLY C N   
460 C CA  . GLY C 12 ? 0.0785 0.0633 0.0608 0.0025  -0.0158 -0.0120 12  GLY C CA  
461 C C   . GLY C 12 ? 0.0943 0.0705 0.0703 0.0009  -0.0179 -0.0111 12  GLY C C   
462 O O   . GLY C 12 ? 0.1064 0.0804 0.0816 0.0024  -0.0158 -0.0105 12  GLY C O   
463 N N   . GLU C 13 ? 0.0850 0.0560 0.0593 -0.0027 -0.0235 -0.0107 13  GLU C N   
464 C CA  . GLU C 13 ? 0.0931 0.0542 0.0622 -0.0060 -0.0258 -0.0116 13  GLU C CA  
465 C C   . GLU C 13 ? 0.1028 0.0692 0.0824 -0.0083 -0.0258 -0.0077 13  GLU C C   
466 O O   . GLU C 13 ? 0.0894 0.0688 0.0794 -0.0092 -0.0238 -0.0056 13  GLU C O   
467 C CB  . GLU C 13 ? 0.1235 0.0776 0.0847 -0.0123 -0.0339 -0.0123 13  GLU C CB  
468 C CG  . GLU C 13 ? 0.1088 0.0737 0.0866 -0.0154 -0.0413 -0.0071 13  GLU C CG  
469 C CD  . GLU C 13 ? 0.1170 0.0768 0.0878 -0.0224 -0.0521 -0.0048 13  GLU C CD  
470 O OE1 . GLU C 13 ? 0.1781 0.1331 0.1352 -0.0230 -0.0524 -0.0038 13  GLU C OE1 
471 O OE2 . GLU C 13 ? 0.1894 0.1516 0.1688 -0.0274 -0.0574 -0.0024 13  GLU C OE2 
472 N N   . LYS C 14 ? 0.1174 0.0852 0.0829 -0.0366 0.0184  -0.0026 14  LYS C N   
473 C CA  . LYS C 14 ? 0.1068 0.0824 0.0798 -0.0353 0.0081  0.0011  14  LYS C CA  
474 C C   . LYS C 14 ? 0.1086 0.0823 0.0692 -0.0331 0.0040  0.0037  14  LYS C C   
475 O O   . LYS C 14 ? 0.1326 0.0973 0.0791 -0.0330 0.0036  0.0026  14  LYS C O   
476 C CB  . LYS C 14 ? 0.1383 0.1169 0.1286 -0.0344 0.0069  -0.0006 14  LYS C CB  
477 C CG  . LYS C 14 ? 0.2409 0.2271 0.2601 -0.0352 0.0058  0.0008  14  LYS C CG  
478 C CD  . LYS C 14 ? 0.2592 0.2457 0.2982 -0.0316 0.0079  -0.0010 14  LYS C CD  
479 C CE  . LYS C 14 ? 0.3032 0.2848 0.3267 -0.0312 -0.0005 -0.0005 14  LYS C CE  
480 N NZ  . LYS C 14 ? 0.2983 0.2672 0.3130 -0.0291 0.0078  -0.0053 14  LYS C NZ  
481 N N   . GLY C 15 ? 0.1025 0.0814 0.0692 -0.0325 0.0004  0.0080  15  GLY C N   
482 C CA  . GLY C 15 ? 0.1089 0.0921 0.0807 -0.0307 -0.0029 0.0122  15  GLY C CA  
483 C C   . GLY C 15 ? 0.1539 0.1372 0.1292 -0.0334 -0.0108 0.0109  15  GLY C C   
484 O O   . GLY C 15 ? 0.1459 0.1248 0.1191 -0.0351 -0.0104 0.0063  15  GLY C O   
485 N N   . PRO C 16 ? 0.1503 0.1366 0.1326 -0.0342 -0.0192 0.0159  16  PRO C N   
486 C CA  . PRO C 16 ? 0.1349 0.1155 0.1150 -0.0400 -0.0303 0.0159  16  PRO C CA  
487 C C   . PRO C 16 ? 0.1435 0.1326 0.1382 -0.0420 -0.0289 0.0168  16  PRO C C   
488 O O   . PRO C 16 ? 0.1139 0.1104 0.1185 -0.0396 -0.0200 0.0183  16  PRO C O   
489 C CB  . PRO C 16 ? 0.1581 0.1413 0.1492 -0.0419 -0.0447 0.0244  16  PRO C CB  
490 C CG  . PRO C 16 ? 0.1602 0.1609 0.1773 -0.0344 -0.0351 0.0301  16  PRO C CG  
491 C CD  . PRO C 16 ? 0.1481 0.1418 0.1450 -0.0303 -0.0202 0.0233  16  PRO C CD  
492 N N   . ALA C 17 ? 0.1225 0.1025 0.1103 -0.0480 -0.0376 0.0158  17  ALA C N   
493 C CA  . ALA C 17 ? 0.1368 0.1210 0.1350 -0.0514 -0.0378 0.0170  17  ALA C CA  
494 C C   . ALA C 17 ? 0.1362 0.1378 0.1643 -0.0534 -0.0377 0.0255  17  ALA C C   
495 O O   . ALA C 17 ? 0.1493 0.1610 0.1963 -0.0531 -0.0438 0.0323  17  ALA C O   
496 C CB  . ALA C 17 ? 0.1599 0.1255 0.1402 -0.0584 -0.0472 0.0145  17  ALA C CB  
497 N N   . GLY C 18 ? 0.1270 0.1296 0.1612 -0.0552 -0.0295 0.0261  18  GLY C N   
498 C CA  . GLY C 18 ? 0.1147 0.1299 0.1789 -0.0578 -0.0217 0.0338  18  GLY C CA  
499 C C   . GLY C 18 ? 0.1272 0.1506 0.2116 -0.0639 -0.0349 0.0388  18  GLY C C   
500 O O   . GLY C 18 ? 0.1327 0.1448 0.1969 -0.0671 -0.0502 0.0360  18  GLY C O   
501 N N   . GLU C 19 ? 0.1161 0.1428 0.1633 -0.0256 -0.0051 -0.0040 19  GLU C N   
502 C CA  . GLU C 19 ? 0.1270 0.1481 0.1758 -0.0236 -0.0100 0.0013  19  GLU C CA  
503 C C   . GLU C 19 ? 0.1054 0.1293 0.1379 -0.0172 -0.0053 -0.0061 19  GLU C C   
504 O O   . GLU C 19 ? 0.1034 0.1340 0.1313 -0.0137 0.0007  -0.0134 19  GLU C O   
505 C CB  . GLU C 19 ? 0.1079 0.1207 0.1910 -0.0213 -0.0089 0.0049  19  GLU C CB  
506 C CG  . GLU C 19 ? 0.1156 0.1234 0.2273 -0.0262 -0.0113 0.0145  19  GLU C CG  
507 C CD  . GLU C 19 ? 0.1320 0.1437 0.2377 -0.0367 -0.0285 0.0325  19  GLU C CD  
508 O OE1 . GLU C 19 ? 0.2437 0.2559 0.3537 -0.0424 -0.0305 0.0371  19  GLU C OE1 
509 O OE2 . GLU C 19 ? 0.1572 0.1684 0.2487 -0.0429 -0.0405 0.0423  19  GLU C OE2 
510 N N   . ARG C 20 ? 0.0961 0.1138 0.1196 -0.0188 -0.0107 -0.0013 20  ARG C N   
511 C CA  . ARG C 20 ? 0.1021 0.1192 0.1130 -0.0129 -0.0058 -0.0076 20  ARG C CA  
512 C C   . ARG C 20 ? 0.1227 0.1417 0.1510 -0.0060 -0.0021 -0.0125 20  ARG C C   
513 O O   . ARG C 20 ? 0.1028 0.1175 0.1546 -0.0063 -0.0020 -0.0097 20  ARG C O   
514 C CB  . ARG C 20 ? 0.1407 0.1447 0.1324 -0.0209 -0.0132 -0.0017 20  ARG C CB  
515 C CG  . ARG C 20 ? 0.1699 0.1684 0.1459 -0.0160 -0.0059 -0.0091 20  ARG C CG  
516 C CD  . ARG C 20 ? 0.1752 0.1527 0.1191 -0.0296 -0.0112 -0.0060 20  ARG C CD  
517 N NE  . ARG C 20 ? 0.1816 0.1502 0.1105 -0.0237 0.0023  -0.0159 20  ARG C NE  
518 C CZ  . ARG C 20 ? 0.2387 0.1830 0.1352 -0.0353 0.0024  -0.0177 20  ARG C CZ  
519 N NH1 . ARG C 20 ? 0.3096 0.2376 0.1809 -0.0570 -0.0149 -0.0080 20  ARG C NH1 
520 N NH2 . ARG C 20 ? 0.2637 0.1983 0.1535 -0.0280 0.0183  -0.0271 20  ARG C NH2 
521 N N   . GLY C 21 ? 0.0804 0.1041 0.0995 -0.0009 0.0032  -0.0187 21  GLY C N   
522 C CA  . GLY C 21 ? 0.1108 0.1331 0.1354 0.0017  0.0079  -0.0236 21  GLY C CA  
523 C C   . GLY C 21 ? 0.0774 0.0929 0.1134 0.0042  0.0065  -0.0202 21  GLY C C   
524 O O   . GLY C 21 ? 0.0938 0.1057 0.1288 0.0017  -0.0023 -0.0125 21  GLY C O   
525 N N   . PRO C 22 ? 0.0761 0.0873 0.1209 0.0057  0.0154  -0.0247 22  PRO C N   
526 C CA  . PRO C 22 ? 0.0876 0.0949 0.1527 0.0086  0.0158  -0.0188 22  PRO C CA  
527 C C   . PRO C 22 ? 0.0734 0.0831 0.1223 0.0108  0.0094  -0.0176 22  PRO C C   
528 O O   . PRO C 22 ? 0.0840 0.0978 0.1115 0.0121  0.0097  -0.0222 22  PRO C O   
529 C CB  . PRO C 22 ? 0.1008 0.0988 0.1760 0.0084  0.0352  -0.0271 22  PRO C CB  
530 C CG  . PRO C 22 ? 0.1103 0.1075 0.1497 0.0019  0.0384  -0.0379 22  PRO C CG  
531 C CD  . PRO C 22 ? 0.1214 0.1278 0.1545 0.0009  0.0267  -0.0346 22  PRO C CD  
532 N N   . HYP C 23 ? 0.0767 0.0837 0.1414 0.0102  0.0030  -0.0085 23  HYP C N   
533 C CA  . HYP C 23 ? 0.0752 0.0800 0.1254 0.0110  -0.0011 -0.0082 23  HYP C CA  
534 C C   . HYP C 23 ? 0.0772 0.0850 0.1196 0.0158  0.0097  -0.0160 23  HYP C C   
535 O O   . HYP C 23 ? 0.0816 0.0885 0.1317 0.0154  0.0218  -0.0205 23  HYP C O   
536 C CB  . HYP C 23 ? 0.0877 0.0901 0.1632 0.0067  -0.0107 0.0055  23  HYP C CB  
537 C CG  . HYP C 23 ? 0.1598 0.1644 0.2637 0.0019  -0.0174 0.0174  23  HYP C CG  
538 C CD  . HYP C 23 ? 0.0941 0.1005 0.1979 0.0073  -0.0025 0.0059  23  HYP C CD  
539 O OD1 . HYP C 23 ? 0.1935 0.1916 0.2694 -0.0099 -0.0341 0.0228  23  HYP C OD1 
540 N N   . GLY C 24 ? 0.0720 0.0792 0.0976 0.0178  0.0069  -0.0168 24  GLY C N   
541 C CA  . GLY C 24 ? 0.0978 0.1086 0.1188 0.0196  0.0119  -0.0182 24  GLY C CA  
542 C C   . GLY C 24 ? 0.0630 0.0707 0.0975 0.0190  0.0164  -0.0157 24  GLY C C   
543 O O   . GLY C 24 ? 0.0722 0.0769 0.1282 0.0185  0.0145  -0.0102 24  GLY C O   
544 N N   . PRO C 25 ? 0.0695 0.0782 0.0944 0.0171  0.0221  -0.0167 25  PRO C N   
545 C CA  . PRO C 25 ? 0.0753 0.0801 0.1114 0.0161  0.0298  -0.0143 25  PRO C CA  
546 C C   . PRO C 25 ? 0.0760 0.0799 0.1211 0.0194  0.0194  -0.0065 25  PRO C C   
547 O O   . PRO C 25 ? 0.0894 0.0912 0.1240 0.0214  0.0097  -0.0058 25  PRO C O   
548 C CB  . PRO C 25 ? 0.1127 0.1163 0.1231 0.0078  0.0366  -0.0170 25  PRO C CB  
549 C CG  . PRO C 25 ? 0.1164 0.1289 0.1136 0.0076  0.0232  -0.0130 25  PRO C CG  
550 C CD  . PRO C 25 ? 0.0764 0.0913 0.0816 0.0130  0.0195  -0.0162 25  PRO C CD  
551 N N   . HYP C 26 ? 0.0716 0.0741 0.1364 0.0187  0.0240  -0.0010 26  HYP C N   
552 C CA  . HYP C 26 ? 0.0721 0.0719 0.1415 0.0186  0.0133  0.0068  26  HYP C CA  
553 C C   . HYP C 26 ? 0.0795 0.0778 0.1263 0.0201  0.0104  0.0053  26  HYP C C   
554 O O   . HYP C 26 ? 0.0807 0.0840 0.1147 0.0184  0.0164  0.0036  26  HYP C O   
555 C CB  . HYP C 26 ? 0.0744 0.0762 0.1729 0.0173  0.0224  0.0144  26  HYP C CB  
556 C CG  . HYP C 26 ? 0.0751 0.0781 0.1958 0.0181  0.0390  0.0118  26  HYP C CG  
557 C CD  . HYP C 26 ? 0.0817 0.0825 0.1697 0.0174  0.0429  -0.0013 26  HYP C CD  
558 O OD1 . HYP C 26 ? 0.0959 0.1015 0.2427 0.0159  0.0254  0.0226  26  HYP C OD1 
559 N N   . GLY C 27 ? 0.0884 0.0770 0.1303 0.0202  0.0010  0.0076  27  GLY C N   
560 C CA  . GLY C 27 ? 0.0877 0.0724 0.1218 0.0234  0.0010  0.0092  27  GLY C CA  
561 C C   . GLY C 27 ? 0.0971 0.0874 0.1377 0.0217  0.0030  0.0166  27  GLY C C   
562 O O   . GLY C 27 ? 0.1136 0.1079 0.1639 0.0181  0.0078  0.0186  27  GLY C O   
563 N N   . PRO C 28 ? 0.1083 0.0985 0.1480 0.0237  0.0013  0.0227  28  PRO C N   
564 C CA  . PRO C 28 ? 0.1020 0.0959 0.1449 0.0196  0.0009  0.0323  28  PRO C CA  
565 C C   . PRO C 28 ? 0.1480 0.1302 0.2005 0.0188  -0.0018 0.0350  28  PRO C C   
566 O O   . PRO C 28 ? 0.1203 0.0873 0.1719 0.0192  -0.0060 0.0305  28  PRO C O   
567 C CB  . PRO C 28 ? 0.1257 0.1242 0.1741 0.0218  -0.0040 0.0429  28  PRO C CB  
568 C CG  . PRO C 28 ? 0.1638 0.1516 0.2202 0.0308  -0.0011 0.0368  28  PRO C CG  
569 C CD  . PRO C 28 ? 0.0994 0.0853 0.1425 0.0299  0.0015  0.0235  28  PRO C CD  
570 N N   . HYP C 29 ? 0.1316 0.1187 0.1890 0.0140  0.0003  0.0429  29  HYP C N   
571 C CA  . HYP C 29 ? 0.1329 0.1112 0.2027 0.0117  -0.0040 0.0487  29  HYP C CA  
572 C C   . HYP C 29 ? 0.1610 0.1213 0.2297 0.0144  -0.0106 0.0498  29  HYP C C   
573 O O   . HYP C 29 ? 0.1767 0.1364 0.2458 0.0197  -0.0090 0.0521  29  HYP C O   
574 C CB  . HYP C 29 ? 0.1776 0.1644 0.2502 0.0059  0.0024  0.0579  29  HYP C CB  
575 C CG  . HYP C 29 ? 0.1635 0.1591 0.2199 0.0013  0.0144  0.0527  29  HYP C CG  
576 C CD  . HYP C 29 ? 0.1683 0.1654 0.2140 0.0063  0.0086  0.0461  29  HYP C CD  
577 O OD1 . HYP C 29 ? 0.2320 0.2285 0.3038 0.0011  0.0271  0.0476  29  HYP C OD1 
578 N N   . GLY C 30 ? 0.1899 0.1335 0.2600 0.0087  -0.0169 0.0496  30  GLY C N   
579 C CA  . GLY C 30 ? 0.2663 0.1833 0.3303 0.0073  -0.0182 0.0484  30  GLY C CA  
580 C C   . GLY C 30 ? 0.2241 0.1468 0.3006 0.0079  -0.0180 0.0589  30  GLY C C   
581 O O   . GLY C 30 ? 0.3342 0.2449 0.4127 0.0119  -0.0135 0.0588  30  GLY C O   
582 O O   . HOH D .  ? 0.4580 0.6420 0.4942 -0.1015 -0.1934 0.0191  101 HOH A O   
583 O O   . HOH D .  ? 0.3799 0.3411 0.4530 -0.0275 -0.1215 -0.0268 102 HOH A O   
584 O O   . HOH D .  ? 0.3451 0.5315 0.2851 -0.1557 0.0291  0.1009  103 HOH A O   
585 O O   . HOH D .  ? 0.4618 0.4951 0.4731 0.2570  -0.0197 -0.0941 104 HOH A O   
586 O O   . HOH D .  ? 0.5723 0.3503 0.3085 -0.0384 -0.1092 0.1218  105 HOH A O   
587 O O   . HOH D .  ? 0.4669 0.1522 0.2996 0.0281  -0.0099 0.0762  106 HOH A O   
588 O O   . HOH D .  ? 0.2247 0.2070 0.1566 -0.0127 0.0329  -0.0731 107 HOH A O   
589 O O   . HOH D .  ? 0.2523 0.4802 0.4271 0.0601  0.0112  0.2576  108 HOH A O   
590 O O   . HOH D .  ? 0.5584 0.4545 0.3150 -0.1315 -0.0644 -0.0181 109 HOH A O   
591 O O   . HOH D .  ? 0.2451 0.1597 0.2328 0.0049  -0.1166 0.0575  110 HOH A O   
592 O O   . HOH D .  ? 0.1323 0.1310 0.0492 -0.0437 0.0190  -0.0132 111 HOH A O   
593 O O   . HOH D .  ? 0.3134 0.3869 0.4755 0.0821  -0.2098 -0.0948 112 HOH A O   
594 O O   . HOH D .  ? 0.4025 0.1592 0.1761 0.0661  0.0743  -0.0244 113 HOH A O   
596 O O   . HOH D .  ? 0.3038 0.2701 0.4214 -0.0179 -0.1381 -0.0093 115 HOH A O   
597 O O   . HOH D .  ? 0.1875 0.4099 0.3567 0.0707  0.0090  0.0082  116 HOH A O   
598 O O   . HOH D .  ? 0.2152 0.0846 0.1354 0.0597  0.0088  -0.0091 117 HOH A O   
599 O O   . HOH D .  ? 0.3315 0.2378 0.1500 -0.1278 0.0009  0.0506  118 HOH A O   
600 O O   . HOH D .  ? 0.2092 0.4586 0.2525 -0.0004 -0.0458 -0.0735 119 HOH A O   
601 O O   . HOH D .  ? 0.2266 0.4237 0.4309 0.1339  -0.0963 0.0423  120 HOH A O   
602 O O   . HOH D .  ? 0.3026 0.2670 0.3704 -0.0775 -0.0152 0.0057  121 HOH A O   
604 O O   . HOH D .  ? 0.3983 0.5052 0.4657 0.0715  -0.0949 0.1495  123 HOH A O   
605 O O   . HOH D .  ? 0.3776 0.4495 0.6892 0.0393  -0.0403 0.0860  124 HOH A O   
607 O O   . HOH D .  ? 0.4024 0.4934 0.1987 0.1276  0.0050  -0.1126 126 HOH A O   
608 O O   . HOH D .  ? 0.9428 0.3720 0.5705 0.0385  -0.0705 0.1361  127 HOH A O   
609 O O   . HOH D .  ? 0.1393 0.4045 0.2715 -0.0840 -0.0388 0.0257  128 HOH A O   
610 O O   . HOH D .  ? 0.4066 0.2195 0.1500 -0.0190 0.0120  -0.0018 129 HOH A O   
612 O O   . HOH D .  ? 0.4154 0.4231 0.5232 -0.0770 -0.1044 -0.0750 131 HOH A O   
613 O O   . HOH D .  ? 0.2574 0.2492 0.4365 0.0557  -0.0834 0.1229  132 HOH A O   
614 O O   . HOH D .  ? 0.2204 0.2242 0.1685 -0.0735 0.0299  -0.0144 133 HOH A O   
615 O O   . HOH D .  ? 0.1398 0.4047 0.3008 -0.0631 -0.0089 0.0198  134 HOH A O   
616 O O   . HOH D .  ? 0.8553 0.6844 0.8995 -0.0213 -0.0112 0.1002  135 HOH A O   
617 O O   . HOH D .  ? 0.4452 0.1494 0.2804 0.0738  -0.0658 0.0283  136 HOH A O   
618 O O   . HOH D .  ? 0.4015 0.3722 0.5831 -0.0445 -0.0645 -0.1020 137 HOH A O   
619 O O   . HOH D .  ? 0.1992 0.3756 0.4173 0.1097  -0.0995 -0.0276 138 HOH A O   
620 O O   . HOH D .  ? 0.8193 0.3857 0.6268 0.0357  -0.1910 0.0318  139 HOH A O   
621 O O   . HOH E .  ? 0.1728 0.4411 0.3720 0.0307  -0.0118 0.1408  101 HOH B O   
622 O O   . HOH E .  ? 0.3066 0.6185 0.2662 -0.0827 0.0916  0.0842  102 HOH B O   
623 O O   . HOH E .  ? 0.2424 0.4445 0.5445 0.1274  -0.0595 0.1084  103 HOH B O   
624 O O   . HOH E .  ? 0.5217 0.2202 0.6042 -0.1279 -0.0535 -0.0693 104 HOH B O   
625 O O   . HOH E .  ? 0.4029 0.2950 0.6293 -0.0262 -0.0281 0.0492  105 HOH B O   
626 O O   . HOH E .  ? 0.4905 0.2737 0.1829 -0.0383 0.0242  0.0885  106 HOH B O   
627 O O   . HOH E .  ? 0.4821 0.4661 0.4458 0.1032  0.0252  0.1640  107 HOH B O   
628 O O   . HOH E .  ? 0.2304 0.3478 0.2601 0.1551  0.0228  -0.0320 108 HOH B O   
629 O O   . HOH E .  ? 0.3294 0.1263 0.4622 -0.0166 -0.0799 0.0062  109 HOH B O   
630 O O   . HOH E .  ? 0.3693 0.3033 0.5797 -0.0095 0.1799  0.0049  110 HOH B O   
632 O O   . HOH E .  ? 0.2005 0.1316 0.2453 -0.0551 -0.1256 0.0613  112 HOH B O   
633 O O   . HOH E .  ? 0.2626 0.3910 0.2209 -0.0116 -0.0127 0.1623  113 HOH B O   
634 O O   . HOH E .  ? 0.2202 0.1725 0.5710 -0.0200 0.0977  -0.0085 114 HOH B O   
635 O O   . HOH E .  ? 0.1034 0.2818 0.2252 -0.0492 -0.0026 -0.0801 115 HOH B O   
636 O O   . HOH E .  ? 0.3077 0.1202 0.2158 -0.0331 0.0542  -0.0651 116 HOH B O   
637 O O   . HOH E .  ? 0.5050 0.4237 0.1546 -0.1050 0.0558  -0.0108 117 HOH B O   
638 O O   . HOH E .  ? 0.0952 0.1221 0.0795 0.0335  -0.0027 0.0467  118 HOH B O   
639 O O   . HOH E .  ? 0.2329 0.1811 0.2749 -0.0054 -0.0964 -0.0389 119 HOH B O   
640 O O   . HOH E .  ? 0.2031 0.3016 0.4039 0.0755  0.0610  0.1436  120 HOH B O   
641 O O   . HOH E .  ? 0.4576 0.6392 0.2900 0.0206  0.0566  0.0815  121 HOH B O   
642 O O   . HOH E .  ? 0.4790 0.4241 0.5698 0.0009  -0.2317 0.0621  122 HOH B O   
643 O O   . HOH E .  ? 0.4604 0.3820 0.3678 -0.0942 -0.0979 -0.0475 123 HOH B O   
644 O O   . HOH E .  ? 0.2536 0.4472 0.5062 -0.0404 -0.0130 -0.1415 124 HOH B O   
645 O O   . HOH E .  ? 0.6543 0.1904 0.3629 -0.0927 -0.0012 0.0302  125 HOH B O   
646 O O   . HOH E .  ? 0.5284 0.2252 0.2133 -0.0469 0.0217  -0.0034 126 HOH B O   
647 O O   . HOH E .  ? 0.2227 0.4414 0.2701 -0.1402 -0.0514 0.0296  127 HOH B O   
648 O O   . HOH E .  ? 0.3400 0.1608 0.3647 -0.0559 0.1435  -0.0312 128 HOH B O   
649 O O   . HOH E .  ? 0.4760 0.5077 0.3724 0.1930  -0.2090 -0.0910 129 HOH B O   
650 O O   . HOH E .  ? 0.1670 0.3235 0.5119 0.0155  -0.0467 -0.1921 130 HOH B O   
651 O O   . HOH E .  ? 0.4578 0.3000 0.2379 0.0155  0.0356  0.1018  131 HOH B O   
652 O O   . HOH E .  ? 0.5601 0.4128 0.5807 0.1717  -0.1433 0.1692  132 HOH B O   
653 O O   . HOH E .  ? 0.3318 0.2723 0.1863 0.0510  0.0971  0.0195  133 HOH B O   
655 O O   . HOH E .  ? 0.2407 0.4275 0.3545 -0.0158 -0.0653 -0.1982 135 HOH B O   
656 O O   . HOH E .  ? 0.3514 0.4159 0.1894 0.1301  0.0843  -0.0256 136 HOH B O   
657 O O   . HOH E .  ? 0.2616 0.3452 0.4406 0.0075  -0.0232 0.0516  137 HOH B O   
658 O O   . HOH E .  ? 0.3823 0.4018 0.5114 -0.0004 -0.0339 0.2662  138 HOH B O   
659 O O   . HOH E .  ? 0.6194 0.8003 0.5013 0.0802  -0.0055 0.0145  139 HOH B O   
660 O O   . HOH E .  ? 0.2289 0.2804 0.1651 -0.0884 0.0398  0.0246  140 HOH B O   
661 O O   . HOH E .  ? 0.2154 0.3154 0.4334 -0.0339 -0.1464 -0.0321 141 HOH B O   
662 O O   . HOH E .  ? 0.4202 0.3058 0.2342 -0.1757 -0.0259 0.0108  142 HOH B O   
663 O O   . HOH E .  ? 0.3953 0.6526 0.2947 -0.0715 0.0411  0.0623  143 HOH B O   
665 O O   . HOH E .  ? 0.5319 0.5106 0.5192 -0.0358 0.0922  -0.0416 145 HOH B O   
666 O O   . HOH E .  ? 0.5849 0.4503 0.4238 0.0378  -0.0684 -0.0857 146 HOH B O   
667 O O   . HOH E .  ? 0.4990 0.4661 0.5364 -0.0816 -0.1260 -0.1582 147 HOH B O   
668 O O   . HOH E .  ? 0.3073 0.2257 0.2166 -0.0129 -0.1139 0.0154  148 HOH B O   
669 O O   . HOH E .  ? 0.2730 0.4239 0.4094 0.0398  -0.0112 0.2353  149 HOH B O   
670 O O   . HOH E .  ? 0.2146 0.1480 0.1720 -0.0014 -0.0197 0.0261  150 HOH B O   
671 O O   . HOH E .  ? 0.3121 0.5885 0.4219 -0.0564 0.0626  -0.1028 151 HOH B O   
672 O O   . HOH E .  ? 0.3727 0.4386 0.4227 -0.0109 -0.0097 -0.0380 152 HOH B O   
673 O O   . HOH F .  ? 0.5094 0.4356 0.2729 -0.1159 0.0994  0.0390  101 HOH C O   
674 O O   . HOH F .  ? 0.4936 0.3956 0.5945 -0.1676 -0.1718 -0.1075 102 HOH C O   
675 O O   . HOH F .  ? 0.3499 0.5533 0.4816 0.0942  0.0406  0.0619  103 HOH C O   
676 O O   . HOH F .  ? 0.1582 0.1778 0.1256 0.0316  -0.0436 0.0046  104 HOH C O   
677 O O   . HOH F .  ? 0.4336 0.2206 0.4358 0.0427  -0.0933 -0.0522 105 HOH C O   
678 O O   . HOH F .  ? 0.5913 0.3754 0.4553 -0.0885 -0.1182 0.1236  106 HOH C O   
679 O O   . HOH F .  ? 0.1398 0.1959 0.1566 0.0177  0.0140  -0.0582 107 HOH C O   
680 O O   . HOH F .  ? 0.1315 0.2426 0.2599 0.0233  0.0130  -0.0965 108 HOH C O   
681 O O   . HOH F .  ? 0.1525 0.1316 0.1322 0.0070  -0.0024 0.0404  109 HOH C O   
682 O O   . HOH F .  ? 0.1746 0.1135 0.0767 -0.0436 0.0161  0.0094  110 HOH C O   
683 O O   . HOH F .  ? 0.2742 0.4285 0.2240 0.0410  -0.1175 0.0622  111 HOH C O   
685 O O   . HOH F .  ? 0.4927 0.3599 0.4830 0.0476  0.0228  0.0897  113 HOH C O   
686 O O   . HOH F .  ? 0.5487 0.3361 0.3837 -0.1048 0.1049  0.0673  114 HOH C O   
687 O O   . HOH F .  ? 0.1311 0.2449 0.3411 -0.0430 -0.0745 -0.0268 115 HOH C O   
688 O O   . HOH F .  ? 0.2653 0.3715 0.1778 0.0502  0.0239  -0.0877 116 HOH C O   
689 O O   . HOH F .  ? 0.5165 0.3874 0.4897 0.0198  -0.1563 0.2111  117 HOH C O   
690 O O   . HOH F .  ? 0.3391 0.1857 0.2081 -0.1184 0.0526  -0.0367 118 HOH C O   
691 O O   . HOH F .  ? 0.2048 0.1829 0.2045 -0.0461 0.0260  0.0642  119 HOH C O   
692 O O   . HOH F .  ? 0.7393 0.5045 0.5639 -0.0684 0.0406  0.0014  120 HOH C O   
693 O O   . HOH F .  ? 0.1172 0.1818 0.0718 -0.0264 0.0136  0.0359  121 HOH C O   
694 O O   . HOH F .  ? 0.3831 0.2843 0.3228 -0.0772 -0.0050 0.0267  122 HOH C O   
695 O O   . HOH F .  ? 0.1623 0.3597 0.2772 0.0803  -0.0318 -0.1081 123 HOH C O   
696 O O   . HOH F .  ? 0.2251 0.3137 0.1936 0.0471  0.0074  -0.0179 124 HOH C O   
697 O O   . HOH F .  ? 0.1305 0.2017 0.3287 -0.0115 -0.0123 0.1255  125 HOH C O   
698 O O   . HOH F .  ? 0.2385 0.1875 0.1379 0.0131  0.0100  -0.0124 126 HOH C O   
699 O O   . HOH F .  ? 0.0846 0.1600 0.0765 -0.0016 -0.0118 -0.0189 127 HOH C O   
700 O O   . HOH F .  ? 0.4646 0.2064 0.3328 -0.1187 -0.1248 -0.0089 128 HOH C O   
701 O O   . HOH F .  ? 0.2188 0.1131 0.2282 0.0696  -0.0603 -0.0048 129 HOH C O   
702 O O   . HOH F .  ? 0.2405 0.5206 0.4122 0.0439  -0.0914 -0.0428 130 HOH C O   
703 O O   . HOH F .  ? 0.4577 0.4333 0.4596 0.0535  -0.2578 0.0516  131 HOH C O   
704 O O   . HOH F .  ? 0.4973 0.5111 0.5972 0.0454  -0.1049 -0.2127 132 HOH C O   
705 O O   . HOH F .  ? 0.3424 0.5406 0.4502 0.0710  -0.0318 0.0477  133 HOH C O   
707 O O   . HOH F .  ? 0.4464 0.8051 0.6358 -0.0555 -0.2161 0.0740  135 HOH C O   
708 O O   . HOH F .  ? 0.2688 0.1050 0.1120 0.0203  0.0704  0.0252  136 HOH C O   
710 O O   . HOH F .  ? 0.8149 0.7928 0.6086 0.0795  -0.0116 -0.0361 138 HOH C O   
711 O O   . HOH F .  ? 0.2162 0.2606 0.3275 0.0538  0.0514  -0.0825 139 HOH C O   
712 O O   . HOH F .  ? 0.5403 0.5429 0.2532 -0.0307 0.0098  0.0450  140 HOH C O   
713 O O   . HOH F .  ? 0.2347 0.3144 0.4503 -0.0639 -0.1632 0.0882  141 HOH C O   
714 O O   . HOH F .  ? 0.6582 0.2542 0.3596 0.0585  0.1143  -0.0494 142 HOH C O   
715 O O   . HOH F .  ? 0.1933 0.1146 0.1331 0.0646  -0.0293 0.0283  143 HOH C O   
716 O O   . HOH F .  ? 0.1133 0.1888 0.3345 0.0043  -0.0057 0.0158  144 HOH C O   
717 O O   . HOH F .  ? 0.3111 0.5140 0.3471 0.0246  0.1482  0.0380  145 HOH C O   
718 O O   . HOH F .  ? 0.5539 0.3514 0.4575 0.0054  -0.0800 -0.1330 146 HOH C O   
719 O O   . HOH F .  ? 0.1584 0.2655 0.1059 -0.0156 0.0077  0.0076  147 HOH C O   
720 O O   . HOH F .  ? 0.1628 0.0536 0.1104 0.0270  0.0349  -0.0002 148 HOH C O   
721 O O   . HOH F .  ? 0.2826 0.2716 0.1853 -0.1411 0.0041  0.0534  149 HOH C O   
722 O O   . HOH F .  ? 0.1955 0.1388 0.2205 0.0137  0.1192  0.0238  150 HOH C O   
723 O O   . HOH F .  ? 0.3357 0.7047 0.3734 -0.1032 0.1011  0.1405  151 HOH C O   
724 O O   . HOH F .  ? 0.4304 0.5129 0.3751 0.0097  0.0735  0.0251  152 HOH C O   
725 O O   . HOH F .  ? 0.2433 0.2327 0.2524 0.0860  -0.0800 -0.0224 153 HOH C O   
# 
loop_
_pdbx_poly_seq_scheme.asym_id 
_pdbx_poly_seq_scheme.entity_id 
_pdbx_poly_seq_scheme.seq_id 
_pdbx_poly_seq_scheme.mon_id 
_pdbx_poly_seq_scheme.ndb_seq_num 
_pdbx_poly_seq_scheme.pdb_seq_num 
_pdbx_poly_seq_scheme.auth_seq_num 
_pdbx_poly_seq_scheme.pdb_mon_id 
_pdbx_poly_seq_scheme.auth_mon_id 
_pdbx_poly_seq_scheme.pdb_strand_id 
_pdbx_poly_seq_scheme.pdb_ins_code 
_pdbx_poly_seq_scheme.hetero 
A 1 1  PRO 1  1  1  PRO PRO A . n 
A 1 2  HYP 2  2  2  HYP HYP A . n 
A 1 3  GLY 3  3  3  GLY GLY A . n 
A 1 4  PRO 4  4  4  PRO PRO A . n 
A 1 5  HYP 5  5  5  HYP HYP A . n 
A 1 6  GLY 6  6  6  GLY GLY A . n 
A 1 7  PRO 7  7  7  PRO PRO A . n 
A 1 8  HYP 8  8  8  HYP HYP A . n 
A 1 9  GLY 9  9  9  GLY GLY A . n 
A 1 10 ILE 10 10 10 ILE ILE A . n 
A 1 11 PRO 11 11 11 PRO PRO A . n 
A 1 12 GLY 12 12 12 GLY GLY A . n 
A 1 13 GLU 13 13 13 GLU GLU A . n 
A 1 14 LYS 14 14 14 LYS LYS A . n 
A 1 15 GLY 15 15 15 GLY GLY A . n 
A 1 16 PRO 16 16 16 PRO PRO A . n 
A 1 17 ALA 17 17 17 ALA ALA A . n 
A 1 18 GLY 18 18 18 GLY GLY A . n 
A 1 19 GLU 19 19 19 GLU GLU A . n 
A 1 20 ARG 20 20 20 ARG ARG A . n 
A 1 21 GLY 21 21 21 GLY GLY A . n 
A 1 22 PRO 22 22 22 PRO PRO A . n 
A 1 23 HYP 23 23 23 HYP HYP A . n 
A 1 24 GLY 24 24 24 GLY GLY A . n 
A 1 25 PRO 25 25 25 PRO PRO A . n 
A 1 26 HYP 26 26 26 HYP HYP A . n 
A 1 27 GLY 27 27 27 GLY GLY A . n 
A 1 28 PRO 28 28 28 PRO PRO A . n 
A 1 29 HYP 29 29 29 HYP HYP A . n 
A 1 30 GLY 30 30 ?  ?   ?   A . n 
B 1 1  PRO 1  1  1  PRO PRO B . n 
B 1 2  HYP 2  2  2  HYP HYP B . n 
B 1 3  GLY 3  3  3  GLY GLY B . n 
B 1 4  PRO 4  4  4  PRO PRO B . n 
B 1 5  HYP 5  5  5  HYP HYP B . n 
B 1 6  GLY 6  6  6  GLY GLY B . n 
B 1 7  PRO 7  7  7  PRO PRO B . n 
B 1 8  HYP 8  8  8  HYP HYP B . n 
B 1 9  GLY 9  9  9  GLY GLY B . n 
B 1 10 ILE 10 10 10 ILE ILE B . n 
B 1 11 PRO 11 11 11 PRO PRO B . n 
B 1 12 GLY 12 12 12 GLY GLY B . n 
B 1 13 GLU 13 13 13 GLU GLU B . n 
B 1 14 LYS 14 14 14 LYS LYS B . n 
B 1 15 GLY 15 15 15 GLY GLY B . n 
B 1 16 PRO 16 16 16 PRO PRO B . n 
B 1 17 ALA 17 17 17 ALA ALA B . n 
B 1 18 GLY 18 18 18 GLY GLY B . n 
B 1 19 GLU 19 19 19 GLU GLU B . n 
B 1 20 ARG 20 20 20 ARG ARG B . n 
B 1 21 GLY 21 21 21 GLY GLY B . n 
B 1 22 PRO 22 22 22 PRO PRO B . n 
B 1 23 HYP 23 23 23 HYP HYP B . n 
B 1 24 GLY 24 24 24 GLY GLY B . n 
B 1 25 PRO 25 25 25 PRO PRO B . n 
B 1 26 HYP 26 26 26 HYP HYP B . n 
B 1 27 GLY 27 27 27 GLY GLY B . n 
B 1 28 PRO 28 28 28 PRO PRO B . n 
B 1 29 HYP 29 29 29 HYP HYP B . n 
B 1 30 GLY 30 30 30 GLY GLY B . n 
C 1 1  PRO 1  1  1  PRO PRO C . n 
C 1 2  HYP 2  2  2  HYP HYP C . n 
C 1 3  GLY 3  3  3  GLY GLY C . n 
C 1 4  PRO 4  4  4  PRO PRO C . n 
C 1 5  HYP 5  5  5  HYP HYP C . n 
C 1 6  GLY 6  6  6  GLY GLY C . n 
C 1 7  PRO 7  7  7  PRO PRO C . n 
C 1 8  HYP 8  8  8  HYP HYP C . n 
C 1 9  GLY 9  9  9  GLY GLY C . n 
C 1 10 ILE 10 10 10 ILE ILE C . n 
C 1 11 PRO 11 11 11 PRO PRO C . n 
C 1 12 GLY 12 12 12 GLY GLY C . n 
C 1 13 GLU 13 13 13 GLU GLU C . n 
C 1 14 LYS 14 14 14 LYS LYS C . n 
C 1 15 GLY 15 15 15 GLY GLY C . n 
C 1 16 PRO 16 16 16 PRO PRO C . n 
C 1 17 ALA 17 17 17 ALA ALA C . n 
C 1 18 GLY 18 18 18 GLY GLY C . n 
C 1 19 GLU 19 19 19 GLU GLU C . n 
C 1 20 ARG 20 20 20 ARG ARG C . n 
C 1 21 GLY 21 21 21 GLY GLY C . n 
C 1 22 PRO 22 22 22 PRO PRO C . n 
C 1 23 HYP 23 23 23 HYP HYP C . n 
C 1 24 GLY 24 24 24 GLY GLY C . n 
C 1 25 PRO 25 25 25 PRO PRO C . n 
C 1 26 HYP 26 26 26 HYP HYP C . n 
C 1 27 GLY 27 27 27 GLY GLY C . n 
C 1 28 PRO 28 28 28 PRO PRO C . n 
C 1 29 HYP 29 29 29 HYP HYP C . n 
C 1 30 GLY 30 30 30 GLY GLY C . n 
# 
loop_
_pdbx_nonpoly_scheme.asym_id 
_pdbx_nonpoly_scheme.entity_id 
_pdbx_nonpoly_scheme.mon_id 
_pdbx_nonpoly_scheme.ndb_seq_num 
_pdbx_nonpoly_scheme.pdb_seq_num 
_pdbx_nonpoly_scheme.auth_seq_num 
_pdbx_nonpoly_scheme.pdb_mon_id 
_pdbx_nonpoly_scheme.auth_mon_id 
_pdbx_nonpoly_scheme.pdb_strand_id 
_pdbx_nonpoly_scheme.pdb_ins_code 
D 2 HOH 1  101 91  HOH HOH A . 
D 2 HOH 2  102 101 HOH HOH A . 
D 2 HOH 3  103 54  HOH HOH A . 
D 2 HOH 4  104 55  HOH HOH A . 
D 2 HOH 5  105 93  HOH HOH A . 
D 2 HOH 6  106 62  HOH HOH A . 
D 2 HOH 7  107 18  HOH HOH A . 
D 2 HOH 8  108 98  HOH HOH A . 
D 2 HOH 9  109 79  HOH HOH A . 
D 2 HOH 10 110 20  HOH HOH A . 
D 2 HOH 11 111 1   HOH HOH A . 
D 2 HOH 12 112 134 HOH HOH A . 
D 2 HOH 13 113 49  HOH HOH A . 
D 2 HOH 14 114 136 HOH HOH A . 
D 2 HOH 15 115 56  HOH HOH A . 
D 2 HOH 16 116 67  HOH HOH A . 
D 2 HOH 17 117 106 HOH HOH A . 
D 2 HOH 18 118 30  HOH HOH A . 
D 2 HOH 19 119 50  HOH HOH A . 
D 2 HOH 20 120 58  HOH HOH A . 
D 2 HOH 21 121 73  HOH HOH A . 
D 2 HOH 22 122 141 HOH HOH A . 
D 2 HOH 23 123 117 HOH HOH A . 
D 2 HOH 24 124 130 HOH HOH A . 
D 2 HOH 25 125 143 HOH HOH A . 
D 2 HOH 26 126 81  HOH HOH A . 
D 2 HOH 27 127 88  HOH HOH A . 
D 2 HOH 28 128 37  HOH HOH A . 
D 2 HOH 29 129 68  HOH HOH A . 
D 2 HOH 30 130 135 HOH HOH A . 
D 2 HOH 31 131 99  HOH HOH A . 
D 2 HOH 32 132 46  HOH HOH A . 
D 2 HOH 33 133 39  HOH HOH A . 
D 2 HOH 34 134 107 HOH HOH A . 
D 2 HOH 35 135 118 HOH HOH A . 
D 2 HOH 36 136 42  HOH HOH A . 
D 2 HOH 37 137 94  HOH HOH A . 
D 2 HOH 38 138 41  HOH HOH A . 
D 2 HOH 39 139 113 HOH HOH A . 
E 2 HOH 1  101 69  HOH HOH B . 
E 2 HOH 2  102 89  HOH HOH B . 
E 2 HOH 3  103 47  HOH HOH B . 
E 2 HOH 4  104 103 HOH HOH B . 
E 2 HOH 5  105 74  HOH HOH B . 
E 2 HOH 6  106 61  HOH HOH B . 
E 2 HOH 7  107 71  HOH HOH B . 
E 2 HOH 8  108 72  HOH HOH B . 
E 2 HOH 9  109 51  HOH HOH B . 
E 2 HOH 10 110 109 HOH HOH B . 
E 2 HOH 11 111 140 HOH HOH B . 
E 2 HOH 12 112 11  HOH HOH B . 
E 2 HOH 13 113 17  HOH HOH B . 
E 2 HOH 14 114 125 HOH HOH B . 
E 2 HOH 15 115 123 HOH HOH B . 
E 2 HOH 16 116 23  HOH HOH B . 
E 2 HOH 17 117 21  HOH HOH B . 
E 2 HOH 18 118 4   HOH HOH B . 
E 2 HOH 19 119 27  HOH HOH B . 
E 2 HOH 20 120 126 HOH HOH B . 
E 2 HOH 21 121 83  HOH HOH B . 
E 2 HOH 22 122 92  HOH HOH B . 
E 2 HOH 23 123 70  HOH HOH B . 
E 2 HOH 24 124 75  HOH HOH B . 
E 2 HOH 25 125 90  HOH HOH B . 
E 2 HOH 26 126 48  HOH HOH B . 
E 2 HOH 27 127 64  HOH HOH B . 
E 2 HOH 28 128 57  HOH HOH B . 
E 2 HOH 29 129 80  HOH HOH B . 
E 2 HOH 30 130 33  HOH HOH B . 
E 2 HOH 31 131 35  HOH HOH B . 
E 2 HOH 32 132 127 HOH HOH B . 
E 2 HOH 33 133 38  HOH HOH B . 
E 2 HOH 34 134 144 HOH HOH B . 
E 2 HOH 35 135 63  HOH HOH B . 
E 2 HOH 36 136 85  HOH HOH B . 
E 2 HOH 37 137 82  HOH HOH B . 
E 2 HOH 38 138 129 HOH HOH B . 
E 2 HOH 39 139 122 HOH HOH B . 
E 2 HOH 40 140 43  HOH HOH B . 
E 2 HOH 41 141 96  HOH HOH B . 
E 2 HOH 42 142 40  HOH HOH B . 
E 2 HOH 43 143 112 HOH HOH B . 
E 2 HOH 44 144 142 HOH HOH B . 
E 2 HOH 45 145 133 HOH HOH B . 
E 2 HOH 46 146 114 HOH HOH B . 
E 2 HOH 47 147 119 HOH HOH B . 
E 2 HOH 48 148 65  HOH HOH B . 
E 2 HOH 49 149 111 HOH HOH B . 
E 2 HOH 50 150 34  HOH HOH B . 
E 2 HOH 51 151 108 HOH HOH B . 
E 2 HOH 52 152 116 HOH HOH B . 
F 2 HOH 1  101 124 HOH HOH C . 
F 2 HOH 2  102 31  HOH HOH C . 
F 2 HOH 3  103 100 HOH HOH C . 
F 2 HOH 4  104 6   HOH HOH C . 
F 2 HOH 5  105 66  HOH HOH C . 
F 2 HOH 6  106 105 HOH HOH C . 
F 2 HOH 7  107 16  HOH HOH C . 
F 2 HOH 8  108 32  HOH HOH C . 
F 2 HOH 9  109 7   HOH HOH C . 
F 2 HOH 10 110 5   HOH HOH C . 
F 2 HOH 11 111 45  HOH HOH C . 
F 2 HOH 12 112 137 HOH HOH C . 
F 2 HOH 13 113 102 HOH HOH C . 
F 2 HOH 14 114 28  HOH HOH C . 
F 2 HOH 15 115 19  HOH HOH C . 
F 2 HOH 16 116 10  HOH HOH C . 
F 2 HOH 17 117 86  HOH HOH C . 
F 2 HOH 18 118 44  HOH HOH C . 
F 2 HOH 19 119 29  HOH HOH C . 
F 2 HOH 20 120 131 HOH HOH C . 
F 2 HOH 21 121 2   HOH HOH C . 
F 2 HOH 22 122 53  HOH HOH C . 
F 2 HOH 23 123 120 HOH HOH C . 
F 2 HOH 24 124 22  HOH HOH C . 
F 2 HOH 25 125 14  HOH HOH C . 
F 2 HOH 26 126 15  HOH HOH C . 
F 2 HOH 27 127 3   HOH HOH C . 
F 2 HOH 28 128 24  HOH HOH C . 
F 2 HOH 29 129 8   HOH HOH C . 
F 2 HOH 30 130 110 HOH HOH C . 
F 2 HOH 31 131 76  HOH HOH C . 
F 2 HOH 32 132 128 HOH HOH C . 
F 2 HOH 33 133 60  HOH HOH C . 
F 2 HOH 34 134 139 HOH HOH C . 
F 2 HOH 35 135 95  HOH HOH C . 
F 2 HOH 36 136 25  HOH HOH C . 
F 2 HOH 37 137 138 HOH HOH C . 
F 2 HOH 38 138 115 HOH HOH C . 
F 2 HOH 39 139 59  HOH HOH C . 
F 2 HOH 40 140 77  HOH HOH C . 
F 2 HOH 41 141 52  HOH HOH C . 
F 2 HOH 42 142 121 HOH HOH C . 
F 2 HOH 43 143 13  HOH HOH C . 
F 2 HOH 44 144 84  HOH HOH C . 
F 2 HOH 45 145 26  HOH HOH C . 
F 2 HOH 46 146 87  HOH HOH C . 
F 2 HOH 47 147 12  HOH HOH C . 
F 2 HOH 48 148 9   HOH HOH C . 
F 2 HOH 49 149 104 HOH HOH C . 
F 2 HOH 50 150 36  HOH HOH C . 
F 2 HOH 51 151 132 HOH HOH C . 
F 2 HOH 52 152 97  HOH HOH C . 
F 2 HOH 53 153 78  HOH HOH C . 
# 
_pdbx_struct_assembly.id                   1 
_pdbx_struct_assembly.details              author_and_software_defined_assembly 
_pdbx_struct_assembly.method_details       PISA 
_pdbx_struct_assembly.oligomeric_details   trimeric 
_pdbx_struct_assembly.oligomeric_count     3 
# 
_pdbx_struct_assembly_gen.assembly_id       1 
_pdbx_struct_assembly_gen.oper_expression   1 
_pdbx_struct_assembly_gen.asym_id_list      A,B,C,D,E,F 
# 
loop_
_pdbx_struct_assembly_prop.biol_id 
_pdbx_struct_assembly_prop.type 
_pdbx_struct_assembly_prop.value 
_pdbx_struct_assembly_prop.details 
1 'ABSA (A^2)' 5300 ? 
1 MORE         -24  ? 
1 'SSA (A^2)'  5490 ? 
# 
_pdbx_struct_oper_list.id                   1 
_pdbx_struct_oper_list.type                 'identity operation' 
_pdbx_struct_oper_list.name                 1_555 
_pdbx_struct_oper_list.symmetry_operation   x,y,z 
_pdbx_struct_oper_list.matrix[1][1]         1.0000000000 
_pdbx_struct_oper_list.matrix[1][2]         0.0000000000 
_pdbx_struct_oper_list.matrix[1][3]         0.0000000000 
_pdbx_struct_oper_list.vector[1]            0.0000000000 
_pdbx_struct_oper_list.matrix[2][1]         0.0000000000 
_pdbx_struct_oper_list.matrix[2][2]         1.0000000000 
_pdbx_struct_oper_list.matrix[2][3]         0.0000000000 
_pdbx_struct_oper_list.vector[2]            0.0000000000 
_pdbx_struct_oper_list.matrix[3][1]         0.0000000000 
_pdbx_struct_oper_list.matrix[3][2]         0.0000000000 
_pdbx_struct_oper_list.matrix[3][3]         1.0000000000 
_pdbx_struct_oper_list.vector[3]            0.0000000000 
# 
loop_
_pdbx_audit_revision_history.ordinal 
_pdbx_audit_revision_history.data_content_type 
_pdbx_audit_revision_history.major_revision 
_pdbx_audit_revision_history.minor_revision 
_pdbx_audit_revision_history.revision_date 
1 'Structure model' 1 0 2018-12-26 
2 'Structure model' 1 1 2019-01-23 
3 'Structure model' 1 2 2023-11-22 
# 
_pdbx_audit_revision_details.ordinal             1 
_pdbx_audit_revision_details.revision_ordinal    1 
_pdbx_audit_revision_details.data_content_type   'Structure model' 
_pdbx_audit_revision_details.provider            repository 
_pdbx_audit_revision_details.type                'Initial release' 
_pdbx_audit_revision_details.description         ? 
_pdbx_audit_revision_details.details             ? 
# 
loop_
_pdbx_audit_revision_group.ordinal 
_pdbx_audit_revision_group.revision_ordinal 
_pdbx_audit_revision_group.data_content_type 
_pdbx_audit_revision_group.group 
1 2 'Structure model' 'Data collection'        
2 2 'Structure model' 'Database references'    
3 3 'Structure model' Advisory                 
4 3 'Structure model' 'Data collection'        
5 3 'Structure model' 'Database references'    
6 3 'Structure model' 'Refinement description' 
# 
loop_
_pdbx_audit_revision_category.ordinal 
_pdbx_audit_revision_category.revision_ordinal 
_pdbx_audit_revision_category.data_content_type 
_pdbx_audit_revision_category.category 
1 2 'Structure model' citation                      
2 3 'Structure model' chem_comp_atom                
3 3 'Structure model' chem_comp_bond                
4 3 'Structure model' database_2                    
5 3 'Structure model' pdbx_initial_refinement_model 
6 3 'Structure model' pdbx_unobs_or_zero_occ_atoms  
# 
loop_
_pdbx_audit_revision_item.ordinal 
_pdbx_audit_revision_item.revision_ordinal 
_pdbx_audit_revision_item.data_content_type 
_pdbx_audit_revision_item.item 
1 2 'Structure model' '_citation.journal_volume'            
2 2 'Structure model' '_citation.page_first'                
3 2 'Structure model' '_citation.page_last'                 
4 2 'Structure model' '_citation.year'                      
5 3 'Structure model' '_database_2.pdbx_DOI'                
6 3 'Structure model' '_database_2.pdbx_database_accession' 
# 
loop_
_pdbx_refine_tls.pdbx_refine_id 
_pdbx_refine_tls.id 
_pdbx_refine_tls.details 
_pdbx_refine_tls.method 
_pdbx_refine_tls.origin_x 
_pdbx_refine_tls.origin_y 
_pdbx_refine_tls.origin_z 
_pdbx_refine_tls.T[1][1] 
_pdbx_refine_tls.T[2][2] 
_pdbx_refine_tls.T[3][3] 
_pdbx_refine_tls.T[1][2] 
_pdbx_refine_tls.T[1][3] 
_pdbx_refine_tls.T[2][3] 
_pdbx_refine_tls.L[1][1] 
_pdbx_refine_tls.L[2][2] 
_pdbx_refine_tls.L[3][3] 
_pdbx_refine_tls.L[1][2] 
_pdbx_refine_tls.L[1][3] 
_pdbx_refine_tls.L[2][3] 
_pdbx_refine_tls.S[1][1] 
_pdbx_refine_tls.S[1][2] 
_pdbx_refine_tls.S[1][3] 
_pdbx_refine_tls.S[2][1] 
_pdbx_refine_tls.S[2][2] 
_pdbx_refine_tls.S[2][3] 
_pdbx_refine_tls.S[3][1] 
_pdbx_refine_tls.S[3][2] 
_pdbx_refine_tls.S[3][3] 
'X-RAY DIFFRACTION' 1 ? refined -17.9167 -23.3169 6.6970  0.1634 0.2057 0.1122 -0.1056 0.0306  -0.0192 0.4844 4.9581  0.3359 1.3565 0.3628  0.7401  0.2272  -0.0591 -0.0838 0.4656  -0.1238 0.4633  0.4184  -0.6036 0.0483  
'X-RAY DIFFRACTION' 2 ? refined 0.4589   -3.5267  -0.4188 0.0887 0.1063 0.0956 -0.0217 0.0198  0.0045  0.2906 10.0106 0.8531 1.7578 -0.4390 -2.6402 -0.1823 0.0581  -0.4086 -0.4392 -0.1422 -0.9593 0.0574  0.1961  0.2159  
'X-RAY DIFFRACTION' 3 ? refined 13.1888  21.4991  -4.9191 0.1054 0.0763 0.1244 0.0133  -0.0070 0.0032  2.2306 10.6088 1.9455 3.4106 -1.0346 -0.8450 -0.2228 0.3099  0.2221  -0.0246 0.4535  0.3539  -0.1046 -0.0340 -0.2876 
'X-RAY DIFFRACTION' 4 ? refined -13.1675 -19.5945 2.5543  0.1300 0.0971 0.0839 -0.0386 -0.0365 0.0189  3.5994 8.9224  2.2535 4.1195 -0.9036 -1.7473 0.0558  0.0339  -0.2699 0.1261  0.1014  0.0318  0.2952  -0.2803 -0.1254 
'X-RAY DIFFRACTION' 5 ? refined 11.0294  16.0729  -2.0096 0.0894 0.0906 0.1390 0.0053  0.0109  0.0019  2.4685 4.4164  0.4775 3.1389 0.3010  -0.0300 0.0996  0.0568  0.5382  0.3533  -0.0355 0.3772  -0.0536 -0.0286 -0.1871 
'X-RAY DIFFRACTION' 6 ? refined -16.4192 -20.6373 3.2085  0.0914 0.0759 0.0981 -0.0231 0.0021  -0.0245 3.3905 3.6030  1.7105 1.9312 0.2091  -0.1026 -0.0080 0.0518  -0.3670 0.0657  0.0172  0.0097  0.2399  -0.2023 -0.0285 
'X-RAY DIFFRACTION' 7 ? refined -0.7617  -0.2891  3.4497  0.1055 0.0899 0.0884 -0.0374 -0.0176 0.0107  0.2532 7.4578  2.3584 1.3745 -0.2598 -1.1342 -0.0145 -0.0443 0.0825  0.2648  -0.0886 -0.2020 -0.0671 0.1340  0.1463  
'X-RAY DIFFRACTION' 8 ? refined 14.2277  17.1019  -4.3753 0.0623 0.0668 0.0918 0.0190  0.0065  -0.0138 3.4691 6.6851  1.8011 3.5978 -1.1462 -2.6373 -0.0706 0.0228  -0.1016 0.0260  -0.1298 -0.3575 -0.0562 -0.0555 0.1091  
# 
loop_
_pdbx_refine_tls_group.pdbx_refine_id 
_pdbx_refine_tls_group.id 
_pdbx_refine_tls_group.refine_tls_id 
_pdbx_refine_tls_group.beg_auth_asym_id 
_pdbx_refine_tls_group.beg_auth_seq_id 
_pdbx_refine_tls_group.beg_label_asym_id 
_pdbx_refine_tls_group.beg_label_seq_id 
_pdbx_refine_tls_group.end_auth_asym_id 
_pdbx_refine_tls_group.end_auth_seq_id 
_pdbx_refine_tls_group.end_label_asym_id 
_pdbx_refine_tls_group.end_label_seq_id 
_pdbx_refine_tls_group.selection 
_pdbx_refine_tls_group.selection_details 
'X-RAY DIFFRACTION' 1 1 ? ? ? ? ? ? ? ? ? 
;chain 'A' and (resid 1 through 7 )
;
'X-RAY DIFFRACTION' 2 2 ? ? ? ? ? ? ? ? ? 
;chain 'A' and (resid 9 through 18 )
;
'X-RAY DIFFRACTION' 3 3 ? ? ? ? ? ? ? ? ? 
;chain 'A' and (resid 19 through 28 )
;
'X-RAY DIFFRACTION' 4 4 ? ? ? ? ? ? ? ? ? 
;chain 'B' and (resid 1 through 13 )
;
'X-RAY DIFFRACTION' 5 5 ? ? ? ? ? ? ? ? ? 
;chain 'B' and (resid 14 through 30 )
;
'X-RAY DIFFRACTION' 6 6 ? ? ? ? ? ? ? ? ? 
;chain 'C' and (resid 1 through 13 )
;
'X-RAY DIFFRACTION' 7 7 ? ? ? ? ? ? ? ? ? 
;chain 'C' and (resid 14 through 18 )
;
'X-RAY DIFFRACTION' 8 8 ? ? ? ? ? ? ? ? ? 
;chain 'C' and (resid 19 through 30 )
;
# 
loop_
_software.citation_id 
_software.classification 
_software.compiler_name 
_software.compiler_version 
_software.contact_author 
_software.contact_author_email 
_software.date 
_software.description 
_software.dependencies 
_software.hardware 
_software.language 
_software.location 
_software.mods 
_software.name 
_software.os 
_software.os_version 
_software.type 
_software.version 
_software.pdbx_ordinal 
? refinement       ? ? ? ? ? ? ? ? ? ? ? PHENIX   ? ? ? '(1.11.1_2575: ???)' 1 
? 'data reduction' ? ? ? ? ? ? ? ? ? ? ? HKL-3000 ? ? ? .                    2 
? 'data scaling'   ? ? ? ? ? ? ? ? ? ? ? HKL-3000 ? ? ? .                    3 
? phasing          ? ? ? ? ? ? ? ? ? ? ? PHASER   ? ? ? .                    4 
# 
loop_
_pdbx_validate_close_contact.id 
_pdbx_validate_close_contact.PDB_model_num 
_pdbx_validate_close_contact.auth_atom_id_1 
_pdbx_validate_close_contact.auth_asym_id_1 
_pdbx_validate_close_contact.auth_comp_id_1 
_pdbx_validate_close_contact.auth_seq_id_1 
_pdbx_validate_close_contact.PDB_ins_code_1 
_pdbx_validate_close_contact.label_alt_id_1 
_pdbx_validate_close_contact.auth_atom_id_2 
_pdbx_validate_close_contact.auth_asym_id_2 
_pdbx_validate_close_contact.auth_comp_id_2 
_pdbx_validate_close_contact.auth_seq_id_2 
_pdbx_validate_close_contact.PDB_ins_code_2 
_pdbx_validate_close_contact.label_alt_id_2 
_pdbx_validate_close_contact.dist 
1 1 O B HOH 151 ? ? O B HOH 152 ? ? 2.02 
2 1 O C HOH 142 ? ? O C HOH 151 ? ? 2.04 
3 1 O C HOH 120 ? ? O C HOH 132 ? ? 2.07 
4 1 O B HOH 123 ? ? O B HOH 144 ? ? 2.09 
5 1 O C HOH 113 ? ? O C HOH 117 ? ? 2.15 
6 1 O B HOH 113 ? ? O B HOH 129 ? ? 2.19 
# 
loop_
_pdbx_validate_symm_contact.id 
_pdbx_validate_symm_contact.PDB_model_num 
_pdbx_validate_symm_contact.auth_atom_id_1 
_pdbx_validate_symm_contact.auth_asym_id_1 
_pdbx_validate_symm_contact.auth_comp_id_1 
_pdbx_validate_symm_contact.auth_seq_id_1 
_pdbx_validate_symm_contact.PDB_ins_code_1 
_pdbx_validate_symm_contact.label_alt_id_1 
_pdbx_validate_symm_contact.site_symmetry_1 
_pdbx_validate_symm_contact.auth_atom_id_2 
_pdbx_validate_symm_contact.auth_asym_id_2 
_pdbx_validate_symm_contact.auth_comp_id_2 
_pdbx_validate_symm_contact.auth_seq_id_2 
_pdbx_validate_symm_contact.PDB_ins_code_2 
_pdbx_validate_symm_contact.label_alt_id_2 
_pdbx_validate_symm_contact.site_symmetry_2 
_pdbx_validate_symm_contact.dist 
1 1 O A HOH 109 ? ? 1_555 O B HOH 147 ? ? 2_547 1.94 
2 1 O C HOH 112 ? ? 1_555 O C HOH 134 ? ? 2_547 2.05 
3 1 O A HOH 121 ? ? 1_555 O A HOH 135 ? ? 1_456 2.12 
4 1 O B HOH 144 ? ? 1_555 O C HOH 137 ? ? 2_449 2.15 
5 1 O A HOH 108 ? ? 1_555 O C HOH 152 ? ? 2_558 2.17 
# 
loop_
_pdbx_distant_solvent_atoms.id 
_pdbx_distant_solvent_atoms.PDB_model_num 
_pdbx_distant_solvent_atoms.auth_atom_id 
_pdbx_distant_solvent_atoms.label_alt_id 
_pdbx_distant_solvent_atoms.auth_asym_id 
_pdbx_distant_solvent_atoms.auth_comp_id 
_pdbx_distant_solvent_atoms.auth_seq_id 
_pdbx_distant_solvent_atoms.PDB_ins_code 
_pdbx_distant_solvent_atoms.neighbor_macromolecule_distance 
_pdbx_distant_solvent_atoms.neighbor_ligand_distance 
1 1 O ? A HOH 139 ? 6.40 . 
2 1 O ? B HOH 152 ? 7.13 . 
3 1 O ? C HOH 152 ? 5.98 . 
4 1 O ? C HOH 153 ? 6.35 . 
# 
loop_
_pdbx_unobs_or_zero_occ_atoms.id 
_pdbx_unobs_or_zero_occ_atoms.PDB_model_num 
_pdbx_unobs_or_zero_occ_atoms.polymer_flag 
_pdbx_unobs_or_zero_occ_atoms.occupancy_flag 
_pdbx_unobs_or_zero_occ_atoms.auth_asym_id 
_pdbx_unobs_or_zero_occ_atoms.auth_comp_id 
_pdbx_unobs_or_zero_occ_atoms.auth_seq_id 
_pdbx_unobs_or_zero_occ_atoms.PDB_ins_code 
_pdbx_unobs_or_zero_occ_atoms.auth_atom_id 
_pdbx_unobs_or_zero_occ_atoms.label_alt_id 
_pdbx_unobs_or_zero_occ_atoms.label_asym_id 
_pdbx_unobs_or_zero_occ_atoms.label_comp_id 
_pdbx_unobs_or_zero_occ_atoms.label_seq_id 
_pdbx_unobs_or_zero_occ_atoms.label_atom_id 
1  1 Y 0 A PRO 1  ? N   ? A PRO 1  N   
2  1 Y 0 A PRO 1  ? CB  ? A PRO 1  CB  
3  1 Y 0 A PRO 1  ? CG  ? A PRO 1  CG  
4  1 Y 0 A PRO 1  ? CD  ? A PRO 1  CD  
5  1 Y 0 A GLU 19 ? CD  ? A GLU 19 CD  
6  1 Y 0 B GLU 19 ? OE1 ? B GLU 19 OE1 
7  1 Y 0 B ARG 20 ? NH2 ? B ARG 20 NH2 
8  1 Y 0 B GLY 30 ? C   ? B GLY 30 C   
9  1 Y 0 C PRO 1  ? CG  ? C PRO 1  CG  
10 1 Y 0 C GLY 30 ? C   ? C GLY 30 C   
# 
_pdbx_unobs_or_zero_occ_residues.id               1 
_pdbx_unobs_or_zero_occ_residues.PDB_model_num    1 
_pdbx_unobs_or_zero_occ_residues.polymer_flag     Y 
_pdbx_unobs_or_zero_occ_residues.occupancy_flag   1 
_pdbx_unobs_or_zero_occ_residues.auth_asym_id     A 
_pdbx_unobs_or_zero_occ_residues.auth_comp_id     GLY 
_pdbx_unobs_or_zero_occ_residues.auth_seq_id      30 
_pdbx_unobs_or_zero_occ_residues.PDB_ins_code     ? 
_pdbx_unobs_or_zero_occ_residues.label_asym_id    A 
_pdbx_unobs_or_zero_occ_residues.label_comp_id    GLY 
_pdbx_unobs_or_zero_occ_residues.label_seq_id     30 
# 
loop_
_chem_comp_atom.comp_id 
_chem_comp_atom.atom_id 
_chem_comp_atom.type_symbol 
_chem_comp_atom.pdbx_aromatic_flag 
_chem_comp_atom.pdbx_stereo_config 
_chem_comp_atom.pdbx_ordinal 
ALA N    N N N 1   
ALA CA   C N S 2   
ALA C    C N N 3   
ALA O    O N N 4   
ALA CB   C N N 5   
ALA OXT  O N N 6   
ALA H    H N N 7   
ALA H2   H N N 8   
ALA HA   H N N 9   
ALA HB1  H N N 10  
ALA HB2  H N N 11  
ALA HB3  H N N 12  
ALA HXT  H N N 13  
ARG N    N N N 14  
ARG CA   C N S 15  
ARG C    C N N 16  
ARG O    O N N 17  
ARG CB   C N N 18  
ARG CG   C N N 19  
ARG CD   C N N 20  
ARG NE   N N N 21  
ARG CZ   C N N 22  
ARG NH1  N N N 23  
ARG NH2  N N N 24  
ARG OXT  O N N 25  
ARG H    H N N 26  
ARG H2   H N N 27  
ARG HA   H N N 28  
ARG HB2  H N N 29  
ARG HB3  H N N 30  
ARG HG2  H N N 31  
ARG HG3  H N N 32  
ARG HD2  H N N 33  
ARG HD3  H N N 34  
ARG HE   H N N 35  
ARG HH11 H N N 36  
ARG HH12 H N N 37  
ARG HH21 H N N 38  
ARG HH22 H N N 39  
ARG HXT  H N N 40  
GLU N    N N N 41  
GLU CA   C N S 42  
GLU C    C N N 43  
GLU O    O N N 44  
GLU CB   C N N 45  
GLU CG   C N N 46  
GLU CD   C N N 47  
GLU OE1  O N N 48  
GLU OE2  O N N 49  
GLU OXT  O N N 50  
GLU H    H N N 51  
GLU H2   H N N 52  
GLU HA   H N N 53  
GLU HB2  H N N 54  
GLU HB3  H N N 55  
GLU HG2  H N N 56  
GLU HG3  H N N 57  
GLU HE2  H N N 58  
GLU HXT  H N N 59  
GLY N    N N N 60  
GLY CA   C N N 61  
GLY C    C N N 62  
GLY O    O N N 63  
GLY OXT  O N N 64  
GLY H    H N N 65  
GLY H2   H N N 66  
GLY HA2  H N N 67  
GLY HA3  H N N 68  
GLY HXT  H N N 69  
HOH O    O N N 70  
HOH H1   H N N 71  
HOH H2   H N N 72  
HYP N    N N N 73  
HYP CA   C N S 74  
HYP C    C N N 75  
HYP O    O N N 76  
HYP CB   C N N 77  
HYP CG   C N R 78  
HYP CD   C N N 79  
HYP OD1  O N N 80  
HYP OXT  O N N 81  
HYP H    H N N 82  
HYP HA   H N N 83  
HYP HB2  H N N 84  
HYP HB3  H N N 85  
HYP HG   H N N 86  
HYP HD22 H N N 87  
HYP HD23 H N N 88  
HYP HD1  H N N 89  
HYP HXT  H N N 90  
ILE N    N N N 91  
ILE CA   C N S 92  
ILE C    C N N 93  
ILE O    O N N 94  
ILE CB   C N S 95  
ILE CG1  C N N 96  
ILE CG2  C N N 97  
ILE CD1  C N N 98  
ILE OXT  O N N 99  
ILE H    H N N 100 
ILE H2   H N N 101 
ILE HA   H N N 102 
ILE HB   H N N 103 
ILE HG12 H N N 104 
ILE HG13 H N N 105 
ILE HG21 H N N 106 
ILE HG22 H N N 107 
ILE HG23 H N N 108 
ILE HD11 H N N 109 
ILE HD12 H N N 110 
ILE HD13 H N N 111 
ILE HXT  H N N 112 
LYS N    N N N 113 
LYS CA   C N S 114 
LYS C    C N N 115 
LYS O    O N N 116 
LYS CB   C N N 117 
LYS CG   C N N 118 
LYS CD   C N N 119 
LYS CE   C N N 120 
LYS NZ   N N N 121 
LYS OXT  O N N 122 
LYS H    H N N 123 
LYS H2   H N N 124 
LYS HA   H N N 125 
LYS HB2  H N N 126 
LYS HB3  H N N 127 
LYS HG2  H N N 128 
LYS HG3  H N N 129 
LYS HD2  H N N 130 
LYS HD3  H N N 131 
LYS HE2  H N N 132 
LYS HE3  H N N 133 
LYS HZ1  H N N 134 
LYS HZ2  H N N 135 
LYS HZ3  H N N 136 
LYS HXT  H N N 137 
PRO N    N N N 138 
PRO CA   C N S 139 
PRO C    C N N 140 
PRO O    O N N 141 
PRO CB   C N N 142 
PRO CG   C N N 143 
PRO CD   C N N 144 
PRO OXT  O N N 145 
PRO H    H N N 146 
PRO HA   H N N 147 
PRO HB2  H N N 148 
PRO HB3  H N N 149 
PRO HG2  H N N 150 
PRO HG3  H N N 151 
PRO HD2  H N N 152 
PRO HD3  H N N 153 
PRO HXT  H N N 154 
# 
loop_
_chem_comp_bond.comp_id 
_chem_comp_bond.atom_id_1 
_chem_comp_bond.atom_id_2 
_chem_comp_bond.value_order 
_chem_comp_bond.pdbx_aromatic_flag 
_chem_comp_bond.pdbx_stereo_config 
_chem_comp_bond.pdbx_ordinal 
ALA N   CA   sing N N 1   
ALA N   H    sing N N 2   
ALA N   H2   sing N N 3   
ALA CA  C    sing N N 4   
ALA CA  CB   sing N N 5   
ALA CA  HA   sing N N 6   
ALA C   O    doub N N 7   
ALA C   OXT  sing N N 8   
ALA CB  HB1  sing N N 9   
ALA CB  HB2  sing N N 10  
ALA CB  HB3  sing N N 11  
ALA OXT HXT  sing N N 12  
ARG N   CA   sing N N 13  
ARG N   H    sing N N 14  
ARG N   H2   sing N N 15  
ARG CA  C    sing N N 16  
ARG CA  CB   sing N N 17  
ARG CA  HA   sing N N 18  
ARG C   O    doub N N 19  
ARG C   OXT  sing N N 20  
ARG CB  CG   sing N N 21  
ARG CB  HB2  sing N N 22  
ARG CB  HB3  sing N N 23  
ARG CG  CD   sing N N 24  
ARG CG  HG2  sing N N 25  
ARG CG  HG3  sing N N 26  
ARG CD  NE   sing N N 27  
ARG CD  HD2  sing N N 28  
ARG CD  HD3  sing N N 29  
ARG NE  CZ   sing N N 30  
ARG NE  HE   sing N N 31  
ARG CZ  NH1  sing N N 32  
ARG CZ  NH2  doub N N 33  
ARG NH1 HH11 sing N N 34  
ARG NH1 HH12 sing N N 35  
ARG NH2 HH21 sing N N 36  
ARG NH2 HH22 sing N N 37  
ARG OXT HXT  sing N N 38  
GLU N   CA   sing N N 39  
GLU N   H    sing N N 40  
GLU N   H2   sing N N 41  
GLU CA  C    sing N N 42  
GLU CA  CB   sing N N 43  
GLU CA  HA   sing N N 44  
GLU C   O    doub N N 45  
GLU C   OXT  sing N N 46  
GLU CB  CG   sing N N 47  
GLU CB  HB2  sing N N 48  
GLU CB  HB3  sing N N 49  
GLU CG  CD   sing N N 50  
GLU CG  HG2  sing N N 51  
GLU CG  HG3  sing N N 52  
GLU CD  OE1  doub N N 53  
GLU CD  OE2  sing N N 54  
GLU OE2 HE2  sing N N 55  
GLU OXT HXT  sing N N 56  
GLY N   CA   sing N N 57  
GLY N   H    sing N N 58  
GLY N   H2   sing N N 59  
GLY CA  C    sing N N 60  
GLY CA  HA2  sing N N 61  
GLY CA  HA3  sing N N 62  
GLY C   O    doub N N 63  
GLY C   OXT  sing N N 64  
GLY OXT HXT  sing N N 65  
HOH O   H1   sing N N 66  
HOH O   H2   sing N N 67  
HYP N   CA   sing N N 68  
HYP N   CD   sing N N 69  
HYP N   H    sing N N 70  
HYP CA  C    sing N N 71  
HYP CA  CB   sing N N 72  
HYP CA  HA   sing N N 73  
HYP C   O    doub N N 74  
HYP C   OXT  sing N N 75  
HYP CB  CG   sing N N 76  
HYP CB  HB2  sing N N 77  
HYP CB  HB3  sing N N 78  
HYP CG  CD   sing N N 79  
HYP CG  OD1  sing N N 80  
HYP CG  HG   sing N N 81  
HYP CD  HD22 sing N N 82  
HYP CD  HD23 sing N N 83  
HYP OD1 HD1  sing N N 84  
HYP OXT HXT  sing N N 85  
ILE N   CA   sing N N 86  
ILE N   H    sing N N 87  
ILE N   H2   sing N N 88  
ILE CA  C    sing N N 89  
ILE CA  CB   sing N N 90  
ILE CA  HA   sing N N 91  
ILE C   O    doub N N 92  
ILE C   OXT  sing N N 93  
ILE CB  CG1  sing N N 94  
ILE CB  CG2  sing N N 95  
ILE CB  HB   sing N N 96  
ILE CG1 CD1  sing N N 97  
ILE CG1 HG12 sing N N 98  
ILE CG1 HG13 sing N N 99  
ILE CG2 HG21 sing N N 100 
ILE CG2 HG22 sing N N 101 
ILE CG2 HG23 sing N N 102 
ILE CD1 HD11 sing N N 103 
ILE CD1 HD12 sing N N 104 
ILE CD1 HD13 sing N N 105 
ILE OXT HXT  sing N N 106 
LYS N   CA   sing N N 107 
LYS N   H    sing N N 108 
LYS N   H2   sing N N 109 
LYS CA  C    sing N N 110 
LYS CA  CB   sing N N 111 
LYS CA  HA   sing N N 112 
LYS C   O    doub N N 113 
LYS C   OXT  sing N N 114 
LYS CB  CG   sing N N 115 
LYS CB  HB2  sing N N 116 
LYS CB  HB3  sing N N 117 
LYS CG  CD   sing N N 118 
LYS CG  HG2  sing N N 119 
LYS CG  HG3  sing N N 120 
LYS CD  CE   sing N N 121 
LYS CD  HD2  sing N N 122 
LYS CD  HD3  sing N N 123 
LYS CE  NZ   sing N N 124 
LYS CE  HE2  sing N N 125 
LYS CE  HE3  sing N N 126 
LYS NZ  HZ1  sing N N 127 
LYS NZ  HZ2  sing N N 128 
LYS NZ  HZ3  sing N N 129 
LYS OXT HXT  sing N N 130 
PRO N   CA   sing N N 131 
PRO N   CD   sing N N 132 
PRO N   H    sing N N 133 
PRO CA  C    sing N N 134 
PRO CA  CB   sing N N 135 
PRO CA  HA   sing N N 136 
PRO C   O    doub N N 137 
PRO C   OXT  sing N N 138 
PRO CB  CG   sing N N 139 
PRO CB  HB2  sing N N 140 
PRO CB  HB3  sing N N 141 
PRO CG  CD   sing N N 142 
PRO CG  HG2  sing N N 143 
PRO CG  HG3  sing N N 144 
PRO CD  HD2  sing N N 145 
PRO CD  HD3  sing N N 146 
PRO OXT HXT  sing N N 147 
# 
_pdbx_entity_nonpoly.entity_id   2 
_pdbx_entity_nonpoly.name        water 
_pdbx_entity_nonpoly.comp_id     HOH 
# 
_pdbx_initial_refinement_model.id               1 
_pdbx_initial_refinement_model.entity_id_list   ? 
_pdbx_initial_refinement_model.type             'experimental model' 
_pdbx_initial_refinement_model.source_name      PDB 
_pdbx_initial_refinement_model.accession_code   2WUH 
_pdbx_initial_refinement_model.details          ? 
# 
_pdbx_struct_assembly_auth_evidence.id                     1 
_pdbx_struct_assembly_auth_evidence.assembly_id            1 
_pdbx_struct_assembly_auth_evidence.experimental_support   none 
_pdbx_struct_assembly_auth_evidence.details                ? 
# 
